data_2OWM
#
_entry.id   2OWM
#
_cell.length_a   75.945
_cell.length_b   98.408
_cell.length_c   111.764
_cell.angle_alpha   90.000
_cell.angle_beta   91.860
_cell.angle_gamma   90.000
#
_symmetry.space_group_name_H-M   'P 1 21 1'
#
loop_
_entity.id
_entity.type
_entity.pdbx_description
1 polymer 'Related to KINESIN-LIKE PROTEIN KIF1C'
2 non-polymer 'MAGNESIUM ION'
3 non-polymer "ADENOSINE-5'-DIPHOSPHATE"
#
_entity_poly.entity_id   1
_entity_poly.type   'polypeptide(L)'
_entity_poly.pdbx_seq_one_letter_code
;MPNSLDVHQRQTRSNVSTPTLRPRDDTASSFVSKDPGANVRVVVRVRAFLPRELERNAECIVEMDPATERTSLLVPQETD
FADARGARSRRVLEEKSFTFDKSFWSHNTEDEHYATQEHVYDSLGEEFLDHNFEGYHTCIFAYGQTGSGKSYTMMGTPDQ
PGLIPRTCEDLFQRIASAQDETPNISYNVKVSYFEVYNEHVRDLLAPVVPNKPPYYLKVRESPTEGPYVKDLTEVPVRGL
EEIIRWMRIGDGSRTVASTKMNDTSSRSHAVFTIMLKQIHHDLETDDTTERSSRIRLVDLAGSERAKSTEATGQRLREGS
NINKSLTTLGRVIAALADPKSSASRPSSPVKSGRGRTPGPANSVVPYRDSVLTWLLKDSLGGNSKTAMIACISPTDYDET
LSTLRYADQAKRIRTRAVVNQVDGVSAAERDAQIPSIVHRKCF
;
_entity_poly.pdbx_strand_id   A,B,C,D
#
loop_
_chem_comp.id
_chem_comp.type
_chem_comp.name
_chem_comp.formula
ADP non-polymer ADENOSINE-5'-DIPHOSPHATE 'C10 H15 N5 O10 P2'
MG non-polymer 'MAGNESIUM ION' 'Mg 2'
#
# COMPACT_ATOMS: atom_id res chain seq x y z
N LYS A 34 40.28 -62.33 19.94
CA LYS A 34 40.80 -63.55 19.19
C LYS A 34 40.72 -63.40 17.65
N ASP A 35 40.28 -62.23 17.19
CA ASP A 35 40.40 -61.80 15.80
C ASP A 35 40.55 -60.28 15.91
N PRO A 36 41.05 -59.59 14.84
CA PRO A 36 41.46 -58.20 15.06
C PRO A 36 40.42 -57.09 14.77
N GLY A 37 39.14 -57.43 14.61
CA GLY A 37 38.15 -56.43 14.18
C GLY A 37 37.71 -55.33 15.14
N ALA A 38 37.87 -54.07 14.74
CA ALA A 38 37.25 -52.96 15.50
C ALA A 38 35.72 -52.99 15.45
N ASN A 39 35.04 -52.82 16.58
CA ASN A 39 33.62 -52.51 16.49
C ASN A 39 33.33 -51.07 16.16
N VAL A 40 32.33 -50.86 15.33
CA VAL A 40 31.88 -49.50 15.07
C VAL A 40 31.48 -48.87 16.40
N ARG A 41 32.12 -47.76 16.73
CA ARG A 41 31.68 -46.98 17.88
C ARG A 41 30.37 -46.24 17.58
N VAL A 42 29.39 -46.39 18.48
CA VAL A 42 28.04 -45.87 18.32
C VAL A 42 27.76 -44.96 19.50
N VAL A 43 27.20 -43.79 19.22
CA VAL A 43 26.97 -42.82 20.24
C VAL A 43 25.68 -42.01 19.91
N VAL A 44 24.86 -41.68 20.91
CA VAL A 44 23.68 -40.86 20.60
C VAL A 44 23.68 -39.49 21.27
N ARG A 45 23.04 -38.51 20.63
CA ARG A 45 22.92 -37.21 21.20
C ARG A 45 21.53 -36.66 20.93
N VAL A 46 20.72 -36.56 22.01
CA VAL A 46 19.44 -35.89 22.01
C VAL A 46 19.63 -34.37 22.17
N ARG A 47 18.99 -33.60 21.28
CA ARG A 47 19.12 -32.14 21.39
C ARG A 47 18.03 -31.46 22.23
N ALA A 48 18.19 -30.16 22.45
CA ALA A 48 17.26 -29.36 23.23
C ALA A 48 16.00 -29.10 22.41
N PHE A 49 14.92 -28.70 23.07
CA PHE A 49 13.70 -28.40 22.35
C PHE A 49 13.96 -27.25 21.41
N LEU A 50 13.25 -27.23 20.29
CA LEU A 50 13.20 -26.08 19.38
C LEU A 50 12.07 -25.10 19.75
N PRO A 51 12.31 -23.81 19.56
CA PRO A 51 11.33 -22.78 19.84
C PRO A 51 9.95 -23.24 19.40
N ARG A 52 9.87 -23.79 18.19
CA ARG A 52 8.59 -24.31 17.66
C ARG A 52 7.90 -25.26 18.68
N GLU A 53 8.66 -26.21 19.16
CA GLU A 53 8.18 -27.23 20.09
C GLU A 53 7.99 -26.56 21.43
N LEU A 54 8.98 -25.76 21.79
CA LEU A 54 8.94 -25.04 23.05
C LEU A 54 7.57 -24.37 23.20
N GLU A 55 7.13 -23.75 22.11
CA GLU A 55 5.85 -23.05 22.04
C GLU A 55 4.73 -23.90 22.52
N ARG A 56 4.82 -25.20 22.27
CA ARG A 56 3.69 -26.12 22.38
C ARG A 56 3.55 -26.84 23.75
N ASN A 57 4.37 -26.41 24.72
CA ASN A 57 4.60 -27.19 25.95
C ASN A 57 4.88 -28.63 25.50
N ALA A 58 5.61 -28.74 24.37
CA ALA A 58 5.84 -30.01 23.67
C ALA A 58 6.49 -31.01 24.59
N GLU A 59 5.99 -32.24 24.54
CA GLU A 59 6.45 -33.28 25.46
C GLU A 59 7.90 -33.75 25.19
N CYS A 60 8.58 -34.20 26.24
CA CYS A 60 9.92 -34.79 26.04
C CYS A 60 9.96 -36.25 26.41
N ILE A 61 10.35 -37.08 25.45
CA ILE A 61 10.21 -38.51 25.56
C ILE A 61 11.53 -39.28 25.52
N VAL A 62 12.63 -38.60 25.77
CA VAL A 62 13.94 -39.26 25.82
C VAL A 62 14.58 -39.07 27.18
N GLU A 63 15.17 -40.12 27.73
CA GLU A 63 15.86 -39.97 28.99
C GLU A 63 17.21 -40.66 28.95
N MET A 64 18.25 -39.96 29.40
CA MET A 64 19.53 -40.59 29.44
C MET A 64 20.00 -40.65 30.87
N ASP A 65 20.51 -41.81 31.28
CA ASP A 65 21.16 -41.96 32.58
C ASP A 65 22.59 -41.39 32.58
N PRO A 66 22.91 -40.49 33.53
CA PRO A 66 24.31 -39.99 33.62
C PRO A 66 25.33 -41.16 33.67
N ALA A 67 25.20 -42.00 34.72
CA ALA A 67 26.00 -43.21 35.02
C ALA A 67 26.08 -44.25 33.90
N THR A 68 25.13 -45.19 33.84
CA THR A 68 25.09 -46.11 32.71
C THR A 68 24.99 -45.28 31.42
N GLU A 69 25.46 -45.83 30.31
CA GLU A 69 25.45 -45.02 29.14
C GLU A 69 24.15 -45.30 28.37
N ARG A 70 23.04 -45.17 29.07
CA ARG A 70 21.77 -45.68 28.57
C ARG A 70 20.86 -44.59 28.05
N THR A 71 20.14 -44.92 26.99
CA THR A 71 19.12 -44.03 26.46
C THR A 71 17.75 -44.74 26.47
N SER A 72 16.74 -44.04 26.98
CA SER A 72 15.43 -44.63 27.10
C SER A 72 14.44 -43.79 26.30
N LEU A 73 13.69 -44.48 25.42
CA LEU A 73 12.59 -43.89 24.71
C LEU A 73 11.29 -44.15 25.48
N LEU A 74 10.73 -43.07 26.01
CA LEU A 74 9.58 -43.10 26.90
C LEU A 74 8.26 -43.14 26.16
N VAL A 75 7.16 -43.30 26.87
CA VAL A 75 5.84 -43.37 26.26
C VAL A 75 5.08 -42.06 26.52
N PRO A 76 4.72 -41.32 25.47
CA PRO A 76 4.08 -40.00 25.66
C PRO A 76 2.76 -40.07 26.42
N GLN A 77 2.49 -39.06 27.24
CA GLN A 77 1.25 -39.00 27.97
C GLN A 77 0.22 -38.21 27.14
N LEU A 93 3.66 -46.69 21.87
CA LEU A 93 2.95 -47.81 22.45
C LEU A 93 3.79 -48.53 23.52
N GLU A 94 5.07 -48.17 23.67
CA GLU A 94 5.96 -48.84 24.68
C GLU A 94 7.30 -48.19 25.05
N GLU A 95 7.89 -48.61 26.16
CA GLU A 95 9.16 -48.03 26.61
C GLU A 95 10.36 -48.86 26.18
N LYS A 96 11.37 -48.25 25.61
CA LYS A 96 12.53 -49.02 25.15
C LYS A 96 13.86 -48.51 25.71
N SER A 97 14.72 -49.40 26.19
CA SER A 97 16.05 -48.98 26.68
C SER A 97 17.13 -49.36 25.68
N PHE A 98 18.23 -48.64 25.63
CA PHE A 98 19.33 -49.05 24.79
C PHE A 98 20.60 -48.64 25.48
N THR A 99 21.71 -49.29 25.20
CA THR A 99 22.98 -48.82 25.74
C THR A 99 23.88 -48.46 24.60
N PHE A 100 24.67 -47.41 24.76
CA PHE A 100 25.59 -47.02 23.70
C PHE A 100 26.91 -46.69 24.27
N ASP A 101 27.87 -46.44 23.39
CA ASP A 101 29.22 -46.23 23.85
C ASP A 101 29.23 -44.91 24.58
N LYS A 102 28.42 -43.97 24.10
CA LYS A 102 28.02 -42.83 24.95
C LYS A 102 26.60 -42.43 24.66
N SER A 103 25.86 -41.96 25.67
CA SER A 103 24.55 -41.40 25.41
C SER A 103 24.58 -39.95 25.75
N PHE A 104 24.67 -39.07 24.77
CA PHE A 104 24.95 -37.66 25.08
C PHE A 104 23.67 -36.89 25.32
N TRP A 105 23.54 -36.36 26.53
CA TRP A 105 22.35 -35.57 26.91
C TRP A 105 22.63 -34.11 26.65
N SER A 106 22.21 -33.62 25.49
CA SER A 106 22.39 -32.24 25.14
C SER A 106 21.05 -31.51 25.06
N HIS A 107 20.11 -31.97 25.87
CA HIS A 107 18.74 -31.52 25.86
C HIS A 107 18.40 -30.42 26.83
N ASN A 108 19.00 -30.40 28.01
CA ASN A 108 18.79 -29.25 28.89
C ASN A 108 20.02 -28.65 29.55
N THR A 109 20.33 -27.41 29.20
CA THR A 109 21.48 -26.70 29.75
C THR A 109 21.76 -26.90 31.24
N GLU A 110 20.75 -26.67 32.07
CA GLU A 110 20.92 -26.64 33.52
C GLU A 110 20.99 -28.04 34.17
N ASP A 111 20.96 -29.10 33.36
CA ASP A 111 21.08 -30.45 33.86
C ASP A 111 22.49 -30.78 34.21
N GLU A 112 22.66 -31.65 35.22
CA GLU A 112 23.98 -31.98 35.80
C GLU A 112 24.86 -32.73 34.79
N HIS A 113 24.22 -33.49 33.94
CA HIS A 113 24.91 -34.32 33.01
C HIS A 113 24.78 -33.79 31.56
N TYR A 114 24.65 -32.48 31.42
CA TYR A 114 24.53 -31.88 30.10
C TYR A 114 25.78 -32.13 29.25
N ALA A 115 25.63 -32.35 27.96
CA ALA A 115 26.82 -32.58 27.14
C ALA A 115 27.09 -31.46 26.15
N THR A 116 28.07 -30.61 26.45
CA THR A 116 28.40 -29.55 25.51
C THR A 116 29.08 -30.07 24.26
N GLN A 117 29.13 -29.22 23.24
CA GLN A 117 29.91 -29.48 22.04
C GLN A 117 31.33 -29.86 22.42
N GLU A 118 31.95 -29.09 23.30
CA GLU A 118 33.32 -29.40 23.72
C GLU A 118 33.39 -30.77 24.33
N HIS A 119 32.34 -31.14 25.06
CA HIS A 119 32.35 -32.37 25.78
C HIS A 119 32.16 -33.53 24.83
N VAL A 120 31.44 -33.27 23.74
CA VAL A 120 31.24 -34.30 22.73
C VAL A 120 32.58 -34.53 22.05
N TYR A 121 33.26 -33.46 21.67
CA TYR A 121 34.57 -33.64 21.06
C TYR A 121 35.42 -34.42 22.05
N ASP A 122 35.50 -33.93 23.28
CA ASP A 122 36.44 -34.49 24.22
C ASP A 122 36.29 -35.95 24.39
N SER A 123 35.09 -36.46 24.13
CA SER A 123 34.85 -37.90 24.23
C SER A 123 35.27 -38.52 22.95
N LEU A 124 34.36 -38.47 21.99
CA LEU A 124 34.60 -38.99 20.65
C LEU A 124 35.71 -38.33 19.84
N GLY A 125 35.61 -37.06 19.55
CA GLY A 125 36.44 -36.49 18.52
C GLY A 125 37.93 -36.70 18.70
N GLU A 126 38.38 -36.48 19.92
CA GLU A 126 39.79 -36.32 20.18
C GLU A 126 40.47 -37.65 20.00
N GLU A 127 39.95 -38.63 20.73
CA GLU A 127 40.38 -40.05 20.62
C GLU A 127 40.52 -40.54 19.18
N PHE A 128 39.51 -40.28 18.35
CA PHE A 128 39.62 -40.56 16.95
C PHE A 128 40.77 -39.83 16.27
N LEU A 129 40.96 -38.53 16.58
CA LEU A 129 42.09 -37.75 16.05
C LEU A 129 43.38 -38.41 16.45
N ASP A 130 43.51 -38.87 17.69
CA ASP A 130 44.69 -39.65 18.09
C ASP A 130 44.94 -40.77 17.12
N HIS A 131 43.90 -41.55 16.84
CA HIS A 131 44.05 -42.66 15.94
C HIS A 131 44.56 -42.22 14.58
N ASN A 132 44.08 -41.09 14.11
CA ASN A 132 44.52 -40.60 12.84
C ASN A 132 46.02 -40.38 12.88
N PHE A 133 46.53 -39.70 13.91
CA PHE A 133 47.95 -39.39 13.98
C PHE A 133 48.82 -40.59 14.17
N GLU A 134 48.23 -41.61 14.76
CA GLU A 134 48.87 -42.91 14.82
C GLU A 134 48.73 -43.70 13.50
N GLY A 135 48.19 -43.04 12.47
CA GLY A 135 48.10 -43.57 11.11
C GLY A 135 46.88 -44.41 10.75
N TYR A 136 45.79 -44.26 11.50
CA TYR A 136 44.57 -44.94 11.17
C TYR A 136 43.68 -44.07 10.28
N HIS A 137 42.89 -44.72 9.44
CA HIS A 137 41.83 -44.05 8.75
C HIS A 137 40.61 -43.97 9.64
N THR A 138 40.11 -42.77 9.79
CA THR A 138 39.06 -42.54 10.69
C THR A 138 37.83 -42.23 9.91
N CYS A 139 36.67 -42.40 10.54
CA CYS A 139 35.45 -41.94 9.93
C CYS A 139 34.27 -41.76 10.85
N ILE A 140 33.83 -40.53 11.05
CA ILE A 140 32.66 -40.27 11.90
C ILE A 140 31.44 -39.76 11.15
N PHE A 141 30.33 -40.49 11.19
CA PHE A 141 29.14 -39.97 10.52
C PHE A 141 27.93 -39.67 11.44
N ALA A 142 27.25 -38.56 11.16
CA ALA A 142 26.11 -38.15 11.95
C ALA A 142 24.96 -38.66 11.17
N TYR A 143 24.03 -39.31 11.86
CA TYR A 143 22.84 -39.92 11.28
C TYR A 143 21.66 -39.55 12.16
N GLY A 144 20.48 -39.41 11.55
CA GLY A 144 19.23 -39.09 12.29
C GLY A 144 18.26 -38.24 11.49
N GLN A 145 17.04 -38.05 12.01
CA GLN A 145 16.06 -37.29 11.24
C GLN A 145 16.50 -35.89 11.02
N THR A 146 15.92 -35.26 9.99
CA THR A 146 16.16 -33.84 9.73
C THR A 146 15.81 -33.06 10.99
N GLY A 147 16.67 -32.13 11.37
CA GLY A 147 16.36 -31.29 12.50
C GLY A 147 16.75 -31.99 13.79
N SER A 148 17.33 -33.18 13.71
CA SER A 148 17.71 -33.86 14.96
C SER A 148 19.01 -33.32 15.51
N GLY A 149 19.80 -32.64 14.68
CA GLY A 149 21.04 -32.03 15.13
C GLY A 149 22.31 -32.60 14.53
N LYS A 150 22.19 -33.23 13.36
CA LYS A 150 23.35 -33.79 12.66
C LYS A 150 24.29 -32.66 12.36
N SER A 151 23.82 -31.66 11.61
CA SER A 151 24.65 -30.50 11.26
C SER A 151 25.23 -29.74 12.47
N TYR A 152 24.39 -29.54 13.50
CA TYR A 152 24.84 -28.92 14.73
C TYR A 152 25.96 -29.68 15.35
N THR A 153 25.81 -30.99 15.43
CA THR A 153 26.87 -31.81 15.97
C THR A 153 28.21 -31.74 15.18
N MET A 154 28.13 -31.99 13.86
CA MET A 154 29.30 -32.11 13.01
C MET A 154 30.02 -30.77 12.85
N MET A 155 29.21 -29.72 12.69
CA MET A 155 29.71 -28.45 12.27
C MET A 155 29.43 -27.40 13.29
N GLY A 156 28.25 -27.36 13.88
CA GLY A 156 28.07 -26.53 15.08
C GLY A 156 27.93 -25.14 14.57
N THR A 157 28.41 -24.13 15.27
CA THR A 157 28.11 -22.73 14.97
C THR A 157 29.35 -21.94 15.07
N PRO A 158 29.33 -20.67 14.60
CA PRO A 158 30.54 -19.88 14.75
C PRO A 158 30.85 -19.82 16.24
N ASP A 159 29.87 -19.59 17.08
CA ASP A 159 30.30 -19.66 18.44
C ASP A 159 29.71 -20.84 19.14
N GLN A 160 29.48 -21.89 18.40
CA GLN A 160 29.05 -23.14 19.00
C GLN A 160 29.68 -24.33 18.30
N PRO A 161 30.99 -24.23 18.01
CA PRO A 161 31.65 -25.05 17.02
C PRO A 161 31.58 -26.55 17.31
N GLY A 162 31.27 -27.31 16.28
CA GLY A 162 31.07 -28.74 16.42
C GLY A 162 32.28 -29.57 16.03
N LEU A 163 32.10 -30.89 16.07
CA LEU A 163 33.14 -31.87 15.72
C LEU A 163 34.18 -31.45 14.71
N ILE A 164 33.75 -30.91 13.59
CA ILE A 164 34.69 -30.60 12.51
C ILE A 164 35.69 -29.51 12.88
N PRO A 165 35.23 -28.26 13.03
CA PRO A 165 36.23 -27.28 13.33
C PRO A 165 37.08 -27.69 14.53
N ARG A 166 36.44 -28.23 15.56
CA ARG A 166 37.12 -28.79 16.73
C ARG A 166 38.34 -29.66 16.38
N THR A 167 38.05 -30.65 15.54
CA THR A 167 39.05 -31.54 15.03
C THR A 167 40.13 -30.75 14.34
N CYS A 168 39.74 -29.92 13.39
CA CYS A 168 40.66 -29.04 12.66
C CYS A 168 41.52 -28.30 13.62
N GLU A 169 40.90 -27.55 14.53
CA GLU A 169 41.70 -26.87 15.51
C GLU A 169 42.69 -27.79 16.25
N ASP A 170 42.16 -28.91 16.74
CA ASP A 170 42.96 -29.86 17.50
C ASP A 170 44.18 -30.24 16.67
N LEU A 171 43.88 -30.70 15.46
CA LEU A 171 44.82 -31.19 14.51
C LEU A 171 45.93 -30.20 14.40
N PHE A 172 45.63 -29.00 13.97
CA PHE A 172 46.70 -28.08 13.72
C PHE A 172 47.56 -27.76 14.95
N GLN A 173 46.94 -27.68 16.12
CA GLN A 173 47.70 -27.45 17.36
C GLN A 173 48.74 -28.53 17.54
N ARG A 174 48.34 -29.78 17.31
CA ARG A 174 49.21 -30.94 17.40
C ARG A 174 50.35 -30.74 16.47
N ILE A 175 50.06 -30.44 15.22
CA ILE A 175 51.12 -30.26 14.23
C ILE A 175 52.09 -29.20 14.66
N ALA A 176 51.54 -28.09 15.14
CA ALA A 176 52.31 -26.93 15.56
C ALA A 176 53.20 -27.33 16.74
N SER A 177 52.59 -27.97 17.72
CA SER A 177 53.28 -28.45 18.91
C SER A 177 54.31 -29.52 18.62
N ALA A 178 54.02 -30.36 17.63
CA ALA A 178 54.95 -31.39 17.19
C ALA A 178 56.09 -30.84 16.33
N GLN A 179 56.27 -29.52 16.33
CA GLN A 179 57.44 -28.96 15.72
C GLN A 179 58.54 -29.39 16.63
N ASP A 180 58.85 -28.55 17.61
CA ASP A 180 60.05 -28.78 18.44
C ASP A 180 60.00 -29.97 19.43
N GLU A 181 58.87 -30.65 19.49
CA GLU A 181 58.85 -31.93 20.17
C GLU A 181 59.49 -32.99 19.29
N THR A 182 59.23 -32.94 17.98
CA THR A 182 59.70 -33.97 17.03
C THR A 182 60.18 -33.35 15.70
N PRO A 183 61.29 -32.60 15.73
CA PRO A 183 61.60 -31.87 14.52
C PRO A 183 61.95 -32.71 13.30
N ASN A 184 62.36 -33.96 13.43
CA ASN A 184 62.62 -34.73 12.19
C ASN A 184 61.32 -35.26 11.53
N ILE A 185 60.19 -35.05 12.21
CA ILE A 185 58.87 -35.41 11.70
C ILE A 185 58.12 -34.11 11.36
N SER A 186 57.21 -34.16 10.39
CA SER A 186 56.50 -32.95 9.92
C SER A 186 55.24 -33.36 9.21
N TYR A 187 54.30 -32.43 9.08
CA TYR A 187 53.03 -32.80 8.54
C TYR A 187 52.58 -32.02 7.34
N ASN A 188 51.52 -32.52 6.77
CA ASN A 188 51.12 -32.15 5.45
C ASN A 188 49.62 -32.42 5.29
N VAL A 189 48.82 -31.34 5.32
CA VAL A 189 47.35 -31.46 5.28
C VAL A 189 46.67 -31.01 3.97
N LYS A 190 45.84 -31.89 3.40
CA LYS A 190 44.96 -31.53 2.30
C LYS A 190 43.55 -31.84 2.77
N VAL A 191 42.63 -30.96 2.37
CA VAL A 191 41.22 -31.13 2.64
C VAL A 191 40.46 -31.23 1.33
N SER A 192 39.44 -32.08 1.31
CA SER A 192 38.55 -32.19 0.18
C SER A 192 37.14 -32.27 0.77
N TYR A 193 36.12 -32.02 -0.03
CA TYR A 193 34.76 -31.86 0.50
C TYR A 193 33.78 -32.05 -0.66
N PHE A 194 32.82 -32.93 -0.51
CA PHE A 194 31.88 -33.14 -1.60
C PHE A 194 30.57 -33.55 -0.98
N GLU A 195 29.47 -33.33 -1.69
CA GLU A 195 28.18 -33.82 -1.28
C GLU A 195 27.63 -34.73 -2.31
N VAL A 196 26.86 -35.70 -1.85
CA VAL A 196 26.03 -36.46 -2.76
C VAL A 196 24.57 -36.05 -2.58
N TYR A 197 23.85 -36.00 -3.69
CA TYR A 197 22.49 -35.52 -3.78
C TYR A 197 21.90 -36.10 -5.03
N ASN A 198 20.79 -36.82 -4.88
CA ASN A 198 20.16 -37.46 -6.05
C ASN A 198 21.06 -38.42 -6.81
N GLU A 199 21.86 -39.18 -6.05
CA GLU A 199 22.95 -39.97 -6.57
C GLU A 199 23.85 -39.14 -7.50
N HIS A 200 24.04 -37.86 -7.19
CA HIS A 200 25.05 -37.12 -7.89
C HIS A 200 26.12 -36.60 -6.97
N VAL A 201 27.37 -36.70 -7.39
CA VAL A 201 28.47 -36.19 -6.58
C VAL A 201 28.90 -34.83 -7.08
N ARG A 202 28.99 -33.84 -6.20
CA ARG A 202 29.58 -32.59 -6.66
C ARG A 202 30.67 -32.04 -5.75
N ASP A 203 31.67 -31.43 -6.36
CA ASP A 203 32.87 -31.03 -5.66
C ASP A 203 32.62 -29.72 -4.97
N LEU A 204 32.30 -29.75 -3.68
CA LEU A 204 31.98 -28.52 -2.97
C LEU A 204 33.06 -27.42 -2.96
N LEU A 205 34.30 -27.79 -3.24
CA LEU A 205 35.40 -26.83 -3.25
C LEU A 205 35.74 -26.31 -4.64
N ALA A 206 35.18 -26.96 -5.65
CA ALA A 206 35.39 -26.53 -7.02
C ALA A 206 34.83 -25.15 -7.13
N PRO A 207 35.48 -24.28 -7.96
CA PRO A 207 34.89 -22.97 -8.29
C PRO A 207 33.54 -23.14 -8.97
N VAL A 208 32.60 -22.24 -8.71
CA VAL A 208 31.30 -22.31 -9.38
C VAL A 208 31.04 -21.08 -10.28
N VAL A 209 30.39 -21.32 -11.40
CA VAL A 209 30.32 -20.32 -12.46
C VAL A 209 28.88 -20.08 -12.85
N PRO A 210 28.45 -18.82 -12.84
CA PRO A 210 27.17 -18.38 -13.32
C PRO A 210 26.73 -19.05 -14.63
N ASN A 211 25.48 -18.81 -15.04
CA ASN A 211 24.74 -19.61 -16.06
C ASN A 211 24.99 -21.10 -15.77
N LYS A 212 24.93 -21.46 -14.48
CA LYS A 212 25.45 -22.76 -13.95
C LYS A 212 24.91 -24.02 -14.66
N PRO A 213 25.79 -24.69 -15.43
CA PRO A 213 25.47 -26.10 -15.65
C PRO A 213 26.12 -26.94 -14.51
N PRO A 214 25.34 -27.34 -13.45
CA PRO A 214 25.92 -28.00 -12.27
C PRO A 214 26.71 -29.21 -12.76
N TYR A 215 27.90 -29.42 -12.21
CA TYR A 215 28.84 -30.34 -12.83
C TYR A 215 29.17 -31.50 -11.92
N TYR A 216 28.92 -32.72 -12.36
CA TYR A 216 29.09 -33.91 -11.49
C TYR A 216 30.39 -34.69 -11.72
N LEU A 217 31.06 -35.07 -10.62
CA LEU A 217 32.32 -35.83 -10.65
C LEU A 217 32.07 -37.34 -10.85
N LYS A 218 33.04 -38.09 -11.38
CA LYS A 218 32.90 -39.55 -11.51
C LYS A 218 33.38 -40.33 -10.25
N VAL A 219 32.76 -41.47 -9.97
CA VAL A 219 33.28 -42.34 -8.89
C VAL A 219 34.04 -43.60 -9.36
N ARG A 220 35.32 -43.71 -8.99
CA ARG A 220 36.16 -44.83 -9.49
C ARG A 220 36.99 -45.47 -8.39
N GLU A 221 37.76 -46.51 -8.75
CA GLU A 221 38.29 -47.44 -7.74
C GLU A 221 39.79 -47.80 -7.66
N SER A 222 40.47 -47.17 -6.70
CA SER A 222 41.81 -47.58 -6.23
C SER A 222 41.81 -49.05 -5.85
N PRO A 223 42.58 -49.84 -6.61
CA PRO A 223 42.62 -51.28 -6.37
C PRO A 223 43.18 -51.53 -4.99
N THR A 224 43.65 -50.45 -4.34
CA THR A 224 44.30 -50.53 -3.05
C THR A 224 43.69 -49.64 -1.97
N GLU A 225 43.34 -48.40 -2.32
CA GLU A 225 42.67 -47.47 -1.36
C GLU A 225 41.13 -47.26 -1.60
N GLY A 226 40.45 -48.33 -2.02
CA GLY A 226 38.98 -48.36 -2.14
C GLY A 226 38.38 -47.65 -3.35
N PRO A 227 37.09 -47.23 -3.25
CA PRO A 227 36.46 -46.22 -4.10
C PRO A 227 36.91 -44.83 -3.71
N TYR A 228 36.73 -43.88 -4.63
CA TYR A 228 37.05 -42.45 -4.45
C TYR A 228 36.40 -41.67 -5.59
N VAL A 229 36.40 -40.34 -5.50
CA VAL A 229 35.86 -39.48 -6.54
C VAL A 229 36.88 -38.98 -7.59
N LYS A 230 36.74 -39.39 -8.85
CA LYS A 230 37.70 -38.97 -9.90
C LYS A 230 37.72 -37.48 -10.06
N ASP A 231 38.75 -36.87 -9.50
CA ASP A 231 39.17 -35.51 -9.79
C ASP A 231 38.71 -34.51 -8.80
N LEU A 232 38.25 -34.97 -7.64
CA LEU A 232 37.80 -34.06 -6.60
C LEU A 232 38.92 -33.11 -6.17
N THR A 233 38.65 -31.82 -6.05
CA THR A 233 39.76 -30.95 -5.68
C THR A 233 40.17 -31.21 -4.24
N GLU A 234 41.45 -31.38 -4.03
CA GLU A 234 41.99 -31.50 -2.70
C GLU A 234 42.87 -30.31 -2.51
N VAL A 235 42.74 -29.62 -1.40
CA VAL A 235 43.41 -28.35 -1.28
C VAL A 235 44.39 -28.35 -0.15
N PRO A 236 45.70 -28.18 -0.46
CA PRO A 236 46.70 -28.12 0.60
C PRO A 236 46.38 -26.96 1.52
N VAL A 237 46.35 -27.24 2.82
CA VAL A 237 45.98 -26.27 3.86
C VAL A 237 47.07 -26.20 4.90
N ARG A 238 47.58 -24.98 5.08
CA ARG A 238 48.76 -24.73 5.88
C ARG A 238 48.45 -24.45 7.35
N GLY A 239 47.20 -24.10 7.67
CA GLY A 239 46.80 -23.77 9.04
C GLY A 239 45.30 -23.93 9.30
N LEU A 240 44.90 -23.71 10.56
CA LEU A 240 43.48 -23.71 10.95
C LEU A 240 42.81 -22.83 9.99
N GLU A 241 43.20 -21.58 10.06
CA GLU A 241 42.65 -20.52 9.27
C GLU A 241 42.38 -21.05 7.87
N GLU A 242 43.41 -21.54 7.21
CA GLU A 242 43.24 -21.97 5.86
C GLU A 242 42.22 -23.10 5.80
N ILE A 243 42.30 -24.07 6.67
CA ILE A 243 41.34 -25.15 6.59
C ILE A 243 39.93 -24.63 6.83
N ILE A 244 39.72 -23.87 7.88
CA ILE A 244 38.35 -23.57 8.20
C ILE A 244 37.82 -22.60 7.17
N ARG A 245 38.69 -22.01 6.35
CA ARG A 245 38.22 -21.24 5.20
C ARG A 245 37.56 -22.16 4.17
N TRP A 246 38.27 -23.22 3.78
CA TRP A 246 37.78 -24.09 2.72
C TRP A 246 36.61 -24.88 3.19
N MET A 247 36.51 -25.03 4.49
CA MET A 247 35.35 -25.58 5.08
C MET A 247 34.18 -24.68 4.74
N ARG A 248 34.31 -23.41 5.07
CA ARG A 248 33.25 -22.43 4.89
C ARG A 248 32.82 -22.28 3.46
N ILE A 249 33.81 -22.31 2.55
CA ILE A 249 33.55 -22.22 1.13
C ILE A 249 32.66 -23.37 0.70
N GLY A 250 33.19 -24.57 0.89
CA GLY A 250 32.54 -25.79 0.47
C GLY A 250 31.14 -25.80 1.02
N ASP A 251 31.02 -25.38 2.27
CA ASP A 251 29.75 -25.39 2.92
C ASP A 251 28.70 -24.60 2.19
N GLY A 252 28.99 -23.34 1.93
CA GLY A 252 28.02 -22.48 1.22
C GLY A 252 27.82 -22.86 -0.23
N SER A 253 28.36 -24.02 -0.60
CA SER A 253 28.19 -24.48 -1.93
C SER A 253 27.25 -25.64 -2.00
N ARG A 254 26.82 -26.14 -0.85
CA ARG A 254 25.87 -27.23 -0.81
C ARG A 254 24.54 -26.93 -1.45
N THR A 255 23.79 -27.99 -1.69
CA THR A 255 22.48 -27.83 -2.32
C THR A 255 21.55 -27.08 -1.37
N VAL A 256 20.85 -26.07 -1.91
CA VAL A 256 19.93 -25.26 -1.13
C VAL A 256 18.56 -25.93 -1.05
N ALA A 257 18.10 -26.21 0.18
CA ALA A 257 16.74 -26.74 0.41
C ALA A 257 15.65 -25.81 -0.13
N SER A 258 14.64 -26.35 -0.79
CA SER A 258 13.50 -25.52 -1.09
C SER A 258 12.33 -26.06 -0.33
N THR A 259 12.17 -25.59 0.90
CA THR A 259 11.27 -26.17 1.87
C THR A 259 11.41 -25.27 3.07
N LYS A 260 12.65 -24.98 3.49
CA LYS A 260 12.94 -23.78 4.31
C LYS A 260 13.17 -22.60 3.35
N MET A 261 13.30 -21.41 3.93
CA MET A 261 13.77 -20.19 3.21
C MET A 261 15.26 -20.31 2.87
N ASN A 262 16.02 -20.72 3.87
CA ASN A 262 17.42 -20.43 3.90
C ASN A 262 18.27 -21.59 4.45
N ASP A 263 18.28 -22.72 3.74
CA ASP A 263 18.94 -23.87 4.32
C ASP A 263 19.63 -24.72 3.28
N THR A 264 20.39 -25.69 3.78
CA THR A 264 20.94 -26.76 2.99
C THR A 264 19.93 -27.87 2.88
N SER A 265 19.90 -28.47 1.71
CA SER A 265 18.97 -29.53 1.41
C SER A 265 19.03 -30.64 2.43
N SER A 266 17.88 -30.91 3.03
CA SER A 266 17.74 -31.99 3.96
C SER A 266 18.01 -33.35 3.31
N ARG A 267 18.22 -33.41 1.99
CA ARG A 267 18.45 -34.71 1.33
C ARG A 267 19.79 -34.79 0.62
N SER A 268 20.74 -34.01 1.12
CA SER A 268 22.07 -33.97 0.58
C SER A 268 22.92 -34.59 1.65
N HIS A 269 23.79 -35.54 1.31
CA HIS A 269 24.81 -35.98 2.28
C HIS A 269 26.15 -35.27 2.01
N ALA A 270 26.89 -34.91 3.03
CA ALA A 270 28.12 -34.27 2.71
C ALA A 270 29.22 -34.92 3.44
N VAL A 271 30.33 -35.08 2.72
CA VAL A 271 31.52 -35.76 3.24
C VAL A 271 32.69 -34.76 3.23
N PHE A 272 33.13 -34.41 4.42
CA PHE A 272 34.29 -33.55 4.59
C PHE A 272 35.39 -34.46 4.95
N THR A 273 36.52 -34.33 4.28
CA THR A 273 37.60 -35.27 4.52
C THR A 273 38.94 -34.56 4.61
N ILE A 274 39.75 -34.93 5.60
CA ILE A 274 41.04 -34.29 5.82
C ILE A 274 42.02 -35.37 5.57
N MET A 275 42.80 -35.27 4.50
CA MET A 275 43.88 -36.23 4.37
C MET A 275 45.10 -35.63 5.02
N LEU A 276 45.74 -36.47 5.86
CA LEU A 276 46.84 -36.09 6.75
C LEU A 276 48.05 -36.97 6.51
N LYS A 277 49.11 -36.37 5.99
CA LYS A 277 50.33 -37.12 5.72
C LYS A 277 51.50 -36.70 6.60
N GLN A 278 52.12 -37.68 7.27
CA GLN A 278 53.17 -37.49 8.23
C GLN A 278 54.44 -37.91 7.55
N ILE A 279 55.40 -36.99 7.42
CA ILE A 279 56.68 -37.31 6.74
C ILE A 279 57.78 -37.41 7.79
N HIS A 280 58.65 -38.41 7.69
CA HIS A 280 59.72 -38.60 8.66
C HIS A 280 61.11 -38.41 8.05
N THR A 288 62.31 -38.58 3.71
CA THR A 288 62.71 -39.88 3.13
C THR A 288 61.54 -40.89 3.18
N THR A 289 60.77 -40.90 4.26
CA THR A 289 59.69 -41.87 4.45
C THR A 289 58.45 -41.19 5.00
N GLU A 290 57.29 -41.59 4.53
CA GLU A 290 56.02 -40.94 4.92
C GLU A 290 54.83 -41.88 4.84
N ARG A 291 53.77 -41.57 5.59
CA ARG A 291 52.54 -42.31 5.46
C ARG A 291 51.38 -41.42 5.82
N SER A 292 50.20 -41.72 5.30
CA SER A 292 49.12 -40.81 5.49
C SER A 292 47.85 -41.53 5.86
N SER A 293 47.13 -40.96 6.84
CA SER A 293 45.76 -41.32 7.23
C SER A 293 44.73 -40.29 6.71
N ARG A 294 43.46 -40.68 6.56
CA ARG A 294 42.43 -39.76 6.05
C ARG A 294 41.21 -39.66 7.00
N ILE A 295 40.87 -38.43 7.36
CA ILE A 295 39.80 -38.22 8.30
C ILE A 295 38.53 -37.96 7.52
N ARG A 296 37.56 -38.87 7.65
CA ARG A 296 36.28 -38.77 6.98
C ARG A 296 35.20 -38.35 7.96
N LEU A 297 34.56 -37.21 7.70
CA LEU A 297 33.61 -36.65 8.63
C LEU A 297 32.33 -36.39 7.86
N VAL A 298 31.23 -37.07 8.25
CA VAL A 298 30.03 -37.05 7.41
C VAL A 298 28.76 -36.50 8.04
N ASP A 299 28.09 -35.60 7.30
CA ASP A 299 26.80 -35.02 7.69
C ASP A 299 25.77 -35.58 6.72
N LEU A 300 25.14 -36.67 7.14
CA LEU A 300 24.20 -37.43 6.28
C LEU A 300 22.88 -36.74 6.04
N ALA A 301 22.21 -37.13 4.96
CA ALA A 301 20.86 -36.60 4.75
C ALA A 301 19.98 -37.10 5.85
N GLY A 302 19.07 -36.27 6.35
CA GLY A 302 18.04 -36.78 7.26
C GLY A 302 17.42 -38.15 6.89
N SER A 303 17.02 -38.89 7.93
CA SER A 303 16.52 -40.25 7.82
C SER A 303 14.98 -40.46 7.77
N GLU A 304 14.18 -39.40 7.75
CA GLU A 304 12.74 -39.54 7.96
C GLU A 304 12.01 -40.50 7.05
N ARG A 305 11.27 -41.43 7.68
CA ARG A 305 10.30 -42.34 6.99
C ARG A 305 9.76 -41.83 5.65
N SER A 320 19.95 -43.18 -10.75
CA SER A 320 19.86 -42.17 -9.72
C SER A 320 18.40 -41.96 -9.25
N ASN A 321 18.18 -42.08 -7.95
CA ASN A 321 16.92 -41.66 -7.36
C ASN A 321 17.16 -40.80 -6.10
N ILE A 322 16.38 -39.72 -5.96
CA ILE A 322 16.60 -38.81 -4.83
C ILE A 322 16.71 -39.49 -3.46
N ASN A 323 16.29 -40.76 -3.37
CA ASN A 323 16.49 -41.47 -2.09
C ASN A 323 17.58 -42.58 -1.89
N LYS A 324 17.60 -43.52 -2.83
CA LYS A 324 18.59 -44.62 -2.91
C LYS A 324 19.67 -44.63 -1.80
N SER A 325 20.47 -43.57 -1.78
CA SER A 325 21.63 -43.58 -0.94
C SER A 325 21.24 -43.84 0.50
N LEU A 326 20.49 -42.91 1.09
CA LEU A 326 20.19 -42.96 2.54
C LEU A 326 19.43 -44.24 2.94
N THR A 327 18.55 -44.67 2.06
CA THR A 327 17.86 -45.92 2.32
C THR A 327 18.76 -47.17 2.19
N THR A 328 19.55 -47.27 1.11
CA THR A 328 20.41 -48.43 1.00
C THR A 328 21.54 -48.43 2.01
N LEU A 329 21.83 -47.27 2.60
CA LEU A 329 22.75 -47.21 3.72
C LEU A 329 22.19 -48.04 4.86
N GLY A 330 20.96 -47.79 5.24
CA GLY A 330 20.29 -48.65 6.19
C GLY A 330 20.39 -50.14 5.86
N ARG A 331 20.13 -50.50 4.62
CA ARG A 331 20.33 -51.87 4.19
C ARG A 331 21.75 -52.38 4.46
N VAL A 332 22.75 -51.54 4.30
CA VAL A 332 24.11 -51.99 4.52
C VAL A 332 24.27 -52.32 5.99
N ILE A 333 24.06 -51.34 6.86
CA ILE A 333 24.26 -51.49 8.28
C ILE A 333 23.55 -52.75 8.73
N ALA A 334 22.36 -52.96 8.22
CA ALA A 334 21.61 -54.19 8.47
C ALA A 334 22.37 -55.44 8.08
N ALA A 335 23.02 -55.38 6.92
CA ALA A 335 23.77 -56.51 6.40
C ALA A 335 24.96 -56.81 7.30
N LEU A 336 25.63 -55.76 7.69
CA LEU A 336 26.82 -55.88 8.48
C LEU A 336 26.61 -56.28 9.94
N ALA A 337 25.39 -56.20 10.44
CA ALA A 337 25.20 -56.64 11.80
C ALA A 337 24.56 -58.01 11.77
N ASP A 338 23.21 -58.04 11.68
CA ASP A 338 22.36 -59.26 11.73
C ASP A 338 22.38 -60.03 10.44
N VAL A 364 25.67 -60.83 1.11
CA VAL A 364 26.35 -59.84 0.29
C VAL A 364 25.92 -58.48 0.69
N VAL A 365 26.87 -57.69 1.14
CA VAL A 365 26.63 -56.32 1.60
C VAL A 365 26.45 -55.43 0.38
N PRO A 366 25.31 -54.72 0.29
CA PRO A 366 24.96 -54.15 -1.00
C PRO A 366 25.64 -52.79 -1.21
N TYR A 367 26.94 -52.72 -1.00
CA TYR A 367 27.65 -51.44 -0.98
C TYR A 367 27.42 -50.61 -2.23
N ARG A 368 27.30 -51.30 -3.37
CA ARG A 368 27.31 -50.63 -4.66
C ARG A 368 25.93 -50.31 -5.17
N ASP A 369 24.89 -50.67 -4.43
CA ASP A 369 23.53 -50.30 -4.83
C ASP A 369 23.22 -48.80 -4.68
N SER A 370 24.22 -48.03 -4.28
CA SER A 370 24.10 -46.61 -4.07
C SER A 370 25.48 -45.98 -4.09
N VAL A 371 25.52 -44.70 -4.43
CA VAL A 371 26.78 -43.96 -4.55
C VAL A 371 27.38 -43.74 -3.19
N LEU A 372 26.54 -43.38 -2.23
CA LEU A 372 27.05 -43.01 -0.93
C LEU A 372 27.66 -44.20 -0.27
N THR A 373 26.92 -45.28 -0.25
CA THR A 373 27.37 -46.50 0.36
C THR A 373 28.60 -47.07 -0.38
N TRP A 374 28.68 -46.87 -1.68
CA TRP A 374 29.84 -47.31 -2.36
C TRP A 374 31.05 -46.50 -2.03
N LEU A 375 30.86 -45.24 -1.71
CA LEU A 375 32.02 -44.39 -1.49
C LEU A 375 32.45 -44.59 -0.10
N LEU A 376 31.51 -44.93 0.75
CA LEU A 376 31.83 -45.13 2.12
C LEU A 376 32.07 -46.60 2.41
N LYS A 377 32.04 -47.43 1.35
CA LYS A 377 32.22 -48.87 1.45
C LYS A 377 33.29 -49.15 2.46
N ASP A 378 34.40 -48.48 2.30
CA ASP A 378 35.52 -48.75 3.13
C ASP A 378 35.34 -48.33 4.59
N SER A 379 34.61 -47.24 4.80
CA SER A 379 34.44 -46.70 6.12
C SER A 379 33.45 -47.54 6.90
N LEU A 380 32.63 -48.30 6.21
CA LEU A 380 31.60 -49.03 6.89
C LEU A 380 32.02 -50.47 6.84
N GLY A 381 33.24 -50.80 7.18
CA GLY A 381 33.57 -52.23 7.11
C GLY A 381 34.89 -52.56 6.46
N GLY A 382 35.43 -51.59 5.71
CA GLY A 382 36.87 -51.57 5.36
C GLY A 382 37.82 -51.14 6.49
N ASN A 383 38.99 -50.63 6.08
CA ASN A 383 40.06 -50.30 7.01
C ASN A 383 39.80 -48.90 7.55
N SER A 384 38.96 -48.84 8.57
CA SER A 384 38.50 -47.57 9.12
C SER A 384 38.18 -47.74 10.61
N LYS A 385 38.72 -46.85 11.42
CA LYS A 385 38.17 -46.68 12.75
C LYS A 385 37.00 -45.72 12.57
N THR A 386 35.81 -46.20 12.92
CA THR A 386 34.56 -45.55 12.51
C THR A 386 33.51 -45.35 13.60
N ALA A 387 32.86 -44.20 13.58
CA ALA A 387 31.91 -43.85 14.63
C ALA A 387 30.63 -43.37 14.00
N MET A 388 29.52 -43.82 14.55
CA MET A 388 28.23 -43.31 14.15
C MET A 388 27.76 -42.46 15.27
N ILE A 389 27.27 -41.26 14.97
CA ILE A 389 26.55 -40.44 15.96
C ILE A 389 25.07 -40.31 15.66
N ALA A 390 24.24 -41.15 16.27
CA ALA A 390 22.83 -41.04 16.10
C ALA A 390 22.36 -39.79 16.79
N CYS A 391 21.77 -38.88 16.01
CA CYS A 391 21.15 -37.72 16.59
C CYS A 391 19.66 -37.95 16.72
N ILE A 392 19.10 -37.63 17.87
CA ILE A 392 17.67 -37.82 18.05
C ILE A 392 16.89 -36.56 18.53
N SER A 393 15.64 -36.40 18.07
CA SER A 393 14.81 -35.29 18.54
C SER A 393 14.14 -35.75 19.81
N PRO A 394 14.05 -34.86 20.81
CA PRO A 394 13.46 -35.23 22.12
C PRO A 394 11.95 -35.39 22.06
N THR A 395 11.34 -35.09 20.92
CA THR A 395 9.89 -35.13 20.83
C THR A 395 9.36 -36.19 19.87
N ASP A 396 10.17 -36.61 18.91
CA ASP A 396 9.64 -37.43 17.83
C ASP A 396 9.78 -38.91 18.12
N TYR A 397 8.66 -39.56 18.37
CA TYR A 397 8.72 -40.94 18.82
C TYR A 397 9.18 -41.96 17.82
N ASP A 398 8.47 -42.11 16.71
CA ASP A 398 8.86 -43.18 15.79
C ASP A 398 10.16 -42.87 15.12
N GLU A 399 10.31 -41.63 14.69
CA GLU A 399 11.56 -41.25 14.09
C GLU A 399 12.77 -41.52 14.97
N THR A 400 12.63 -41.35 16.29
CA THR A 400 13.72 -41.56 17.18
C THR A 400 13.89 -43.03 17.38
N LEU A 401 12.79 -43.73 17.54
CA LEU A 401 12.86 -45.19 17.64
C LEU A 401 13.62 -45.84 16.47
N SER A 402 13.45 -45.28 15.29
CA SER A 402 14.17 -45.78 14.14
C SER A 402 15.64 -45.48 14.28
N THR A 403 15.99 -44.21 14.45
CA THR A 403 17.37 -43.85 14.61
C THR A 403 17.99 -44.81 15.62
N LEU A 404 17.36 -44.96 16.78
CA LEU A 404 17.90 -45.81 17.83
C LEU A 404 18.14 -47.25 17.34
N ARG A 405 17.11 -47.85 16.72
CA ARG A 405 17.23 -49.20 16.21
C ARG A 405 18.47 -49.36 15.35
N TYR A 406 18.74 -48.39 14.47
CA TYR A 406 19.90 -48.49 13.63
C TYR A 406 21.13 -48.44 14.49
N ALA A 407 21.25 -47.38 15.27
CA ALA A 407 22.41 -47.24 16.13
C ALA A 407 22.67 -48.57 16.88
N ASP A 408 21.61 -49.13 17.42
CA ASP A 408 21.73 -50.34 18.18
C ASP A 408 22.35 -51.40 17.30
N GLN A 409 21.80 -51.50 16.10
CA GLN A 409 22.23 -52.46 15.08
C GLN A 409 23.65 -52.21 14.61
N ALA A 410 24.09 -50.97 14.67
CA ALA A 410 25.39 -50.61 14.16
C ALA A 410 26.50 -50.94 15.16
N LYS A 411 26.18 -51.09 16.44
CA LYS A 411 27.18 -51.53 17.42
C LYS A 411 27.78 -52.88 16.99
N ARG A 412 26.97 -53.70 16.34
CA ARG A 412 27.42 -55.00 15.89
C ARG A 412 28.39 -54.99 14.70
N ILE A 413 28.40 -53.93 13.88
CA ILE A 413 29.33 -53.88 12.76
C ILE A 413 30.76 -53.89 13.26
N ARG A 414 31.60 -54.64 12.55
CA ARG A 414 33.03 -54.68 12.88
C ARG A 414 33.86 -54.31 11.69
N THR A 415 34.81 -53.41 11.87
CA THR A 415 35.70 -53.03 10.80
C THR A 415 37.04 -53.71 10.93
N ARG A 416 37.84 -53.59 9.88
CA ARG A 416 39.12 -54.26 9.80
C ARG A 416 40.21 -53.19 9.77
N ALA A 417 40.25 -52.32 10.81
CA ALA A 417 41.03 -51.06 10.83
C ALA A 417 42.52 -51.29 11.07
N VAL A 418 43.39 -50.77 10.23
CA VAL A 418 44.79 -51.15 10.36
C VAL A 418 45.64 -49.89 10.57
N VAL A 419 46.93 -49.98 10.31
CA VAL A 419 47.78 -48.80 10.26
C VAL A 419 48.50 -48.84 8.93
N ASN A 420 48.55 -47.70 8.28
CA ASN A 420 49.04 -47.61 6.92
C ASN A 420 50.55 -47.35 6.88
N GLN A 421 51.24 -47.60 5.76
CA GLN A 421 52.63 -47.12 5.68
C GLN A 421 53.22 -47.12 4.27
N VAL A 422 54.02 -46.09 3.88
CA VAL A 422 54.95 -46.11 2.66
C VAL A 422 56.16 -45.15 2.82
N ALA B 38 0.33 2.13 8.10
CA ALA B 38 0.51 0.90 7.27
C ALA B 38 -0.79 0.58 6.57
N ASN B 39 -1.94 0.97 7.17
CA ASN B 39 -3.28 0.51 6.74
C ASN B 39 -4.27 1.58 6.28
N VAL B 40 -5.25 1.14 5.53
CA VAL B 40 -6.35 2.00 5.12
C VAL B 40 -7.06 2.56 6.33
N ARG B 41 -7.18 3.87 6.35
CA ARG B 41 -7.96 4.55 7.35
C ARG B 41 -9.42 4.45 7.05
N VAL B 42 -10.18 4.00 8.03
CA VAL B 42 -11.62 3.68 7.89
C VAL B 42 -12.43 4.55 8.84
N VAL B 43 -13.51 5.13 8.35
CA VAL B 43 -14.26 6.09 9.13
C VAL B 43 -15.75 6.05 8.75
N VAL B 44 -16.64 6.16 9.72
CA VAL B 44 -18.05 6.10 9.37
C VAL B 44 -18.80 7.38 9.76
N ARG B 45 -19.89 7.64 9.05
CA ARG B 45 -20.73 8.83 9.22
C ARG B 45 -22.23 8.52 8.97
N VAL B 46 -22.96 8.53 10.06
CA VAL B 46 -24.39 8.31 10.05
C VAL B 46 -25.04 9.67 9.81
N ARG B 47 -26.00 9.72 8.89
CA ARG B 47 -26.61 10.99 8.60
C ARG B 47 -27.90 11.18 9.35
N ALA B 48 -28.45 12.38 9.25
CA ALA B 48 -29.71 12.76 9.86
C ALA B 48 -30.90 12.06 9.19
N PHE B 49 -32.02 11.94 9.88
CA PHE B 49 -33.18 11.39 9.23
C PHE B 49 -33.55 12.19 8.00
N LEU B 50 -34.17 11.54 7.03
CA LEU B 50 -34.76 12.22 5.87
C LEU B 50 -36.22 12.52 6.14
N PRO B 51 -36.71 13.63 5.56
CA PRO B 51 -38.10 14.03 5.68
C PRO B 51 -39.03 12.84 5.54
N ARG B 52 -38.77 12.03 4.52
CA ARG B 52 -39.55 10.82 4.26
C ARG B 52 -39.65 9.99 5.54
N GLU B 53 -38.49 9.74 6.16
CA GLU B 53 -38.36 8.93 7.38
C GLU B 53 -38.92 9.68 8.57
N LEU B 54 -38.52 10.95 8.67
CA LEU B 54 -39.04 11.84 9.70
C LEU B 54 -40.56 11.70 9.84
N GLU B 55 -41.23 11.72 8.68
CA GLU B 55 -42.67 11.55 8.54
C GLU B 55 -43.23 10.41 9.35
N ARG B 56 -42.44 9.35 9.43
CA ARG B 56 -42.90 8.05 9.89
C ARG B 56 -42.64 7.78 11.39
N ASN B 57 -42.14 8.81 12.10
CA ASN B 57 -41.58 8.63 13.45
C ASN B 57 -40.57 7.50 13.34
N ALA B 58 -39.86 7.47 12.20
CA ALA B 58 -38.94 6.39 11.81
C ALA B 58 -37.88 6.18 12.86
N GLU B 59 -37.67 4.92 13.21
CA GLU B 59 -36.79 4.59 14.30
C GLU B 59 -35.32 4.79 13.94
N CYS B 60 -34.53 5.05 14.97
CA CYS B 60 -33.11 5.23 14.79
C CYS B 60 -32.33 4.13 15.48
N ILE B 61 -31.51 3.42 14.72
CA ILE B 61 -30.86 2.21 15.22
C ILE B 61 -29.35 2.27 15.23
N VAL B 62 -28.78 3.47 15.20
CA VAL B 62 -27.32 3.67 15.21
C VAL B 62 -26.90 4.56 16.35
N GLU B 63 -25.86 4.16 17.04
CA GLU B 63 -25.42 4.94 18.17
C GLU B 63 -23.92 5.05 18.17
N MET B 64 -23.42 6.27 18.28
CA MET B 64 -21.98 6.49 18.34
C MET B 64 -21.59 7.07 19.69
N ASP B 65 -20.52 6.53 20.26
CA ASP B 65 -19.91 7.03 21.50
C ASP B 65 -18.97 8.21 21.24
N PRO B 66 -19.24 9.37 21.87
CA PRO B 66 -18.33 10.51 21.64
C PRO B 66 -16.87 10.08 21.85
N ALA B 67 -16.59 9.58 23.06
CA ALA B 67 -15.25 9.18 23.57
C ALA B 67 -14.56 8.08 22.75
N THR B 68 -14.86 6.80 23.00
CA THR B 68 -14.45 5.71 22.09
C THR B 68 -14.91 6.05 20.67
N GLU B 69 -14.20 5.56 19.66
CA GLU B 69 -14.62 5.87 18.32
C GLU B 69 -15.52 4.73 17.80
N ARG B 70 -16.53 4.42 18.62
CA ARG B 70 -17.32 3.24 18.45
C ARG B 70 -18.68 3.53 17.79
N THR B 71 -19.11 2.61 16.93
CA THR B 71 -20.41 2.67 16.31
C THR B 71 -21.13 1.39 16.63
N SER B 72 -22.37 1.54 17.07
CA SER B 72 -23.22 0.42 17.50
C SER B 72 -24.50 0.34 16.69
N LEU B 73 -24.73 -0.84 16.12
CA LEU B 73 -25.94 -1.08 15.38
C LEU B 73 -26.87 -1.74 16.35
N LEU B 74 -27.97 -1.04 16.64
CA LEU B 74 -28.95 -1.45 17.63
C LEU B 74 -30.02 -2.36 17.04
N VAL B 75 -30.89 -2.87 17.89
CA VAL B 75 -31.96 -3.78 17.48
C VAL B 75 -33.28 -3.01 17.48
N PRO B 76 -33.94 -2.88 16.34
CA PRO B 76 -35.18 -2.12 16.31
C PRO B 76 -36.31 -2.69 17.23
N GLN B 77 -37.17 -1.80 17.76
CA GLN B 77 -38.29 -2.22 18.58
C GLN B 77 -39.58 -2.41 17.76
N LEU B 93 -31.74 -8.79 14.17
CA LEU B 93 -31.79 -9.94 15.05
C LEU B 93 -30.79 -9.77 16.22
N GLU B 94 -29.91 -8.77 16.13
CA GLU B 94 -28.84 -8.57 17.16
C GLU B 94 -28.08 -7.23 17.21
N GLU B 95 -27.41 -6.97 18.34
CA GLU B 95 -26.63 -5.75 18.49
C GLU B 95 -25.14 -5.92 18.15
N LYS B 96 -24.60 -5.03 17.33
CA LYS B 96 -23.20 -5.18 16.93
C LYS B 96 -22.43 -3.89 17.21
N SER B 97 -21.26 -4.00 17.83
CA SER B 97 -20.35 -2.86 18.01
C SER B 97 -19.16 -2.88 17.06
N PHE B 98 -18.66 -1.71 16.70
CA PHE B 98 -17.47 -1.65 15.81
C PHE B 98 -16.63 -0.52 16.30
N THR B 99 -15.33 -0.55 16.02
CA THR B 99 -14.50 0.60 16.28
C THR B 99 -13.89 1.06 15.00
N PHE B 100 -13.82 2.36 14.81
CA PHE B 100 -13.18 2.89 13.61
C PHE B 100 -12.26 4.00 13.95
N ASP B 101 -11.53 4.44 12.94
CA ASP B 101 -10.59 5.51 13.14
C ASP B 101 -11.35 6.78 13.55
N LYS B 102 -12.49 7.01 12.92
CA LYS B 102 -13.48 7.93 13.49
C LYS B 102 -14.88 7.42 13.26
N SER B 103 -15.75 7.65 14.23
CA SER B 103 -17.16 7.36 14.02
C SER B 103 -17.84 8.68 14.02
N PHE B 104 -18.24 9.17 12.86
CA PHE B 104 -18.79 10.50 12.78
C PHE B 104 -20.31 10.57 13.01
N TRP B 105 -20.73 11.24 14.07
CA TRP B 105 -22.13 11.34 14.37
C TRP B 105 -22.67 12.61 13.72
N SER B 106 -23.29 12.46 12.56
CA SER B 106 -23.89 13.59 11.87
C SER B 106 -25.42 13.50 11.80
N HIS B 107 -26.01 12.82 12.77
CA HIS B 107 -27.40 12.44 12.73
C HIS B 107 -28.30 13.44 13.41
N ASN B 108 -27.83 14.08 14.47
CA ASN B 108 -28.65 15.12 15.14
C ASN B 108 -27.94 16.41 15.53
N THR B 109 -28.32 17.49 14.88
CA THR B 109 -27.72 18.81 15.09
C THR B 109 -27.41 19.17 16.56
N GLU B 110 -28.45 19.14 17.40
CA GLU B 110 -28.37 19.63 18.77
C GLU B 110 -27.58 18.69 19.70
N ASP B 111 -27.02 17.60 19.16
CA ASP B 111 -26.21 16.68 19.96
C ASP B 111 -24.83 17.26 20.18
N GLU B 112 -24.25 16.88 21.32
CA GLU B 112 -23.02 17.47 21.87
C GLU B 112 -21.82 17.05 21.04
N HIS B 113 -21.92 15.87 20.46
CA HIS B 113 -20.86 15.30 19.67
C HIS B 113 -21.20 15.32 18.18
N TYR B 114 -21.95 16.33 17.74
CA TYR B 114 -22.37 16.39 16.34
C TYR B 114 -21.17 16.64 15.43
N ALA B 115 -21.14 16.01 14.26
CA ALA B 115 -20.01 16.18 13.39
C ALA B 115 -20.34 16.98 12.14
N THR B 116 -19.91 18.24 12.10
CA THR B 116 -20.18 19.06 10.92
C THR B 116 -19.35 18.68 9.70
N GLN B 117 -19.75 19.15 8.54
CA GLN B 117 -18.97 18.97 7.33
C GLN B 117 -17.57 19.48 7.60
N GLU B 118 -17.50 20.63 8.26
CA GLU B 118 -16.20 21.21 8.54
C GLU B 118 -15.39 20.29 9.42
N HIS B 119 -16.08 19.66 10.35
CA HIS B 119 -15.39 18.87 11.35
C HIS B 119 -14.94 17.58 10.71
N VAL B 120 -15.68 17.09 9.72
CA VAL B 120 -15.24 15.91 8.98
C VAL B 120 -13.97 16.23 8.22
N TYR B 121 -13.96 17.35 7.52
CA TYR B 121 -12.73 17.78 6.86
C TYR B 121 -11.57 17.90 7.84
N ASP B 122 -11.77 18.68 8.88
CA ASP B 122 -10.72 18.88 9.85
C ASP B 122 -10.08 17.61 10.40
N SER B 123 -10.84 16.53 10.45
CA SER B 123 -10.26 15.27 10.88
C SER B 123 -9.56 14.65 9.71
N LEU B 124 -10.32 13.90 8.91
CA LEU B 124 -9.84 13.33 7.66
C LEU B 124 -9.22 14.28 6.62
N GLY B 125 -10.06 15.09 5.99
CA GLY B 125 -9.66 15.84 4.80
C GLY B 125 -8.31 16.52 4.81
N GLU B 126 -8.05 17.22 5.91
CA GLU B 126 -6.92 18.12 6.04
C GLU B 126 -5.66 17.32 6.13
N GLU B 127 -5.64 16.42 7.10
CA GLU B 127 -4.50 15.56 7.33
C GLU B 127 -4.05 14.90 6.02
N PHE B 128 -5.00 14.34 5.27
CA PHE B 128 -4.69 13.76 3.96
C PHE B 128 -4.10 14.74 2.97
N LEU B 129 -4.60 15.99 2.98
CA LEU B 129 -4.05 17.04 2.13
C LEU B 129 -2.61 17.28 2.51
N ASP B 130 -2.34 17.20 3.81
CA ASP B 130 -0.96 17.32 4.29
C ASP B 130 -0.12 16.30 3.57
N HIS B 131 -0.59 15.06 3.58
CA HIS B 131 0.11 13.98 2.94
C HIS B 131 0.40 14.25 1.51
N ASN B 132 -0.58 14.77 0.81
CA ASN B 132 -0.40 15.11 -0.57
C ASN B 132 0.82 16.03 -0.69
N PHE B 133 0.84 17.05 0.17
CA PHE B 133 1.91 17.99 0.21
C PHE B 133 3.16 17.21 0.62
N GLU B 134 3.09 16.41 1.69
CA GLU B 134 4.17 15.48 2.04
C GLU B 134 4.70 14.70 0.83
N GLY B 135 3.86 14.54 -0.20
CA GLY B 135 4.25 13.87 -1.42
C GLY B 135 3.54 12.57 -1.77
N TYR B 136 2.55 12.16 -0.99
CA TYR B 136 1.90 10.84 -1.15
C TYR B 136 0.69 10.93 -1.98
N HIS B 137 0.41 9.90 -2.75
CA HIS B 137 -0.85 9.89 -3.49
C HIS B 137 -1.87 9.67 -2.45
N THR B 138 -2.90 10.45 -2.49
CA THR B 138 -3.95 10.27 -1.56
C THR B 138 -5.16 9.62 -2.24
N CYS B 139 -5.98 8.94 -1.49
CA CYS B 139 -7.25 8.61 -2.05
C CYS B 139 -8.30 8.33 -1.00
N ILE B 140 -9.38 9.13 -1.02
CA ILE B 140 -10.52 8.94 -0.13
C ILE B 140 -11.73 8.58 -0.91
N PHE B 141 -12.35 7.46 -0.54
CA PHE B 141 -13.62 7.07 -1.20
C PHE B 141 -14.80 6.89 -0.27
N ALA B 142 -15.95 7.36 -0.73
CA ALA B 142 -17.20 7.28 0.01
C ALA B 142 -17.95 6.04 -0.44
N TYR B 143 -18.33 5.24 0.53
CA TYR B 143 -18.97 3.97 0.30
C TYR B 143 -20.20 3.86 1.21
N GLY B 144 -21.26 3.17 0.74
CA GLY B 144 -22.50 3.03 1.52
C GLY B 144 -23.70 2.97 0.62
N GLN B 145 -24.86 2.65 1.17
CA GLN B 145 -26.06 2.52 0.33
C GLN B 145 -26.41 3.85 -0.29
N THR B 146 -27.36 3.80 -1.22
CA THR B 146 -27.85 5.01 -1.91
C THR B 146 -28.59 5.76 -0.86
N GLY B 147 -28.38 7.06 -0.84
CA GLY B 147 -29.08 7.90 0.09
C GLY B 147 -28.44 7.85 1.47
N SER B 148 -27.31 7.16 1.63
CA SER B 148 -26.65 7.17 2.93
C SER B 148 -25.82 8.44 3.17
N GLY B 149 -25.51 9.20 2.13
CA GLY B 149 -24.82 10.46 2.34
C GLY B 149 -23.44 10.54 1.72
N LYS B 150 -23.19 9.64 0.79
CA LYS B 150 -21.93 9.61 0.03
C LYS B 150 -21.67 10.98 -0.64
N SER B 151 -22.62 11.41 -1.45
CA SER B 151 -22.48 12.65 -2.20
C SER B 151 -22.39 13.83 -1.26
N TYR B 152 -23.22 13.83 -0.23
CA TYR B 152 -23.26 14.94 0.71
C TYR B 152 -21.93 15.06 1.37
N THR B 153 -21.37 13.92 1.78
CA THR B 153 -20.04 13.91 2.36
C THR B 153 -18.93 14.46 1.42
N MET B 154 -18.78 13.80 0.27
CA MET B 154 -17.72 14.17 -0.64
C MET B 154 -17.82 15.62 -1.19
N MET B 155 -19.05 16.06 -1.43
CA MET B 155 -19.30 17.17 -2.29
C MET B 155 -20.11 18.22 -1.57
N GLY B 156 -21.35 17.90 -1.17
CA GLY B 156 -22.18 18.78 -0.29
C GLY B 156 -23.12 19.77 -0.93
N THR B 157 -23.80 20.57 -0.12
CA THR B 157 -24.67 21.65 -0.53
C THR B 157 -23.80 22.85 -0.94
N PRO B 158 -24.35 23.81 -1.69
CA PRO B 158 -23.89 25.18 -1.79
C PRO B 158 -23.27 25.74 -0.52
N ASP B 159 -24.04 25.73 0.56
CA ASP B 159 -23.56 26.22 1.86
C ASP B 159 -23.41 25.11 2.94
N GLN B 160 -23.55 23.85 2.54
CA GLN B 160 -23.02 22.79 3.34
C GLN B 160 -21.97 22.07 2.56
N PRO B 161 -20.89 22.76 2.11
CA PRO B 161 -19.89 22.08 1.28
C PRO B 161 -19.07 20.96 1.94
N GLY B 162 -18.83 19.88 1.18
CA GLY B 162 -18.18 18.68 1.68
C GLY B 162 -16.73 18.51 1.29
N LEU B 163 -16.21 17.34 1.62
CA LEU B 163 -14.82 17.03 1.36
C LEU B 163 -14.13 17.76 0.21
N ILE B 164 -14.72 17.67 -0.96
CA ILE B 164 -14.02 18.06 -2.16
C ILE B 164 -13.76 19.52 -2.16
N PRO B 165 -14.82 20.34 -2.27
CA PRO B 165 -14.52 21.74 -2.32
C PRO B 165 -13.62 22.14 -1.13
N ARG B 166 -13.93 21.69 0.09
CA ARG B 166 -13.07 21.93 1.26
C ARG B 166 -11.58 21.76 0.92
N THR B 167 -11.29 20.59 0.34
CA THR B 167 -9.97 20.24 -0.11
C THR B 167 -9.44 21.30 -1.04
N CYS B 168 -10.14 21.52 -2.12
CA CYS B 168 -9.74 22.50 -3.08
C CYS B 168 -9.40 23.84 -2.44
N GLU B 169 -10.34 24.36 -1.66
CA GLU B 169 -10.09 25.62 -0.98
C GLU B 169 -8.80 25.54 -0.18
N ASP B 170 -8.74 24.52 0.68
CA ASP B 170 -7.59 24.32 1.56
C ASP B 170 -6.34 24.40 0.71
N LEU B 171 -6.31 23.53 -0.31
CA LEU B 171 -5.21 23.42 -1.23
C LEU B 171 -4.76 24.78 -1.68
N PHE B 172 -5.63 25.52 -2.36
CA PHE B 172 -5.17 26.77 -2.96
C PHE B 172 -4.70 27.79 -1.96
N GLN B 173 -5.34 27.84 -0.80
CA GLN B 173 -4.87 28.67 0.32
C GLN B 173 -3.42 28.39 0.67
N ARG B 174 -3.09 27.12 0.80
CA ARG B 174 -1.72 26.68 1.06
C ARG B 174 -0.82 27.21 -0.07
N ILE B 175 -1.17 26.89 -1.31
CA ILE B 175 -0.37 27.39 -2.42
C ILE B 175 -0.18 28.90 -2.39
N ALA B 176 -1.27 29.61 -2.14
CA ALA B 176 -1.20 31.05 -2.11
C ALA B 176 -0.25 31.51 -1.00
N SER B 177 -0.39 30.94 0.21
CA SER B 177 0.38 31.41 1.39
C SER B 177 1.84 31.16 1.16
N ALA B 178 2.13 29.94 0.71
CA ALA B 178 3.49 29.50 0.43
C ALA B 178 4.26 30.39 -0.56
N GLN B 179 3.57 30.94 -1.56
CA GLN B 179 4.22 31.67 -2.64
C GLN B 179 5.23 32.68 -2.17
N ASP B 180 5.13 33.06 -0.90
CA ASP B 180 6.10 33.97 -0.28
C ASP B 180 6.90 33.34 0.88
N GLU B 181 6.22 32.65 1.79
CA GLU B 181 6.92 32.03 2.90
C GLU B 181 7.90 30.92 2.44
N THR B 182 8.12 30.80 1.13
CA THR B 182 9.12 29.91 0.47
C THR B 182 9.02 29.99 -1.05
N PRO B 183 9.63 31.01 -1.64
CA PRO B 183 9.71 31.18 -3.07
C PRO B 183 10.48 30.06 -3.79
N ASN B 184 11.38 29.35 -3.08
CA ASN B 184 12.19 28.22 -3.65
C ASN B 184 11.31 27.20 -4.39
N ILE B 185 10.03 27.19 -4.04
CA ILE B 185 9.06 26.22 -4.49
C ILE B 185 7.96 26.86 -5.31
N SER B 186 7.65 26.19 -6.42
CA SER B 186 6.49 26.55 -7.25
C SER B 186 5.58 25.35 -7.58
N TYR B 187 4.27 25.63 -7.65
CA TYR B 187 3.17 24.66 -7.69
C TYR B 187 2.44 24.60 -9.01
N ASN B 188 1.45 23.73 -9.10
CA ASN B 188 0.93 23.43 -10.40
C ASN B 188 -0.17 22.39 -10.37
N VAL B 189 -1.40 22.86 -10.50
CA VAL B 189 -2.55 21.99 -10.33
C VAL B 189 -3.30 21.66 -11.61
N LYS B 190 -3.62 20.40 -11.77
CA LYS B 190 -4.49 19.98 -12.84
C LYS B 190 -5.57 19.15 -12.19
N VAL B 191 -6.78 19.27 -12.73
CA VAL B 191 -7.91 18.47 -12.28
C VAL B 191 -8.49 17.67 -13.45
N SER B 192 -8.92 16.45 -13.15
CA SER B 192 -9.57 15.59 -14.15
C SER B 192 -10.75 15.03 -13.38
N TYR B 193 -11.68 14.38 -14.09
CA TYR B 193 -12.91 13.96 -13.46
C TYR B 193 -13.59 13.03 -14.40
N PHE B 194 -13.97 11.85 -13.91
CA PHE B 194 -14.61 10.84 -14.77
C PHE B 194 -15.51 9.99 -13.94
N GLU B 195 -16.48 9.34 -14.57
CA GLU B 195 -17.31 8.42 -13.88
C GLU B 195 -17.23 7.16 -14.63
N VAL B 196 -17.44 6.07 -13.93
CA VAL B 196 -17.66 4.79 -14.58
C VAL B 196 -19.08 4.39 -14.31
N TYR B 197 -19.69 3.73 -15.29
CA TYR B 197 -21.10 3.43 -15.31
C TYR B 197 -21.23 2.33 -16.32
N ASN B 198 -21.77 1.18 -15.91
CA ASN B 198 -21.91 -0.01 -16.79
C ASN B 198 -20.63 -0.55 -17.34
N GLU B 199 -19.58 -0.48 -16.53
CA GLU B 199 -18.21 -0.70 -16.95
C GLU B 199 -17.84 0.18 -18.12
N HIS B 200 -18.35 1.39 -18.17
CA HIS B 200 -17.88 2.35 -19.17
C HIS B 200 -17.28 3.59 -18.50
N VAL B 201 -16.18 4.07 -19.04
CA VAL B 201 -15.61 5.27 -18.51
C VAL B 201 -15.95 6.46 -19.38
N ARG B 202 -16.47 7.54 -18.81
CA ARG B 202 -16.64 8.76 -19.61
C ARG B 202 -16.03 10.01 -18.97
N ASP B 203 -15.53 10.92 -19.81
CA ASP B 203 -14.71 12.05 -19.35
C ASP B 203 -15.61 13.17 -19.00
N LEU B 204 -15.87 13.37 -17.71
CA LEU B 204 -16.89 14.33 -17.32
C LEU B 204 -16.55 15.77 -17.70
N LEU B 205 -15.27 16.05 -17.89
CA LEU B 205 -14.87 17.38 -18.30
C LEU B 205 -14.79 17.62 -19.80
N ALA B 206 -14.82 16.55 -20.60
CA ALA B 206 -14.85 16.63 -22.07
C ALA B 206 -16.08 17.38 -22.46
N PRO B 207 -16.00 18.20 -23.51
CA PRO B 207 -17.19 18.88 -24.03
C PRO B 207 -18.23 17.87 -24.47
N VAL B 208 -19.51 18.19 -24.37
CA VAL B 208 -20.53 17.25 -24.85
C VAL B 208 -21.34 17.87 -25.99
N VAL B 209 -21.71 17.02 -26.94
CA VAL B 209 -22.29 17.53 -28.17
C VAL B 209 -23.64 16.90 -28.49
N PRO B 210 -24.64 17.73 -28.83
CA PRO B 210 -25.98 17.31 -29.26
C PRO B 210 -25.99 16.16 -30.26
N ASN B 211 -27.20 15.60 -30.53
CA ASN B 211 -27.38 14.29 -31.17
C ASN B 211 -26.38 13.26 -30.58
N LYS B 212 -26.26 13.27 -29.25
CA LYS B 212 -25.13 12.65 -28.50
C LYS B 212 -24.89 11.16 -28.77
N PRO B 213 -23.76 10.84 -29.43
CA PRO B 213 -23.26 9.48 -29.29
C PRO B 213 -22.33 9.44 -28.06
N PRO B 214 -22.82 8.98 -26.87
CA PRO B 214 -22.00 9.06 -25.61
C PRO B 214 -20.65 8.40 -25.83
N TYR B 215 -19.56 9.04 -25.41
CA TYR B 215 -18.23 8.64 -25.87
C TYR B 215 -17.33 8.13 -24.78
N TYR B 216 -16.88 6.87 -24.91
CA TYR B 216 -16.14 6.18 -23.83
C TYR B 216 -14.65 6.10 -24.01
N LEU B 217 -13.93 6.38 -22.93
CA LEU B 217 -12.48 6.48 -22.95
C LEU B 217 -11.89 5.12 -22.68
N LYS B 218 -10.67 4.86 -23.17
CA LYS B 218 -9.94 3.60 -22.94
C LYS B 218 -9.12 3.58 -21.66
N VAL B 219 -8.71 2.40 -21.21
CA VAL B 219 -7.72 2.31 -20.11
C VAL B 219 -6.43 1.65 -20.52
N ARG B 220 -5.34 2.19 -19.98
CA ARG B 220 -4.00 1.67 -20.21
C ARG B 220 -3.24 1.72 -18.88
N GLU B 221 -2.15 0.94 -18.75
CA GLU B 221 -1.23 1.10 -17.60
C GLU B 221 0.03 1.92 -17.95
N SER B 222 0.22 3.02 -17.22
CA SER B 222 1.45 3.82 -17.28
C SER B 222 2.42 3.04 -16.45
N PRO B 223 3.72 3.06 -16.84
CA PRO B 223 4.80 2.44 -16.04
C PRO B 223 4.92 3.08 -14.65
N THR B 224 4.63 4.38 -14.57
CA THR B 224 4.90 5.19 -13.40
C THR B 224 3.64 5.79 -12.76
N GLU B 225 2.56 5.98 -13.50
CA GLU B 225 1.34 6.41 -12.82
C GLU B 225 0.38 5.17 -12.58
N GLY B 226 0.64 4.04 -13.25
CA GLY B 226 -0.22 2.85 -13.10
C GLY B 226 -1.36 2.90 -14.10
N PRO B 227 -2.49 2.19 -13.84
CA PRO B 227 -3.58 2.36 -14.79
C PRO B 227 -3.99 3.81 -14.80
N TYR B 228 -4.32 4.33 -15.97
CA TYR B 228 -4.79 5.70 -16.15
C TYR B 228 -5.68 5.62 -17.38
N VAL B 229 -6.67 6.52 -17.45
CA VAL B 229 -7.61 6.59 -18.56
C VAL B 229 -6.94 7.26 -19.78
N LYS B 230 -6.87 6.54 -20.91
CA LYS B 230 -6.21 7.09 -22.09
C LYS B 230 -7.01 8.24 -22.60
N ASP B 231 -6.45 9.42 -22.35
CA ASP B 231 -6.78 10.66 -23.03
C ASP B 231 -7.76 11.46 -22.25
N LEU B 232 -7.91 11.17 -20.95
CA LEU B 232 -8.85 11.94 -20.10
C LEU B 232 -8.45 13.42 -20.04
N THR B 233 -9.40 14.34 -20.23
CA THR B 233 -8.99 15.72 -20.16
C THR B 233 -8.59 16.11 -18.73
N GLU B 234 -7.37 16.61 -18.61
CA GLU B 234 -6.86 17.16 -17.37
C GLU B 234 -6.75 18.63 -17.60
N VAL B 235 -7.23 19.42 -16.65
CA VAL B 235 -7.38 20.86 -16.89
C VAL B 235 -6.59 21.70 -15.92
N PRO B 236 -5.52 22.36 -16.40
CA PRO B 236 -4.77 23.24 -15.51
C PRO B 236 -5.68 24.28 -14.87
N VAL B 237 -5.56 24.46 -13.57
CA VAL B 237 -6.47 25.27 -12.80
C VAL B 237 -5.65 26.10 -11.87
N ARG B 238 -5.86 27.41 -11.87
CA ARG B 238 -4.91 28.27 -11.18
C ARG B 238 -5.42 28.88 -9.90
N GLY B 239 -6.62 28.50 -9.48
CA GLY B 239 -7.23 29.14 -8.32
C GLY B 239 -8.54 28.50 -7.94
N LEU B 240 -9.05 28.81 -6.77
CA LEU B 240 -10.17 28.03 -6.28
C LEU B 240 -11.36 28.05 -7.23
N GLU B 241 -11.86 29.24 -7.56
CA GLU B 241 -13.06 29.39 -8.39
C GLU B 241 -12.87 28.55 -9.67
N GLU B 242 -11.77 28.84 -10.38
CA GLU B 242 -11.37 28.12 -11.57
C GLU B 242 -11.54 26.58 -11.47
N ILE B 243 -11.19 26.02 -10.32
CA ILE B 243 -11.37 24.59 -10.11
C ILE B 243 -12.81 24.23 -9.73
N ILE B 244 -13.45 24.93 -8.78
CA ILE B 244 -14.81 24.55 -8.43
C ILE B 244 -15.72 24.79 -9.60
N ARG B 245 -15.22 25.59 -10.55
CA ARG B 245 -15.93 25.79 -11.81
C ARG B 245 -15.90 24.47 -12.57
N TRP B 246 -14.69 23.95 -12.78
CA TRP B 246 -14.56 22.69 -13.49
C TRP B 246 -15.21 21.55 -12.77
N MET B 247 -15.29 21.68 -11.46
CA MET B 247 -15.97 20.70 -10.71
C MET B 247 -17.43 20.68 -11.16
N ARG B 248 -18.08 21.82 -11.00
CA ARG B 248 -19.46 21.97 -11.42
C ARG B 248 -19.77 21.50 -12.85
N ILE B 249 -18.78 21.60 -13.72
CA ILE B 249 -18.98 21.24 -15.08
C ILE B 249 -19.18 19.79 -14.97
N GLY B 250 -18.08 19.12 -14.63
CA GLY B 250 -18.03 17.65 -14.54
C GLY B 250 -19.33 17.12 -14.02
N ASP B 251 -19.68 17.60 -12.86
CA ASP B 251 -20.91 17.27 -12.21
C ASP B 251 -22.17 17.26 -13.06
N GLY B 252 -22.32 18.27 -13.91
CA GLY B 252 -23.57 18.42 -14.66
C GLY B 252 -23.66 17.44 -15.83
N SER B 253 -22.49 16.88 -16.15
CA SER B 253 -22.34 15.88 -17.17
C SER B 253 -22.52 14.44 -16.62
N ARG B 254 -22.78 14.27 -15.34
CA ARG B 254 -22.89 12.94 -14.80
C ARG B 254 -24.15 12.25 -15.27
N THR B 255 -24.06 10.93 -15.40
CA THR B 255 -25.14 10.10 -15.97
C THR B 255 -26.48 10.30 -15.27
N VAL B 256 -27.53 10.63 -16.03
CA VAL B 256 -28.83 10.93 -15.42
C VAL B 256 -29.53 9.72 -14.79
N ALA B 257 -30.02 9.90 -13.57
CA ALA B 257 -30.85 8.90 -12.95
C ALA B 257 -32.12 8.88 -13.75
N SER B 258 -32.74 7.72 -13.84
CA SER B 258 -33.93 7.56 -14.66
C SER B 258 -35.11 7.13 -13.85
N THR B 259 -34.84 6.74 -12.60
CA THR B 259 -35.95 6.54 -11.67
C THR B 259 -36.57 7.90 -11.34
N LYS B 260 -35.75 8.86 -10.99
CA LYS B 260 -36.26 10.13 -10.56
C LYS B 260 -36.04 11.23 -11.59
N MET B 261 -37.01 12.14 -11.59
CA MET B 261 -37.14 13.27 -12.55
C MET B 261 -35.83 14.04 -12.85
N ASN B 262 -34.92 14.14 -11.87
CA ASN B 262 -33.76 15.01 -11.99
C ASN B 262 -32.58 14.61 -11.11
N ASP B 263 -31.93 13.50 -11.41
CA ASP B 263 -30.85 13.13 -10.55
C ASP B 263 -29.66 12.58 -11.29
N THR B 264 -28.58 12.35 -10.55
CA THR B 264 -27.49 11.50 -11.00
C THR B 264 -27.81 10.01 -10.75
N SER B 265 -27.56 9.15 -11.73
CA SER B 265 -27.73 7.73 -11.54
C SER B 265 -26.97 7.28 -10.33
N SER B 266 -27.66 6.54 -9.47
CA SER B 266 -27.06 5.99 -8.25
C SER B 266 -26.24 4.74 -8.56
N ARG B 267 -26.08 4.43 -9.83
CA ARG B 267 -25.27 3.30 -10.18
C ARG B 267 -24.02 3.76 -10.92
N SER B 268 -23.66 5.04 -10.79
CA SER B 268 -22.47 5.63 -11.43
C SER B 268 -21.43 5.88 -10.38
N HIS B 269 -20.20 5.46 -10.57
CA HIS B 269 -19.15 5.89 -9.63
C HIS B 269 -18.39 7.07 -10.20
N ALA B 270 -18.02 8.02 -9.36
CA ALA B 270 -17.28 9.17 -9.87
C ALA B 270 -16.00 9.37 -9.18
N VAL B 271 -14.96 9.58 -9.97
CA VAL B 271 -13.63 9.78 -9.46
C VAL B 271 -13.17 11.15 -9.82
N PHE B 272 -13.04 12.00 -8.81
CA PHE B 272 -12.50 13.34 -8.99
C PHE B 272 -11.06 13.30 -8.55
N THR B 273 -10.17 13.88 -9.33
CA THR B 273 -8.79 13.73 -9.02
C THR B 273 -8.10 15.05 -9.24
N ILE B 274 -7.33 15.49 -8.26
CA ILE B 274 -6.49 16.66 -8.40
C ILE B 274 -5.06 16.21 -8.51
N MET B 275 -4.41 16.43 -9.65
CA MET B 275 -2.98 16.21 -9.68
C MET B 275 -2.27 17.51 -9.29
N LEU B 276 -1.40 17.38 -8.29
CA LEU B 276 -0.63 18.47 -7.70
C LEU B 276 0.87 18.30 -7.91
N LYS B 277 1.49 19.20 -8.67
CA LYS B 277 2.91 19.08 -8.89
C LYS B 277 3.66 20.24 -8.23
N GLN B 278 4.69 19.90 -7.46
CA GLN B 278 5.52 20.93 -6.83
C GLN B 278 6.98 20.82 -7.18
N ILE B 279 7.62 21.95 -7.44
CA ILE B 279 9.01 21.94 -7.89
C ILE B 279 9.92 22.79 -6.98
N HIS B 280 10.87 22.14 -6.31
CA HIS B 280 11.71 22.82 -5.32
C HIS B 280 13.09 23.24 -5.87
N HIS B 281 13.57 24.43 -5.41
CA HIS B 281 14.94 24.97 -5.58
C HIS B 281 15.01 25.51 -6.99
N THR B 288 14.88 21.85 -9.62
CA THR B 288 15.84 20.76 -9.65
C THR B 288 15.04 19.52 -9.30
N THR B 289 14.32 19.52 -8.18
CA THR B 289 13.61 18.32 -7.74
C THR B 289 12.09 18.52 -7.69
N GLU B 290 11.36 17.59 -8.34
CA GLU B 290 9.92 17.72 -8.55
C GLU B 290 9.07 16.56 -8.06
N ARG B 291 8.07 16.93 -7.28
CA ARG B 291 7.34 16.05 -6.41
C ARG B 291 5.88 15.99 -6.84
N SER B 292 5.47 14.83 -7.34
CA SER B 292 4.12 14.68 -7.87
C SER B 292 3.20 13.83 -7.02
N SER B 293 2.24 14.48 -6.39
CA SER B 293 1.17 13.72 -5.74
C SER B 293 -0.17 13.93 -6.45
N ARG B 294 -1.07 12.94 -6.39
CA ARG B 294 -2.37 13.02 -7.05
C ARG B 294 -3.46 12.72 -6.03
N ILE B 295 -4.44 13.62 -5.95
CA ILE B 295 -5.52 13.47 -4.96
C ILE B 295 -6.71 12.79 -5.60
N ARG B 296 -6.99 11.56 -5.16
CA ARG B 296 -8.11 10.84 -5.66
C ARG B 296 -9.23 10.92 -4.65
N LEU B 297 -10.40 11.44 -5.07
CA LEU B 297 -11.58 11.60 -4.22
C LEU B 297 -12.81 11.00 -4.87
N VAL B 298 -13.32 9.95 -4.24
CA VAL B 298 -14.32 9.07 -4.92
C VAL B 298 -15.74 9.01 -4.33
N ASP B 299 -16.73 9.13 -5.20
CA ASP B 299 -18.14 9.04 -4.82
C ASP B 299 -18.70 7.82 -5.50
N LEU B 300 -18.66 6.73 -4.75
CA LEU B 300 -19.02 5.42 -5.34
C LEU B 300 -20.51 5.19 -5.59
N ALA B 301 -20.83 4.25 -6.46
CA ALA B 301 -22.22 3.90 -6.66
C ALA B 301 -22.70 3.30 -5.39
N GLY B 302 -23.92 3.63 -4.98
CA GLY B 302 -24.55 2.99 -3.80
C GLY B 302 -24.44 1.48 -3.72
N SER B 303 -24.43 0.97 -2.50
CA SER B 303 -24.06 -0.42 -2.26
C SER B 303 -25.21 -1.40 -2.01
N GLU B 304 -26.47 -0.97 -2.11
CA GLU B 304 -27.61 -1.89 -1.95
C GLU B 304 -27.37 -3.02 -2.94
N ARG B 305 -26.14 -3.10 -3.43
CA ARG B 305 -25.83 -3.93 -4.62
C ARG B 305 -24.50 -4.74 -4.61
N ALA B 306 -23.82 -4.79 -3.46
CA ALA B 306 -22.59 -5.61 -3.29
C ALA B 306 -22.87 -7.13 -3.13
N SER B 320 -18.94 -5.96 -19.91
CA SER B 320 -19.61 -4.90 -19.13
C SER B 320 -20.94 -5.42 -18.54
N ASN B 321 -21.12 -5.28 -17.23
CA ASN B 321 -22.43 -5.44 -16.65
C ASN B 321 -22.69 -4.29 -15.69
N ILE B 322 -23.91 -3.75 -15.70
CA ILE B 322 -24.27 -2.58 -14.84
C ILE B 322 -23.86 -2.68 -13.38
N ASN B 323 -23.57 -3.88 -12.89
CA ASN B 323 -23.07 -3.98 -11.54
C ASN B 323 -21.56 -4.27 -11.24
N LYS B 324 -21.00 -5.26 -11.98
CA LYS B 324 -19.60 -5.72 -11.91
C LYS B 324 -18.68 -4.94 -10.98
N SER B 325 -18.59 -3.63 -11.19
CA SER B 325 -17.63 -2.79 -10.51
C SER B 325 -17.80 -2.82 -8.99
N LEU B 326 -18.96 -2.31 -8.54
CA LEU B 326 -19.31 -2.17 -7.12
C LEU B 326 -19.27 -3.50 -6.37
N THR B 327 -19.77 -4.54 -7.02
CA THR B 327 -19.69 -5.84 -6.42
C THR B 327 -18.25 -6.41 -6.36
N THR B 328 -17.49 -6.39 -7.45
CA THR B 328 -16.11 -6.90 -7.36
C THR B 328 -15.19 -6.00 -6.59
N LEU B 329 -15.57 -4.75 -6.36
CA LEU B 329 -14.86 -3.97 -5.36
C LEU B 329 -14.97 -4.68 -4.03
N GLY B 330 -16.18 -4.98 -3.58
CA GLY B 330 -16.35 -5.77 -2.37
C GLY B 330 -15.37 -6.95 -2.33
N ARG B 331 -15.30 -7.69 -3.43
CA ARG B 331 -14.42 -8.84 -3.53
C ARG B 331 -12.96 -8.47 -3.30
N VAL B 332 -12.58 -7.29 -3.75
CA VAL B 332 -11.20 -6.87 -3.57
C VAL B 332 -10.91 -6.63 -2.10
N ILE B 333 -11.69 -5.73 -1.48
CA ILE B 333 -11.51 -5.43 -0.07
C ILE B 333 -11.43 -6.74 0.72
N ALA B 334 -12.30 -7.68 0.38
CA ALA B 334 -12.31 -8.99 1.01
C ALA B 334 -10.98 -9.70 0.83
N ALA B 335 -10.39 -9.59 -0.36
CA ALA B 335 -9.12 -10.25 -0.69
C ALA B 335 -7.99 -9.66 0.13
N LEU B 336 -7.99 -8.36 0.20
CA LEU B 336 -6.93 -7.61 0.87
C LEU B 336 -6.95 -7.68 2.39
N ALA B 337 -8.05 -8.11 2.99
CA ALA B 337 -8.05 -8.21 4.42
C ALA B 337 -7.84 -9.66 4.79
N ASP B 338 -8.97 -10.37 4.90
CA ASP B 338 -9.05 -11.78 5.30
C ASP B 338 -8.57 -12.72 4.20
N VAL B 364 -5.13 -14.27 -4.83
CA VAL B 364 -5.05 -13.29 -5.93
C VAL B 364 -6.13 -12.21 -5.83
N VAL B 365 -5.69 -10.96 -5.67
CA VAL B 365 -6.64 -9.85 -5.60
C VAL B 365 -7.24 -9.61 -7.01
N PRO B 366 -8.58 -9.69 -7.12
CA PRO B 366 -9.15 -9.67 -8.45
C PRO B 366 -9.28 -8.26 -9.01
N TYR B 367 -8.18 -7.51 -9.11
CA TYR B 367 -8.28 -6.08 -9.40
C TYR B 367 -8.91 -5.87 -10.75
N ARG B 368 -8.54 -6.74 -11.69
CA ARG B 368 -8.93 -6.56 -13.08
C ARG B 368 -10.27 -7.16 -13.46
N ASP B 369 -10.96 -7.80 -12.53
CA ASP B 369 -12.29 -8.29 -12.84
C ASP B 369 -13.34 -7.20 -13.03
N SER B 370 -12.90 -5.96 -12.97
CA SER B 370 -13.79 -4.85 -13.14
C SER B 370 -12.99 -3.64 -13.53
N VAL B 371 -13.64 -2.67 -14.16
CA VAL B 371 -12.98 -1.44 -14.56
C VAL B 371 -12.61 -0.62 -13.33
N LEU B 372 -13.59 -0.44 -12.43
CA LEU B 372 -13.38 0.44 -11.30
C LEU B 372 -12.22 -0.07 -10.43
N THR B 373 -12.23 -1.38 -10.15
CA THR B 373 -11.25 -1.96 -9.26
C THR B 373 -9.93 -1.95 -9.96
N TRP B 374 -9.93 -1.95 -11.28
CA TRP B 374 -8.66 -1.91 -11.97
C TRP B 374 -8.05 -0.51 -12.04
N LEU B 375 -8.91 0.50 -11.99
CA LEU B 375 -8.40 1.83 -12.09
C LEU B 375 -7.95 2.22 -10.76
N LEU B 376 -8.61 1.69 -9.76
CA LEU B 376 -8.27 2.07 -8.42
C LEU B 376 -7.24 1.13 -7.85
N LYS B 377 -6.82 0.17 -8.67
CA LYS B 377 -5.87 -0.89 -8.26
C LYS B 377 -4.86 -0.37 -7.26
N ASP B 378 -4.27 0.73 -7.66
CA ASP B 378 -3.24 1.36 -6.93
C ASP B 378 -3.69 2.01 -5.64
N SER B 379 -4.85 2.63 -5.62
CA SER B 379 -5.40 3.25 -4.40
C SER B 379 -5.82 2.24 -3.35
N LEU B 380 -6.05 1.00 -3.76
CA LEU B 380 -6.54 -0.05 -2.90
C LEU B 380 -5.42 -1.03 -2.61
N GLY B 381 -4.28 -0.56 -2.12
CA GLY B 381 -3.20 -1.48 -1.76
C GLY B 381 -1.93 -1.19 -2.49
N GLY B 382 -1.99 -0.17 -3.32
CA GLY B 382 -0.85 0.27 -4.03
C GLY B 382 -0.33 1.46 -3.30
N ASN B 383 0.28 2.34 -4.07
CA ASN B 383 1.03 3.43 -3.60
C ASN B 383 0.10 4.60 -3.30
N SER B 384 -0.64 4.50 -2.20
CA SER B 384 -1.65 5.51 -1.80
C SER B 384 -1.89 5.41 -0.32
N LYS B 385 -1.98 6.55 0.33
CA LYS B 385 -2.48 6.59 1.67
C LYS B 385 -3.98 6.76 1.46
N THR B 386 -4.76 5.82 1.99
CA THR B 386 -6.15 5.67 1.54
C THR B 386 -7.15 5.59 2.68
N ALA B 387 -8.22 6.35 2.51
CA ALA B 387 -9.32 6.40 3.46
C ALA B 387 -10.62 5.93 2.84
N MET B 388 -11.32 5.05 3.57
CA MET B 388 -12.69 4.73 3.23
C MET B 388 -13.62 5.44 4.18
N ILE B 389 -14.67 6.05 3.65
CA ILE B 389 -15.68 6.65 4.51
C ILE B 389 -16.95 5.86 4.29
N ALA B 390 -17.25 4.99 5.26
CA ALA B 390 -18.51 4.29 5.19
C ALA B 390 -19.64 5.24 5.61
N CYS B 391 -20.57 5.52 4.70
CA CYS B 391 -21.77 6.28 5.04
C CYS B 391 -22.93 5.38 5.38
N ILE B 392 -23.67 5.69 6.44
CA ILE B 392 -24.71 4.75 6.82
C ILE B 392 -26.03 5.44 7.16
N SER B 393 -27.15 4.81 6.80
CA SER B 393 -28.48 5.35 7.11
C SER B 393 -28.85 5.01 8.51
N PRO B 394 -29.42 5.97 9.27
CA PRO B 394 -29.72 5.71 10.67
C PRO B 394 -30.86 4.74 10.88
N THR B 395 -31.51 4.35 9.80
CA THR B 395 -32.72 3.54 9.91
C THR B 395 -32.58 2.22 9.25
N ASP B 396 -31.59 2.05 8.37
CA ASP B 396 -31.58 0.83 7.54
C ASP B 396 -30.70 -0.27 8.12
N TYR B 397 -31.31 -1.33 8.60
CA TYR B 397 -30.54 -2.26 9.40
C TYR B 397 -29.56 -3.10 8.64
N ASP B 398 -30.01 -3.93 7.70
CA ASP B 398 -29.07 -4.84 7.05
C ASP B 398 -28.14 -4.01 6.17
N GLU B 399 -28.69 -3.00 5.50
CA GLU B 399 -27.85 -2.24 4.62
C GLU B 399 -26.75 -1.62 5.39
N THR B 400 -27.04 -1.20 6.61
CA THR B 400 -26.01 -0.60 7.40
C THR B 400 -25.08 -1.67 7.92
N LEU B 401 -25.62 -2.80 8.30
CA LEU B 401 -24.76 -3.86 8.77
C LEU B 401 -23.75 -4.28 7.73
N SER B 402 -24.15 -4.26 6.47
CA SER B 402 -23.23 -4.60 5.36
C SER B 402 -22.17 -3.54 5.21
N THR B 403 -22.58 -2.28 5.12
CA THR B 403 -21.63 -1.22 5.03
C THR B 403 -20.60 -1.37 6.14
N LEU B 404 -21.07 -1.46 7.37
CA LEU B 404 -20.17 -1.68 8.51
C LEU B 404 -19.20 -2.90 8.40
N ARG B 405 -19.74 -4.06 8.05
CA ARG B 405 -18.90 -5.21 7.79
C ARG B 405 -17.73 -4.85 6.89
N TYR B 406 -17.97 -4.16 5.78
CA TYR B 406 -16.88 -3.85 4.85
C TYR B 406 -15.92 -2.92 5.48
N ALA B 407 -16.42 -1.83 6.01
CA ALA B 407 -15.59 -0.86 6.72
C ALA B 407 -14.68 -1.57 7.71
N ASP B 408 -15.27 -2.44 8.54
CA ASP B 408 -14.51 -3.23 9.51
C ASP B 408 -13.39 -4.03 8.83
N GLN B 409 -13.74 -4.66 7.73
CA GLN B 409 -12.84 -5.50 6.98
C GLN B 409 -11.73 -4.68 6.36
N ALA B 410 -12.06 -3.44 6.02
CA ALA B 410 -11.17 -2.57 5.29
C ALA B 410 -10.05 -1.98 6.14
N LYS B 411 -10.29 -1.91 7.45
CA LYS B 411 -9.26 -1.58 8.43
C LYS B 411 -8.03 -2.45 8.25
N ARG B 412 -8.24 -3.69 7.83
CA ARG B 412 -7.17 -4.66 7.69
C ARG B 412 -6.36 -4.46 6.44
N ILE B 413 -6.90 -3.82 5.42
CA ILE B 413 -6.08 -3.55 4.24
C ILE B 413 -4.77 -2.76 4.53
N ARG B 414 -3.64 -3.34 4.14
CA ARG B 414 -2.40 -2.60 4.28
C ARG B 414 -2.03 -1.72 3.04
N THR B 415 -1.08 -0.80 3.13
CA THR B 415 -0.85 0.19 2.05
C THR B 415 0.55 0.59 1.73
N ARG B 416 0.95 0.25 0.51
CA ARG B 416 2.32 0.43 -0.01
C ARG B 416 2.65 1.80 -0.54
N ALA B 417 2.49 2.80 0.33
CA ALA B 417 2.69 4.21 0.02
C ALA B 417 4.12 4.72 0.07
N VAL B 418 4.40 5.72 -0.73
CA VAL B 418 5.74 6.07 -1.08
C VAL B 418 5.76 7.55 -1.42
N VAL B 419 6.80 8.31 -1.07
CA VAL B 419 6.85 9.72 -1.47
C VAL B 419 7.19 9.81 -2.94
N ASN B 420 6.41 10.55 -3.69
CA ASN B 420 6.63 10.55 -5.11
C ASN B 420 7.41 11.75 -5.50
N GLN B 421 8.71 11.55 -5.68
CA GLN B 421 9.62 12.56 -6.22
C GLN B 421 10.44 11.98 -7.36
N VAL B 422 10.81 12.85 -8.30
CA VAL B 422 11.67 12.50 -9.43
C VAL B 422 12.63 13.63 -9.60
N ASP B 423 13.79 13.35 -10.19
CA ASP B 423 14.68 14.43 -10.55
C ASP B 423 14.46 14.91 -11.97
N LYS C 34 9.08 21.33 3.41
CA LYS C 34 9.47 22.54 2.63
C LYS C 34 10.79 22.32 1.84
N ASP C 35 11.44 21.18 2.01
CA ASP C 35 12.54 20.77 1.12
C ASP C 35 12.38 19.26 0.99
N PRO C 36 12.98 18.60 -0.04
CA PRO C 36 12.55 17.23 -0.27
C PRO C 36 13.40 16.14 0.40
N GLY C 37 14.20 16.47 1.40
CA GLY C 37 15.07 15.44 2.02
C GLY C 37 14.46 14.34 2.90
N ALA C 38 14.76 13.09 2.55
CA ALA C 38 14.48 11.95 3.43
C ALA C 38 15.41 11.89 4.69
N ASN C 39 14.86 11.73 5.88
CA ASN C 39 15.73 11.42 7.02
C ASN C 39 16.19 10.00 7.11
N VAL C 40 17.46 9.80 7.36
CA VAL C 40 17.91 8.45 7.63
C VAL C 40 17.03 7.83 8.74
N ARG C 41 16.38 6.74 8.40
CA ARG C 41 15.65 5.96 9.39
C ARG C 41 16.62 5.19 10.27
N VAL C 42 16.49 5.38 11.58
CA VAL C 42 17.39 4.79 12.59
C VAL C 42 16.60 3.86 13.49
N VAL C 43 17.11 2.66 13.75
CA VAL C 43 16.39 1.68 14.55
C VAL C 43 17.40 0.85 15.40
N VAL C 44 17.08 0.54 16.65
CA VAL C 44 18.06 -0.26 17.41
C VAL C 44 17.46 -1.57 17.83
N ARG C 45 18.31 -2.56 18.05
CA ARG C 45 17.86 -3.89 18.49
C ARG C 45 18.84 -4.48 19.47
N VAL C 46 18.40 -4.62 20.72
CA VAL C 46 19.17 -5.25 21.75
C VAL C 46 18.94 -6.78 21.68
N ARG C 47 20.02 -7.56 21.76
CA ARG C 47 19.87 -9.00 21.65
C ARG C 47 19.84 -9.72 22.99
N ALA C 48 19.58 -11.02 22.95
CA ALA C 48 19.43 -11.84 24.13
C ALA C 48 20.80 -12.10 24.72
N PHE C 49 20.86 -12.49 25.99
CA PHE C 49 22.15 -12.80 26.57
C PHE C 49 22.82 -13.91 25.78
N LEU C 50 24.14 -13.90 25.77
CA LEU C 50 24.90 -15.04 25.28
C LEU C 50 25.18 -16.04 26.40
N PRO C 51 25.16 -17.35 26.08
CA PRO C 51 25.52 -18.40 27.06
C PRO C 51 26.70 -17.99 27.95
N ARG C 52 27.77 -17.45 27.36
CA ARG C 52 28.95 -16.93 28.11
C ARG C 52 28.51 -15.97 29.19
N GLU C 53 27.70 -14.99 28.81
CA GLU C 53 27.18 -14.02 29.76
C GLU C 53 26.19 -14.67 30.73
N LEU C 54 25.33 -15.51 30.14
CA LEU C 54 24.31 -16.19 30.89
C LEU C 54 24.97 -16.82 32.13
N GLU C 55 26.10 -17.46 31.86
CA GLU C 55 26.91 -18.16 32.86
C GLU C 55 27.17 -17.35 34.10
N ARG C 56 27.32 -16.04 33.88
CA ARG C 56 27.86 -15.13 34.87
C ARG C 56 26.80 -14.43 35.76
N ASN C 57 25.53 -14.85 35.62
CA ASN C 57 24.39 -14.06 36.09
C ASN C 57 24.60 -12.61 35.64
N ALA C 58 25.11 -12.48 34.40
CA ALA C 58 25.61 -11.22 33.84
C ALA C 58 24.49 -10.22 33.82
N GLU C 59 24.80 -8.98 34.17
CA GLU C 59 23.77 -7.97 34.35
C GLU C 59 23.20 -7.47 33.01
N CYS C 60 21.93 -7.05 33.02
CA CYS C 60 21.32 -6.44 31.84
C CYS C 60 21.09 -4.96 32.07
N ILE C 61 21.62 -4.15 31.16
CA ILE C 61 21.62 -2.71 31.32
C ILE C 61 20.85 -1.91 30.28
N VAL C 62 20.02 -2.59 29.50
CA VAL C 62 19.21 -1.94 28.44
C VAL C 62 17.71 -2.14 28.65
N GLU C 63 16.93 -1.10 28.41
CA GLU C 63 15.51 -1.23 28.65
C GLU C 63 14.75 -0.49 27.60
N MET C 64 13.85 -1.20 26.93
CA MET C 64 13.03 -0.58 25.89
C MET C 64 11.59 -0.52 26.30
N ASP C 65 11.00 0.64 26.10
CA ASP C 65 9.60 0.88 26.36
C ASP C 65 8.77 0.36 25.20
N PRO C 66 7.82 -0.58 25.48
CA PRO C 66 6.96 -1.04 24.37
C PRO C 66 6.38 0.17 23.60
N ALA C 67 5.72 1.09 24.35
CA ALA C 67 4.90 2.19 23.83
C ALA C 67 5.73 3.23 23.11
N THR C 68 6.35 4.14 23.86
CA THR C 68 7.36 5.04 23.27
C THR C 68 8.45 4.17 22.64
N GLU C 69 9.05 4.67 21.56
CA GLU C 69 10.08 3.86 20.90
C GLU C 69 11.46 4.17 21.49
N ARG C 70 11.49 4.07 22.82
CA ARG C 70 12.58 4.58 23.61
C ARG C 70 13.52 3.48 24.08
N THR C 71 14.80 3.82 24.07
CA THR C 71 15.82 2.93 24.57
C THR C 71 16.63 3.63 25.65
N SER C 72 16.78 2.94 26.77
CA SER C 72 17.41 3.47 27.96
C SER C 72 18.62 2.64 28.31
N LEU C 73 19.76 3.33 28.48
CA LEU C 73 20.98 2.72 28.97
C LEU C 73 21.02 2.95 30.46
N LEU C 74 20.92 1.86 31.22
CA LEU C 74 20.81 1.92 32.67
C LEU C 74 22.20 1.96 33.31
N VAL C 75 22.24 2.07 34.63
CA VAL C 75 23.49 2.12 35.37
C VAL C 75 23.70 0.77 36.09
N PRO C 76 24.79 0.05 35.78
CA PRO C 76 25.04 -1.26 36.45
C PRO C 76 25.13 -1.20 37.97
N GLN C 77 24.68 -2.26 38.65
CA GLN C 77 24.78 -2.32 40.11
C GLN C 77 26.01 -3.12 40.56
N LEU C 93 28.38 5.49 34.59
CA LEU C 93 28.37 6.62 35.50
C LEU C 93 27.02 7.35 35.44
N GLU C 94 26.15 6.95 34.49
CA GLU C 94 24.83 7.59 34.32
C GLU C 94 23.77 6.91 33.42
N GLU C 95 22.51 7.35 33.57
CA GLU C 95 21.40 6.81 32.78
C GLU C 95 21.02 7.70 31.58
N LYS C 96 20.89 7.10 30.41
CA LYS C 96 20.65 7.84 29.16
C LYS C 96 19.49 7.27 28.35
N SER C 97 18.54 8.13 28.02
CA SER C 97 17.41 7.74 27.17
C SER C 97 17.67 8.14 25.74
N PHE C 98 17.06 7.44 24.81
CA PHE C 98 17.08 7.87 23.44
C PHE C 98 15.76 7.48 22.83
N THR C 99 15.40 8.12 21.74
CA THR C 99 14.21 7.68 21.04
C THR C 99 14.61 7.32 19.65
N PHE C 100 14.07 6.24 19.14
CA PHE C 100 14.33 5.91 17.73
C PHE C 100 13.07 5.63 16.94
N ASP C 101 13.27 5.40 15.65
CA ASP C 101 12.17 5.18 14.78
C ASP C 101 11.56 3.89 15.22
N LYS C 102 12.42 2.95 15.63
CA LYS C 102 11.97 1.79 16.38
C LYS C 102 13.05 1.36 17.34
N SER C 103 12.63 0.88 18.50
CA SER C 103 13.55 0.31 19.45
C SER C 103 13.13 -1.13 19.61
N PHE C 104 13.90 -2.05 19.02
CA PHE C 104 13.53 -3.47 18.96
C PHE C 104 14.05 -4.25 20.17
N TRP C 105 13.12 -4.76 20.97
CA TRP C 105 13.48 -5.54 22.13
C TRP C 105 13.52 -7.02 21.78
N SER C 106 14.74 -7.46 21.50
CA SER C 106 14.96 -8.84 21.12
C SER C 106 15.77 -9.61 22.15
N HIS C 107 15.64 -9.16 23.39
CA HIS C 107 16.46 -9.65 24.49
C HIS C 107 15.82 -10.76 25.35
N ASN C 108 14.51 -10.76 25.52
CA ASN C 108 13.92 -11.90 26.18
C ASN C 108 12.65 -12.48 25.57
N THR C 109 12.72 -13.72 25.10
CA THR C 109 11.62 -14.43 24.42
C THR C 109 10.23 -14.24 25.05
N GLU C 110 10.14 -14.52 26.34
CA GLU C 110 8.86 -14.54 27.01
C GLU C 110 8.30 -13.13 27.30
N ASP C 111 9.01 -12.09 26.89
CA ASP C 111 8.53 -10.72 27.05
C ASP C 111 7.35 -10.39 26.10
N GLU C 112 6.47 -9.49 26.53
CA GLU C 112 5.24 -9.11 25.83
C GLU C 112 5.58 -8.35 24.56
N HIS C 113 6.67 -7.59 24.62
CA HIS C 113 7.05 -6.77 23.49
C HIS C 113 8.29 -7.30 22.81
N TYR C 114 8.42 -8.62 22.76
CA TYR C 114 9.57 -9.26 22.13
C TYR C 114 9.52 -9.05 20.64
N ALA C 115 10.66 -8.77 20.01
CA ALA C 115 10.68 -8.55 18.56
C ALA C 115 11.31 -9.67 17.77
N THR C 116 10.50 -10.51 17.13
CA THR C 116 11.08 -11.54 16.28
C THR C 116 11.78 -11.02 15.01
N GLN C 117 12.59 -11.87 14.39
CA GLN C 117 13.17 -11.61 13.08
C GLN C 117 12.06 -11.25 12.13
N GLU C 118 10.96 -12.00 12.18
CA GLU C 118 9.85 -11.69 11.29
C GLU C 118 9.29 -10.29 11.51
N HIS C 119 9.32 -9.87 12.78
CA HIS C 119 8.69 -8.64 13.18
C HIS C 119 9.64 -7.53 12.88
N VAL C 120 10.92 -7.83 12.88
CA VAL C 120 11.85 -6.82 12.44
C VAL C 120 11.65 -6.59 10.95
N TYR C 121 11.51 -7.66 10.19
CA TYR C 121 11.29 -7.43 8.78
C TYR C 121 10.00 -6.66 8.60
N ASP C 122 8.94 -7.12 9.25
CA ASP C 122 7.64 -6.53 9.01
C ASP C 122 7.60 -5.11 9.34
N SER C 123 8.52 -4.62 10.15
CA SER C 123 8.61 -3.20 10.34
C SER C 123 9.47 -2.59 9.27
N LEU C 124 10.77 -2.55 9.50
CA LEU C 124 11.68 -2.01 8.53
C LEU C 124 11.69 -2.66 7.12
N GLY C 125 11.94 -3.96 7.04
CA GLY C 125 12.36 -4.57 5.77
C GLY C 125 11.39 -4.37 4.64
N GLU C 126 10.10 -4.47 4.98
CA GLU C 126 9.05 -4.62 3.97
C GLU C 126 8.81 -3.29 3.31
N GLU C 127 8.46 -2.35 4.17
CA GLU C 127 8.34 -0.97 3.75
C GLU C 127 9.46 -0.56 2.80
N PHE C 128 10.71 -0.69 3.21
CA PHE C 128 11.83 -0.48 2.30
C PHE C 128 11.71 -1.21 0.93
N LEU C 129 11.37 -2.49 0.92
CA LEU C 129 11.19 -3.24 -0.34
C LEU C 129 10.15 -2.56 -1.16
N ASP C 130 9.09 -2.08 -0.50
CA ASP C 130 8.07 -1.33 -1.18
C ASP C 130 8.75 -0.24 -1.95
N HIS C 131 9.57 0.53 -1.26
CA HIS C 131 10.24 1.66 -1.88
C HIS C 131 11.04 1.24 -3.10
N ASN C 132 11.71 0.11 -2.98
CA ASN C 132 12.46 -0.44 -4.09
C ASN C 132 11.59 -0.60 -5.31
N PHE C 133 10.50 -1.34 -5.17
CA PHE C 133 9.63 -1.61 -6.30
C PHE C 133 8.97 -0.36 -6.85
N GLU C 134 8.86 0.65 -6.01
CA GLU C 134 8.41 1.93 -6.50
C GLU C 134 9.58 2.67 -7.23
N GLY C 135 10.76 2.06 -7.23
CA GLY C 135 11.88 2.55 -7.98
C GLY C 135 12.81 3.41 -7.17
N TYR C 136 12.90 3.18 -5.88
CA TYR C 136 13.83 3.96 -5.11
C TYR C 136 15.11 3.14 -4.89
N HIS C 137 16.24 3.82 -4.69
CA HIS C 137 17.43 3.11 -4.20
C HIS C 137 17.37 3.00 -2.68
N THR C 138 17.43 1.77 -2.22
CA THR C 138 17.32 1.54 -0.83
C THR C 138 18.71 1.21 -0.25
N CYS C 139 18.88 1.40 1.06
CA CYS C 139 20.04 0.85 1.73
C CYS C 139 19.87 0.67 3.23
N ILE C 140 20.04 -0.56 3.70
CA ILE C 140 19.99 -0.81 5.13
C ILE C 140 21.28 -1.37 5.63
N PHE C 141 21.90 -0.66 6.58
CA PHE C 141 23.10 -1.18 7.21
C PHE C 141 22.99 -1.48 8.71
N ALA C 142 23.57 -2.62 9.08
CA ALA C 142 23.67 -3.01 10.47
C ALA C 142 25.01 -2.47 11.00
N TYR C 143 24.95 -1.85 12.16
CA TYR C 143 26.08 -1.23 12.82
C TYR C 143 26.00 -1.62 14.31
N GLY C 144 27.17 -1.75 14.95
CA GLY C 144 27.28 -2.07 16.40
C GLY C 144 28.55 -2.82 16.69
N GLN C 145 28.77 -3.14 17.96
CA GLN C 145 30.00 -3.86 18.33
C GLN C 145 29.92 -5.29 17.85
N THR C 146 31.08 -5.94 17.79
CA THR C 146 31.17 -7.35 17.46
C THR C 146 30.33 -8.13 18.45
N GLY C 147 29.55 -9.06 17.92
CA GLY C 147 28.74 -9.90 18.77
C GLY C 147 27.48 -9.20 19.22
N SER C 148 27.24 -8.01 18.70
CA SER C 148 26.01 -7.33 19.05
C SER C 148 24.77 -7.91 18.32
N GLY C 149 24.96 -8.61 17.21
CA GLY C 149 23.84 -9.18 16.48
C GLY C 149 23.68 -8.59 15.08
N LYS C 150 24.71 -7.92 14.58
CA LYS C 150 24.64 -7.39 13.23
C LYS C 150 24.30 -8.47 12.23
N SER C 151 25.13 -9.53 12.20
CA SER C 151 24.98 -10.62 11.25
C SER C 151 23.67 -11.30 11.52
N TYR C 152 23.32 -11.55 12.78
CA TYR C 152 22.05 -12.23 13.09
C TYR C 152 20.91 -11.44 12.53
N THR C 153 20.95 -10.12 12.69
CA THR C 153 19.88 -9.33 12.17
C THR C 153 19.75 -9.40 10.66
N MET C 154 20.86 -9.13 9.94
CA MET C 154 20.86 -8.96 8.49
C MET C 154 20.59 -10.27 7.79
N MET C 155 21.20 -11.31 8.32
CA MET C 155 21.26 -12.59 7.66
C MET C 155 20.54 -13.67 8.48
N GLY C 156 20.80 -13.72 9.78
CA GLY C 156 20.04 -14.59 10.67
C GLY C 156 20.52 -15.99 10.45
N THR C 157 19.63 -16.97 10.53
CA THR C 157 19.99 -18.35 10.64
C THR C 157 19.16 -19.15 9.68
N PRO C 158 19.55 -20.43 9.43
CA PRO C 158 18.76 -21.23 8.56
C PRO C 158 17.36 -21.24 9.08
N ASP C 159 17.19 -21.50 10.36
CA ASP C 159 15.84 -21.40 10.81
C ASP C 159 15.62 -20.22 11.70
N GLN C 160 16.47 -19.23 11.53
CA GLN C 160 16.24 -17.95 12.14
C GLN C 160 16.47 -16.81 11.19
N PRO C 161 15.86 -16.84 9.99
CA PRO C 161 16.29 -15.98 8.87
C PRO C 161 16.12 -14.50 9.11
N GLY C 162 17.16 -13.73 8.77
CA GLY C 162 17.16 -12.28 9.00
C GLY C 162 16.69 -11.45 7.80
N LEU C 163 16.79 -10.13 7.95
CA LEU C 163 16.56 -9.18 6.84
C LEU C 163 16.79 -9.60 5.39
N ILE C 164 17.96 -10.16 5.12
CA ILE C 164 18.29 -10.46 3.75
C ILE C 164 17.40 -11.53 3.17
N PRO C 165 17.49 -12.75 3.64
CA PRO C 165 16.68 -13.76 2.96
C PRO C 165 15.19 -13.33 2.91
N ARG C 166 14.71 -12.85 4.05
CA ARG C 166 13.38 -12.29 4.17
C ARG C 166 13.06 -11.41 3.00
N THR C 167 13.95 -10.45 2.73
CA THR C 167 13.80 -9.52 1.61
C THR C 167 13.75 -10.28 0.30
N CYS C 168 14.77 -11.07 0.02
CA CYS C 168 14.75 -11.96 -1.12
C CYS C 168 13.42 -12.72 -1.24
N GLU C 169 13.04 -13.45 -0.22
CA GLU C 169 11.77 -14.11 -0.32
C GLU C 169 10.63 -13.16 -0.69
N ASP C 170 10.54 -12.04 0.01
CA ASP C 170 9.44 -11.15 -0.20
C ASP C 170 9.43 -10.76 -1.63
N LEU C 171 10.62 -10.34 -2.08
CA LEU C 171 10.87 -9.84 -3.43
C LEU C 171 10.33 -10.81 -4.41
N PHE C 172 10.89 -11.99 -4.46
CA PHE C 172 10.41 -12.94 -5.43
C PHE C 172 8.93 -13.28 -5.39
N GLN C 173 8.32 -13.36 -4.20
CA GLN C 173 6.84 -13.50 -4.12
C GLN C 173 6.10 -12.40 -4.84
N ARG C 174 6.60 -11.17 -4.71
CA ARG C 174 5.99 -10.01 -5.34
C ARG C 174 6.07 -10.19 -6.82
N ILE C 175 7.25 -10.50 -7.31
CA ILE C 175 7.44 -10.70 -8.74
C ILE C 175 6.51 -11.80 -9.25
N ALA C 176 6.43 -12.89 -8.50
CA ALA C 176 5.66 -14.05 -8.90
C ALA C 176 4.22 -13.62 -9.00
N SER C 177 3.79 -12.97 -7.94
CA SER C 177 2.43 -12.45 -7.84
C SER C 177 2.10 -11.35 -8.84
N ALA C 178 3.08 -10.51 -9.15
CA ALA C 178 2.94 -9.50 -10.22
C ALA C 178 2.97 -10.09 -11.66
N GLN C 179 2.85 -11.41 -11.78
CA GLN C 179 2.68 -12.00 -13.07
C GLN C 179 1.31 -11.56 -13.41
N ASP C 180 0.33 -12.42 -13.20
CA ASP C 180 -1.05 -12.17 -13.69
C ASP C 180 -1.83 -10.94 -13.11
N GLU C 181 -1.24 -10.24 -12.14
CA GLU C 181 -1.80 -8.97 -11.69
C GLU C 181 -1.38 -7.90 -12.68
N THR C 182 -0.15 -7.99 -13.20
CA THR C 182 0.36 -6.97 -14.13
C THR C 182 1.20 -7.64 -15.23
N PRO C 183 0.55 -8.36 -16.16
CA PRO C 183 1.39 -9.11 -17.09
C PRO C 183 2.18 -8.28 -18.12
N ASN C 184 1.80 -7.03 -18.41
CA ASN C 184 2.65 -6.22 -19.32
C ASN C 184 3.96 -5.73 -18.64
N ILE C 185 4.06 -5.96 -17.34
CA ILE C 185 5.22 -5.58 -16.55
C ILE C 185 5.92 -6.87 -16.11
N SER C 186 7.24 -6.84 -15.96
CA SER C 186 7.97 -8.03 -15.60
C SER C 186 9.33 -7.65 -15.03
N TYR C 187 9.97 -8.56 -14.29
CA TYR C 187 11.14 -8.12 -13.54
C TYR C 187 12.34 -8.93 -13.80
N ASN C 188 13.45 -8.41 -13.32
CA ASN C 188 14.74 -8.81 -13.75
C ASN C 188 15.77 -8.60 -12.62
N VAL C 189 16.17 -9.66 -11.94
CA VAL C 189 17.00 -9.48 -10.75
C VAL C 189 18.45 -9.97 -10.93
N LYS C 190 19.39 -9.15 -10.47
CA LYS C 190 20.80 -9.53 -10.42
C LYS C 190 21.25 -9.21 -9.04
N VAL C 191 22.08 -10.09 -8.53
CA VAL C 191 22.68 -9.94 -7.21
C VAL C 191 24.21 -9.88 -7.34
N SER C 192 24.79 -9.08 -6.47
CA SER C 192 26.21 -8.91 -6.44
C SER C 192 26.53 -8.87 -4.97
N TYR C 193 27.79 -9.07 -4.61
CA TYR C 193 28.15 -9.30 -3.20
C TYR C 193 29.65 -9.11 -3.07
N PHE C 194 30.05 -8.25 -2.14
CA PHE C 194 31.46 -7.97 -1.93
C PHE C 194 31.71 -7.52 -0.50
N GLU C 195 32.92 -7.77 -0.05
CA GLU C 195 33.32 -7.32 1.24
C GLU C 195 34.51 -6.44 1.07
N VAL C 196 34.60 -5.48 1.97
CA VAL C 196 35.80 -4.72 2.11
C VAL C 196 36.47 -5.11 3.39
N TYR C 197 37.80 -5.19 3.36
CA TYR C 197 38.62 -5.69 4.43
C TYR C 197 39.99 -5.07 4.22
N ASN C 198 40.49 -4.34 5.22
CA ASN C 198 41.81 -3.70 5.10
C ASN C 198 41.91 -2.76 3.95
N GLU C 199 40.83 -2.04 3.70
CA GLU C 199 40.66 -1.20 2.50
C GLU C 199 40.92 -1.99 1.24
N HIS C 200 40.52 -3.26 1.24
CA HIS C 200 40.52 -4.03 0.00
C HIS C 200 39.13 -4.50 -0.32
N VAL C 201 38.79 -4.45 -1.60
CA VAL C 201 37.50 -4.96 -2.03
C VAL C 201 37.69 -6.31 -2.69
N ARG C 202 36.93 -7.34 -2.27
CA ARG C 202 36.96 -8.60 -3.02
C ARG C 202 35.59 -9.09 -3.43
N ASP C 203 35.50 -9.75 -4.58
CA ASP C 203 34.22 -10.14 -5.16
C ASP C 203 33.80 -11.47 -4.59
N LEU C 204 32.91 -11.44 -3.61
CA LEU C 204 32.55 -12.63 -2.91
C LEU C 204 31.91 -13.71 -3.78
N LEU C 205 31.40 -13.33 -4.94
CA LEU C 205 30.80 -14.30 -5.84
C LEU C 205 31.75 -14.81 -6.91
N ALA C 206 32.87 -14.12 -7.11
CA ALA C 206 33.86 -14.56 -8.08
C ALA C 206 34.31 -15.93 -7.66
N PRO C 207 34.61 -16.82 -8.63
CA PRO C 207 35.16 -18.15 -8.31
C PRO C 207 36.46 -17.99 -7.54
N VAL C 208 36.77 -18.92 -6.65
CA VAL C 208 38.07 -18.85 -5.98
C VAL C 208 38.92 -20.08 -6.32
N VAL C 209 40.23 -19.87 -6.43
CA VAL C 209 41.14 -20.87 -6.97
C VAL C 209 42.28 -21.10 -5.98
N PRO C 210 42.56 -22.38 -5.66
CA PRO C 210 43.72 -22.84 -4.89
C PRO C 210 45.06 -22.19 -5.28
N ASN C 211 46.08 -22.41 -4.45
CA ASN C 211 47.32 -21.61 -4.42
C ASN C 211 46.95 -20.12 -4.48
N LYS C 212 45.90 -19.77 -3.74
CA LYS C 212 45.17 -18.48 -3.88
C LYS C 212 46.02 -17.22 -3.78
N PRO C 213 46.13 -16.51 -4.90
CA PRO C 213 46.57 -15.12 -4.76
C PRO C 213 45.34 -14.23 -4.66
N PRO C 214 44.90 -13.88 -3.40
CA PRO C 214 43.59 -13.20 -3.22
C PRO C 214 43.53 -12.00 -4.15
N TYR C 215 42.41 -11.82 -4.84
CA TYR C 215 42.35 -10.88 -5.95
C TYR C 215 41.41 -9.70 -5.71
N TYR C 216 41.96 -8.48 -5.72
CA TYR C 216 41.17 -7.29 -5.37
C TYR C 216 40.61 -6.48 -6.55
N LEU C 217 39.35 -6.07 -6.44
CA LEU C 217 38.67 -5.34 -7.51
C LEU C 217 38.96 -3.86 -7.35
N LYS C 218 38.86 -3.09 -8.44
CA LYS C 218 39.05 -1.62 -8.44
C LYS C 218 37.73 -0.84 -8.16
N VAL C 219 37.87 0.37 -7.62
CA VAL C 219 36.75 1.37 -7.53
C VAL C 219 36.82 2.59 -8.53
N ARG C 220 35.80 2.65 -9.39
CA ARG C 220 35.65 3.73 -10.35
C ARG C 220 34.25 4.35 -10.24
N GLU C 221 34.06 5.47 -10.95
CA GLU C 221 32.93 6.38 -10.67
C GLU C 221 32.04 6.77 -11.86
N SER C 222 30.85 6.18 -11.84
CA SER C 222 29.73 6.53 -12.73
C SER C 222 29.41 7.98 -12.54
N PRO C 223 29.63 8.78 -13.58
CA PRO C 223 29.43 10.20 -13.48
C PRO C 223 27.98 10.41 -13.13
N THR C 224 27.18 9.35 -13.16
CA THR C 224 25.75 9.48 -13.00
C THR C 224 25.18 8.63 -11.89
N GLU C 225 25.65 7.38 -11.76
CA GLU C 225 25.23 6.41 -10.70
C GLU C 225 26.37 6.17 -9.64
N GLY C 226 27.08 7.25 -9.30
CA GLY C 226 27.97 7.32 -8.13
C GLY C 226 29.32 6.63 -8.31
N PRO C 227 29.98 6.22 -7.19
CA PRO C 227 31.02 5.17 -7.10
C PRO C 227 30.46 3.79 -7.31
N TYR C 228 31.33 2.86 -7.68
CA TYR C 228 31.00 1.41 -7.84
C TYR C 228 32.31 0.59 -7.99
N VAL C 229 32.19 -0.75 -7.93
CA VAL C 229 33.34 -1.66 -8.06
C VAL C 229 33.55 -2.15 -9.50
N LYS C 230 34.68 -1.78 -10.10
CA LYS C 230 34.97 -2.20 -11.47
C LYS C 230 35.09 -3.71 -11.60
N ASP C 231 34.02 -4.31 -12.13
CA ASP C 231 34.01 -5.64 -12.72
C ASP C 231 33.46 -6.60 -11.75
N LEU C 232 32.78 -6.14 -10.73
CA LEU C 232 32.14 -7.07 -9.76
C LEU C 232 31.14 -8.02 -10.43
N THR C 233 31.25 -9.32 -10.18
CA THR C 233 30.30 -10.20 -10.85
C THR C 233 28.88 -9.93 -10.33
N GLU C 234 27.98 -9.72 -11.28
CA GLU C 234 26.58 -9.58 -10.96
C GLU C 234 25.91 -10.80 -11.52
N VAL C 235 25.06 -11.47 -10.76
CA VAL C 235 24.56 -12.74 -11.23
C VAL C 235 23.08 -12.75 -11.41
N PRO C 236 22.61 -12.83 -12.68
CA PRO C 236 21.17 -12.85 -12.90
C PRO C 236 20.59 -14.00 -12.10
N VAL C 237 19.54 -13.74 -11.35
CA VAL C 237 18.95 -14.75 -10.51
C VAL C 237 17.46 -14.84 -10.75
N ARG C 238 17.07 -16.07 -11.06
CA ARG C 238 15.73 -16.36 -11.53
C ARG C 238 14.70 -16.65 -10.44
N GLY C 239 15.17 -17.02 -9.24
CA GLY C 239 14.30 -17.41 -8.12
C GLY C 239 14.90 -17.19 -6.75
N LEU C 240 14.06 -17.36 -5.71
CA LEU C 240 14.50 -17.31 -4.31
C LEU C 240 15.67 -18.18 -4.21
N GLU C 241 15.41 -19.42 -4.59
CA GLU C 241 16.36 -20.49 -4.55
C GLU C 241 17.69 -20.07 -5.17
N GLU C 242 17.62 -19.46 -6.35
CA GLU C 242 18.83 -19.03 -7.00
C GLU C 242 19.52 -17.96 -6.20
N ILE C 243 18.80 -16.90 -5.86
CA ILE C 243 19.44 -15.85 -5.07
C ILE C 243 20.05 -16.38 -3.76
N ILE C 244 19.26 -17.10 -2.95
CA ILE C 244 19.79 -17.43 -1.64
C ILE C 244 20.91 -18.45 -1.76
N ARG C 245 21.00 -19.08 -2.94
CA ARG C 245 22.23 -19.83 -3.27
C ARG C 245 23.42 -18.88 -3.32
N TRP C 246 23.31 -17.79 -4.09
CA TRP C 246 24.47 -16.98 -4.34
C TRP C 246 24.88 -16.22 -3.11
N MET C 247 23.89 -15.94 -2.27
CA MET C 247 24.13 -15.37 -0.97
C MET C 247 25.02 -16.30 -0.15
N ARG C 248 24.68 -17.58 -0.13
CA ARG C 248 25.39 -18.59 0.65
C ARG C 248 26.81 -18.73 0.18
N ILE C 249 27.02 -18.66 -1.14
CA ILE C 249 28.33 -18.80 -1.76
C ILE C 249 29.17 -17.69 -1.24
N GLY C 250 28.74 -16.49 -1.62
CA GLY C 250 29.46 -15.27 -1.32
C GLY C 250 29.81 -15.27 0.13
N ASP C 251 28.87 -15.72 0.94
CA ASP C 251 29.05 -15.69 2.35
C ASP C 251 30.24 -16.51 2.80
N GLY C 252 30.22 -17.79 2.44
CA GLY C 252 31.32 -18.67 2.77
C GLY C 252 32.59 -18.25 2.08
N SER C 253 32.61 -17.06 1.50
CA SER C 253 33.83 -16.63 0.88
C SER C 253 34.46 -15.50 1.64
N ARG C 254 33.76 -15.02 2.66
CA ARG C 254 34.29 -13.93 3.43
C ARG C 254 35.51 -14.25 4.19
N THR C 255 36.20 -13.20 4.61
CA THR C 255 37.47 -13.37 5.31
C THR C 255 37.22 -14.07 6.63
N VAL C 256 38.11 -15.01 6.95
CA VAL C 256 38.00 -15.87 8.17
C VAL C 256 38.67 -15.21 9.38
N ALA C 257 37.92 -15.00 10.46
CA ALA C 257 38.50 -14.43 11.69
C ALA C 257 39.55 -15.36 12.28
N SER C 258 40.68 -14.83 12.71
CA SER C 258 41.60 -15.65 13.48
C SER C 258 41.64 -15.13 14.90
N THR C 259 40.60 -15.43 15.63
CA THR C 259 40.40 -14.93 16.98
C THR C 259 39.41 -15.93 17.56
N LYS C 260 38.37 -16.23 16.75
CA LYS C 260 37.45 -17.36 16.92
C LYS C 260 38.04 -18.57 16.16
N MET C 261 37.52 -19.75 16.47
CA MET C 261 37.80 -20.96 15.71
C MET C 261 37.29 -20.77 14.28
N ASN C 262 36.03 -20.39 14.16
CA ASN C 262 35.27 -20.70 12.99
C ASN C 262 34.33 -19.59 12.70
N ASP C 263 34.87 -18.48 12.21
CA ASP C 263 34.02 -17.29 12.07
C ASP C 263 34.46 -16.34 10.99
N THR C 264 33.56 -15.45 10.62
CA THR C 264 33.88 -14.37 9.71
C THR C 264 34.62 -13.29 10.46
N SER C 265 35.65 -12.74 9.81
CA SER C 265 36.45 -11.64 10.37
C SER C 265 35.67 -10.46 10.92
N SER C 266 35.91 -10.17 12.19
CA SER C 266 35.16 -9.12 12.85
C SER C 266 35.39 -7.79 12.16
N ARG C 267 36.35 -7.76 11.24
CA ARG C 267 36.82 -6.53 10.63
C ARG C 267 36.58 -6.52 9.12
N SER C 268 35.65 -7.32 8.65
CA SER C 268 35.27 -7.28 7.26
C SER C 268 33.88 -6.66 7.22
N HIS C 269 33.66 -5.69 6.33
CA HIS C 269 32.29 -5.20 6.05
C HIS C 269 31.80 -5.93 4.80
N ALA C 270 30.53 -6.37 4.79
CA ALA C 270 29.96 -6.98 3.57
C ALA C 270 28.76 -6.25 3.05
N VAL C 271 28.77 -6.08 1.76
CA VAL C 271 27.71 -5.37 1.09
C VAL C 271 27.04 -6.32 0.12
N PHE C 272 25.81 -6.65 0.46
CA PHE C 272 24.97 -7.50 -0.37
C PHE C 272 24.03 -6.57 -1.11
N THR C 273 23.95 -6.72 -2.43
CA THR C 273 23.18 -5.78 -3.20
C THR C 273 22.36 -6.47 -4.25
N ILE C 274 21.07 -6.16 -4.26
CA ILE C 274 20.13 -6.71 -5.26
C ILE C 274 19.80 -5.60 -6.22
N MET C 275 20.22 -5.72 -7.48
CA MET C 275 19.71 -4.80 -8.47
C MET C 275 18.45 -5.41 -9.11
N LEU C 276 17.37 -4.63 -9.04
CA LEU C 276 16.03 -5.01 -9.48
C LEU C 276 15.59 -4.10 -10.60
N LYS C 277 15.42 -4.68 -11.78
CA LYS C 277 14.96 -3.93 -12.92
C LYS C 277 13.59 -4.36 -13.36
N GLN C 278 12.69 -3.37 -13.42
CA GLN C 278 11.29 -3.48 -13.82
C GLN C 278 11.15 -3.04 -15.29
N ILE C 279 10.69 -3.95 -16.13
CA ILE C 279 10.51 -3.67 -17.55
C ILE C 279 9.02 -3.62 -17.88
N HIS C 280 8.65 -2.62 -18.69
CA HIS C 280 7.26 -2.34 -19.02
C HIS C 280 6.96 -2.44 -20.54
N THR C 288 9.75 -2.39 -23.76
CA THR C 288 10.12 -1.18 -24.50
C THR C 288 10.71 -0.12 -23.54
N THR C 289 10.25 -0.11 -22.29
CA THR C 289 10.72 0.87 -21.32
C THR C 289 10.95 0.24 -19.98
N GLU C 290 12.06 0.62 -19.33
CA GLU C 290 12.46 -0.03 -18.06
C GLU C 290 13.19 0.91 -17.11
N ARG C 291 13.20 0.57 -15.82
CA ARG C 291 14.05 1.31 -14.89
C ARG C 291 14.41 0.41 -13.75
N SER C 292 15.50 0.73 -13.07
CA SER C 292 16.00 -0.16 -12.05
C SER C 292 16.42 0.57 -10.82
N SER C 293 15.99 0.00 -9.68
CA SER C 293 16.40 0.38 -8.34
C SER C 293 17.38 -0.69 -7.82
N ARG C 294 18.20 -0.34 -6.85
CA ARG C 294 19.18 -1.27 -6.27
C ARG C 294 19.06 -1.37 -4.73
N ILE C 295 18.99 -2.60 -4.22
CA ILE C 295 18.82 -2.78 -2.81
C ILE C 295 20.17 -3.06 -2.21
N ARG C 296 20.59 -2.23 -1.27
CA ARG C 296 21.91 -2.36 -0.69
C ARG C 296 21.70 -2.79 0.74
N LEU C 297 22.29 -3.92 1.12
CA LEU C 297 22.13 -4.47 2.46
C LEU C 297 23.49 -4.76 3.10
N VAL C 298 23.76 -4.10 4.20
CA VAL C 298 25.13 -4.09 4.67
C VAL C 298 25.33 -4.68 6.07
N ASP C 299 26.29 -5.62 6.18
CA ASP C 299 26.75 -6.12 7.46
C ASP C 299 28.14 -5.54 7.76
N LEU C 300 28.16 -4.44 8.49
CA LEU C 300 29.38 -3.74 8.79
C LEU C 300 30.32 -4.50 9.71
N ALA C 301 31.61 -4.14 9.65
CA ALA C 301 32.55 -4.62 10.67
C ALA C 301 32.18 -4.02 12.00
N GLY C 302 32.29 -4.81 13.05
CA GLY C 302 32.08 -4.32 14.40
C GLY C 302 32.73 -2.98 14.76
N SER C 303 32.19 -2.34 15.78
CA SER C 303 32.54 -0.98 16.09
C SER C 303 33.44 -0.76 17.31
N GLU C 304 33.98 -1.80 17.95
CA GLU C 304 34.66 -1.69 19.27
C GLU C 304 35.95 -0.88 19.34
N ARG C 305 36.33 -0.33 20.52
CA ARG C 305 37.69 0.28 20.75
C ARG C 305 38.77 -0.80 20.75
N SER C 320 45.85 1.97 2.59
CA SER C 320 45.06 0.94 3.27
C SER C 320 45.53 0.72 4.73
N ASN C 321 44.58 0.86 5.65
CA ASN C 321 44.82 0.41 7.03
C ASN C 321 43.66 -0.43 7.52
N ILE C 322 43.97 -1.49 8.27
CA ILE C 322 42.91 -2.40 8.73
C ILE C 322 41.69 -1.73 9.39
N ASN C 323 41.84 -0.49 9.90
CA ASN C 323 40.64 0.24 10.44
C ASN C 323 39.89 1.35 9.65
N LYS C 324 40.68 2.31 9.13
CA LYS C 324 40.23 3.42 8.24
C LYS C 324 38.72 3.48 7.96
N SER C 325 38.17 2.38 7.43
CA SER C 325 36.83 2.35 6.91
C SER C 325 35.84 2.65 8.02
N LEU C 326 35.81 1.76 9.01
CA LEU C 326 34.77 1.79 10.04
C LEU C 326 34.89 3.03 10.91
N THR C 327 36.11 3.49 11.07
CA THR C 327 36.31 4.71 11.82
C THR C 327 35.96 5.97 11.00
N THR C 328 36.37 6.07 9.73
CA THR C 328 35.99 7.24 8.94
C THR C 328 34.51 7.24 8.65
N LEU C 329 33.86 6.09 8.73
CA LEU C 329 32.39 6.06 8.60
C LEU C 329 31.82 6.91 9.71
N GLY C 330 32.20 6.61 10.94
CA GLY C 330 31.81 7.47 12.02
C GLY C 330 31.96 8.94 11.70
N ARG C 331 33.13 9.30 11.17
CA ARG C 331 33.43 10.71 10.83
C ARG C 331 32.46 11.27 9.84
N VAL C 332 31.97 10.40 8.94
CA VAL C 332 30.98 10.81 7.96
C VAL C 332 29.67 11.09 8.69
N ILE C 333 29.07 10.08 9.33
CA ILE C 333 27.80 10.27 10.00
C ILE C 333 27.86 11.53 10.80
N ALA C 334 29.00 11.77 11.45
CA ALA C 334 29.24 12.98 12.23
C ALA C 334 29.11 14.27 11.40
N ALA C 335 29.69 14.25 10.19
CA ALA C 335 29.68 15.37 9.25
C ALA C 335 28.29 15.71 8.83
N LEU C 336 27.55 14.69 8.44
CA LEU C 336 26.17 14.79 7.97
C LEU C 336 25.10 15.14 9.01
N ALA C 337 25.39 15.07 10.29
CA ALA C 337 24.41 15.49 11.26
C ALA C 337 24.76 16.88 11.83
N ASP C 338 25.59 16.89 12.87
CA ASP C 338 26.05 18.12 13.55
C ASP C 338 27.17 18.82 12.78
N VAL C 364 32.95 19.72 4.76
CA VAL C 364 33.23 18.69 3.77
C VAL C 364 33.11 17.32 4.39
N VAL C 365 32.20 16.53 3.82
CA VAL C 365 31.98 15.16 4.25
C VAL C 365 33.07 14.26 3.68
N PRO C 366 33.83 13.57 4.56
CA PRO C 366 35.06 12.94 4.12
C PRO C 366 34.84 11.60 3.44
N TYR C 367 33.97 11.54 2.44
CA TYR C 367 33.53 10.24 1.90
C TYR C 367 34.71 9.41 1.39
N ARG C 368 35.65 10.09 0.77
CA ARG C 368 36.69 9.39 0.06
C ARG C 368 37.88 9.03 0.95
N ASP C 369 37.86 9.43 2.21
CA ASP C 369 38.99 9.12 3.09
C ASP C 369 39.02 7.64 3.42
N SER C 370 38.08 6.87 2.85
CA SER C 370 38.03 5.44 3.06
C SER C 370 37.29 4.79 1.92
N VAL C 371 37.48 3.48 1.74
CA VAL C 371 36.91 2.76 0.62
C VAL C 371 35.48 2.57 0.88
N LEU C 372 35.17 2.15 2.10
CA LEU C 372 33.79 1.84 2.44
C LEU C 372 32.88 3.06 2.28
N THR C 373 33.30 4.17 2.89
CA THR C 373 32.51 5.36 2.89
C THR C 373 32.42 5.95 1.52
N TRP C 374 33.40 5.64 0.69
CA TRP C 374 33.33 6.13 -0.67
C TRP C 374 32.37 5.34 -1.52
N LEU C 375 32.22 4.07 -1.23
CA LEU C 375 31.35 3.25 -2.01
C LEU C 375 29.95 3.43 -1.54
N LEU C 376 29.81 3.75 -0.27
CA LEU C 376 28.49 4.02 0.27
C LEU C 376 28.12 5.49 0.21
N LYS C 377 29.03 6.28 -0.34
CA LYS C 377 28.87 7.74 -0.48
C LYS C 377 27.42 8.04 -0.75
N ASP C 378 26.88 7.33 -1.73
CA ASP C 378 25.54 7.58 -2.19
C ASP C 378 24.45 7.14 -1.21
N SER C 379 24.68 6.07 -0.47
CA SER C 379 23.68 5.56 0.47
C SER C 379 23.63 6.44 1.71
N LEU C 380 24.69 7.15 1.95
CA LEU C 380 24.78 7.96 3.13
C LEU C 380 24.58 9.46 2.81
N GLY C 381 23.55 9.84 2.09
CA GLY C 381 23.42 11.26 1.79
C GLY C 381 23.19 11.53 0.32
N GLY C 382 23.46 10.55 -0.55
CA GLY C 382 22.98 10.59 -1.96
C GLY C 382 21.54 10.13 -2.17
N ASN C 383 21.26 9.62 -3.37
CA ASN C 383 19.89 9.26 -3.73
C ASN C 383 19.56 7.88 -3.18
N SER C 384 19.18 7.85 -1.92
CA SER C 384 19.00 6.57 -1.29
C SER C 384 18.02 6.71 -0.16
N LYS C 385 16.99 5.87 -0.15
CA LYS C 385 16.24 5.67 1.06
C LYS C 385 17.10 4.72 1.86
N THR C 386 17.36 5.09 3.11
CA THR C 386 18.41 4.50 3.89
C THR C 386 18.02 4.28 5.39
N ALA C 387 18.37 3.10 5.91
CA ALA C 387 18.12 2.79 7.30
C ALA C 387 19.38 2.34 8.02
N MET C 388 19.58 2.81 9.23
CA MET C 388 20.63 2.23 10.08
C MET C 388 19.99 1.31 11.12
N ILE C 389 20.55 0.12 11.32
CA ILE C 389 20.08 -0.67 12.43
C ILE C 389 21.22 -0.77 13.41
N ALA C 390 21.14 0.02 14.48
CA ALA C 390 22.11 -0.07 15.54
C ALA C 390 21.81 -1.34 16.34
N CYS C 391 22.79 -2.25 16.37
CA CYS C 391 22.71 -3.44 17.24
C CYS C 391 23.43 -3.18 18.53
N ILE C 392 22.84 -3.59 19.65
CA ILE C 392 23.52 -3.38 20.93
C ILE C 392 23.53 -4.60 21.86
N SER C 393 24.63 -4.80 22.56
CA SER C 393 24.67 -5.88 23.55
C SER C 393 24.00 -5.44 24.85
N PRO C 394 23.25 -6.33 25.49
CA PRO C 394 22.50 -5.95 26.66
C PRO C 394 23.39 -5.79 27.86
N THR C 395 24.68 -6.07 27.71
CA THR C 395 25.62 -6.04 28.86
C THR C 395 26.74 -5.03 28.75
N ASP C 396 27.06 -4.61 27.54
CA ASP C 396 28.26 -3.81 27.35
C ASP C 396 28.01 -2.33 27.41
N TYR C 397 28.47 -1.67 28.48
CA TYR C 397 28.00 -0.32 28.72
C TYR C 397 28.51 0.67 27.73
N ASP C 398 29.83 0.85 27.66
CA ASP C 398 30.36 1.95 26.85
C ASP C 398 30.21 1.63 25.41
N GLU C 399 30.39 0.38 25.04
CA GLU C 399 30.23 0.03 23.66
C GLU C 399 28.80 0.27 23.14
N THR C 400 27.81 0.10 24.02
CA THR C 400 26.44 0.36 23.65
C THR C 400 26.17 1.85 23.59
N LEU C 401 26.63 2.58 24.58
CA LEU C 401 26.51 4.02 24.58
C LEU C 401 27.05 4.67 23.31
N SER C 402 28.17 4.16 22.81
CA SER C 402 28.73 4.63 21.56
C SER C 402 27.80 4.30 20.42
N THR C 403 27.46 3.01 20.26
CA THR C 403 26.50 2.64 19.20
C THR C 403 25.33 3.63 19.26
N LEU C 404 24.72 3.78 20.44
CA LEU C 404 23.56 4.63 20.59
C LEU C 404 23.86 6.07 20.13
N ARG C 405 24.98 6.62 20.59
CA ARG C 405 25.35 7.98 20.22
C ARG C 405 25.28 8.14 18.72
N TYR C 406 25.89 7.20 18.00
CA TYR C 406 25.89 7.30 16.57
C TYR C 406 24.48 7.24 16.00
N ALA C 407 23.74 6.20 16.33
CA ALA C 407 22.34 6.07 15.92
C ALA C 407 21.54 7.37 16.16
N ASP C 408 21.72 7.96 17.35
CA ASP C 408 21.06 9.19 17.67
C ASP C 408 21.48 10.26 16.66
N GLN C 409 22.79 10.37 16.46
CA GLN C 409 23.35 11.34 15.54
C GLN C 409 22.88 11.11 14.08
N ALA C 410 22.62 9.87 13.75
CA ALA C 410 22.29 9.49 12.39
C ALA C 410 20.85 9.88 12.02
N LYS C 411 19.99 10.00 13.02
CA LYS C 411 18.63 10.47 12.79
C LYS C 411 18.67 11.78 12.05
N ARG C 412 19.69 12.57 12.33
CA ARG C 412 19.75 13.89 11.74
C ARG C 412 20.13 13.84 10.28
N ILE C 413 20.77 12.77 9.80
CA ILE C 413 21.19 12.76 8.41
C ILE C 413 20.00 12.82 7.46
N ARG C 414 20.07 13.65 6.42
CA ARG C 414 19.05 13.62 5.41
C ARG C 414 19.58 13.26 4.03
N THR C 415 18.93 12.33 3.35
CA THR C 415 19.30 11.96 1.98
C THR C 415 18.42 12.64 0.92
N ARG C 416 18.83 12.47 -0.32
CA ARG C 416 18.24 13.18 -1.44
C ARG C 416 17.59 12.14 -2.34
N ALA C 417 16.78 11.27 -1.74
CA ALA C 417 16.18 10.04 -2.37
C ALA C 417 15.10 10.25 -3.45
N VAL C 418 15.35 9.80 -4.66
CA VAL C 418 14.46 10.14 -5.75
C VAL C 418 13.81 8.89 -6.30
N VAL C 419 13.27 8.97 -7.51
CA VAL C 419 12.84 7.78 -8.23
C VAL C 419 13.47 7.86 -9.61
N ASN C 420 14.02 6.73 -10.03
CA ASN C 420 14.90 6.69 -11.19
C ASN C 420 14.09 6.41 -12.47
N GLN C 421 14.63 6.66 -13.66
CA GLN C 421 13.90 6.18 -14.84
C GLN C 421 14.72 6.19 -16.12
N VAL C 422 14.56 5.16 -16.98
CA VAL C 422 14.98 5.17 -18.45
C VAL C 422 14.18 4.21 -19.37
N ALA D 38 -55.50 39.10 -21.14
CA ALA D 38 -54.95 40.39 -21.65
C ALA D 38 -53.64 40.76 -20.94
N ASN D 39 -53.51 40.35 -19.68
CA ASN D 39 -52.47 40.86 -18.83
C ASN D 39 -51.54 39.84 -18.24
N VAL D 40 -50.37 40.29 -17.84
CA VAL D 40 -49.41 39.46 -17.18
C VAL D 40 -50.01 38.84 -15.93
N ARG D 41 -49.93 37.51 -15.84
CA ARG D 41 -50.28 36.77 -14.61
C ARG D 41 -49.21 36.88 -13.54
N VAL D 42 -49.63 37.35 -12.36
CA VAL D 42 -48.72 37.62 -11.25
C VAL D 42 -49.07 36.72 -10.07
N VAL D 43 -48.05 36.10 -9.49
CA VAL D 43 -48.27 35.13 -8.45
C VAL D 43 -47.09 35.21 -7.46
N VAL D 44 -47.36 35.06 -6.16
CA VAL D 44 -46.25 35.09 -5.19
C VAL D 44 -46.12 33.82 -4.35
N ARG D 45 -44.92 33.57 -3.88
CA ARG D 45 -44.64 32.40 -3.08
C ARG D 45 -43.65 32.73 -1.97
N VAL D 46 -44.16 32.70 -0.74
CA VAL D 46 -43.33 32.86 0.44
C VAL D 46 -42.74 31.50 0.80
N ARG D 47 -41.45 31.45 1.14
CA ARG D 47 -40.85 30.16 1.44
C ARG D 47 -40.71 29.94 2.90
N ALA D 48 -40.23 28.74 3.26
CA ALA D 48 -40.03 28.34 4.64
C ALA D 48 -38.83 29.02 5.23
N PHE D 49 -38.77 29.08 6.56
CA PHE D 49 -37.61 29.63 7.20
C PHE D 49 -36.38 28.87 6.77
N LEU D 50 -35.24 29.57 6.78
CA LEU D 50 -33.93 28.95 6.62
C LEU D 50 -33.31 28.60 7.98
N PRO D 51 -32.58 27.47 8.03
CA PRO D 51 -31.90 27.08 9.25
C PRO D 51 -31.29 28.28 9.92
N ARG D 52 -30.58 29.12 9.16
CA ARG D 52 -29.93 30.34 9.71
C ARG D 52 -30.92 31.19 10.53
N GLU D 53 -32.10 31.40 9.94
CA GLU D 53 -33.19 32.17 10.54
C GLU D 53 -33.84 31.36 11.65
N LEU D 54 -34.11 30.10 11.35
CA LEU D 54 -34.71 29.19 12.30
C LEU D 54 -33.98 29.27 13.65
N GLU D 55 -32.65 29.26 13.57
CA GLU D 55 -31.74 29.42 14.70
C GLU D 55 -32.12 30.58 15.60
N ARG D 56 -32.64 31.65 15.01
CA ARG D 56 -32.78 32.94 15.66
C ARG D 56 -34.15 33.13 16.35
N ASN D 57 -34.99 32.10 16.29
CA ASN D 57 -36.42 32.25 16.57
C ASN D 57 -36.92 33.39 15.70
N ALA D 58 -36.40 33.44 14.47
CA ALA D 58 -36.59 34.55 13.55
C ALA D 58 -38.06 34.75 13.24
N GLU D 59 -38.49 36.00 13.26
CA GLU D 59 -39.90 36.32 13.18
C GLU D 59 -40.41 36.11 11.77
N CYS D 60 -41.70 35.83 11.67
CA CYS D 60 -42.35 35.68 10.37
C CYS D 60 -43.36 36.81 10.14
N ILE D 61 -43.23 37.50 9.01
CA ILE D 61 -44.00 38.73 8.77
C ILE D 61 -44.86 38.68 7.52
N VAL D 62 -45.10 37.48 7.01
CA VAL D 62 -45.94 37.31 5.81
C VAL D 62 -47.14 36.43 6.13
N GLU D 63 -48.32 36.82 5.67
CA GLU D 63 -49.49 36.01 5.90
C GLU D 63 -50.34 35.91 4.66
N MET D 64 -50.64 34.69 4.25
CA MET D 64 -51.51 34.46 3.09
C MET D 64 -52.83 33.85 3.51
N ASP D 65 -53.91 34.43 3.00
CA ASP D 65 -55.24 33.88 3.21
C ASP D 65 -55.49 32.70 2.28
N PRO D 66 -55.90 31.52 2.83
CA PRO D 66 -56.22 30.40 1.93
C PRO D 66 -57.24 30.82 0.86
N ALA D 67 -58.38 31.37 1.32
CA ALA D 67 -59.54 31.76 0.48
C ALA D 67 -59.26 32.87 -0.57
N THR D 68 -59.37 34.14 -0.18
CA THR D 68 -58.89 35.22 -1.04
C THR D 68 -57.43 34.93 -1.43
N GLU D 69 -56.98 35.43 -2.55
CA GLU D 69 -55.61 35.14 -2.94
C GLU D 69 -54.71 36.27 -2.46
N ARG D 70 -54.81 36.56 -1.18
CA ARG D 70 -54.27 37.76 -0.60
C ARG D 70 -52.98 37.51 0.15
N THR D 71 -52.05 38.44 0.00
CA THR D 71 -50.80 38.38 0.74
C THR D 71 -50.68 39.63 1.59
N SER D 72 -50.35 39.43 2.87
CA SER D 72 -50.22 40.51 3.83
C SER D 72 -48.81 40.58 4.40
N LEU D 73 -48.21 41.75 4.27
CA LEU D 73 -46.93 42.07 4.90
C LEU D 73 -47.24 42.71 6.27
N LEU D 74 -46.86 41.99 7.31
CA LEU D 74 -47.16 42.39 8.70
C LEU D 74 -46.09 43.30 9.28
N VAL D 75 -46.31 43.76 10.50
CA VAL D 75 -45.41 44.69 11.15
C VAL D 75 -44.66 43.92 12.22
N PRO D 76 -43.32 43.81 12.09
CA PRO D 76 -42.54 43.05 13.11
C PRO D 76 -42.68 43.57 14.57
N GLN D 77 -42.62 42.64 15.53
CA GLN D 77 -42.73 42.99 16.95
C GLN D 77 -41.35 43.16 17.59
N LEU D 93 -42.84 49.77 9.29
CA LEU D 93 -43.58 50.88 9.89
C LEU D 93 -45.10 50.72 9.67
N GLU D 94 -45.53 49.72 8.86
CA GLU D 94 -46.96 49.50 8.55
C GLU D 94 -47.39 48.16 7.91
N GLU D 95 -48.70 47.88 7.95
CA GLU D 95 -49.24 46.63 7.34
C GLU D 95 -49.82 46.81 5.93
N LYS D 96 -49.43 45.96 5.00
CA LYS D 96 -49.87 46.13 3.62
C LYS D 96 -50.48 44.83 3.05
N SER D 97 -51.67 44.93 2.47
CA SER D 97 -52.33 43.80 1.75
C SER D 97 -52.16 43.90 0.25
N PHE D 98 -52.19 42.77 -0.42
CA PHE D 98 -52.11 42.76 -1.87
C PHE D 98 -52.94 41.58 -2.33
N THR D 99 -53.45 41.64 -3.56
CA THR D 99 -54.12 40.48 -4.12
C THR D 99 -53.40 40.07 -5.37
N PHE D 100 -53.24 38.78 -5.56
CA PHE D 100 -52.61 38.29 -6.77
C PHE D 100 -53.39 37.17 -7.36
N ASP D 101 -52.94 36.72 -8.51
CA ASP D 101 -53.63 35.65 -9.21
C ASP D 101 -53.51 34.38 -8.40
N LYS D 102 -52.33 34.12 -7.83
CA LYS D 102 -52.23 33.20 -6.69
C LYS D 102 -51.25 33.69 -5.64
N SER D 103 -51.55 33.44 -4.38
CA SER D 103 -50.62 33.72 -3.33
C SER D 103 -50.21 32.38 -2.75
N PHE D 104 -49.03 31.91 -3.12
CA PHE D 104 -48.58 30.57 -2.69
C PHE D 104 -47.90 30.53 -1.31
N TRP D 105 -48.56 29.85 -0.38
CA TRP D 105 -48.04 29.73 0.97
C TRP D 105 -47.17 28.50 1.05
N SER D 106 -45.87 28.68 0.86
CA SER D 106 -44.95 27.54 0.91
C SER D 106 -44.02 27.62 2.11
N HIS D 107 -44.53 28.24 3.18
CA HIS D 107 -43.75 28.58 4.35
C HIS D 107 -43.81 27.57 5.49
N ASN D 108 -44.95 26.91 5.70
CA ASN D 108 -45.00 25.82 6.70
C ASN D 108 -45.71 24.53 6.33
N THR D 109 -44.94 23.45 6.27
CA THR D 109 -45.39 22.12 5.84
C THR D 109 -46.77 21.74 6.38
N GLU D 110 -46.90 21.79 7.71
CA GLU D 110 -48.08 21.28 8.41
C GLU D 110 -49.31 22.18 8.29
N ASP D 111 -49.20 23.30 7.58
CA ASP D 111 -50.33 24.18 7.37
C ASP D 111 -51.30 23.58 6.37
N GLU D 112 -52.58 23.91 6.56
CA GLU D 112 -53.69 23.36 5.76
C GLU D 112 -53.68 23.83 4.31
N HIS D 113 -53.16 25.03 4.08
CA HIS D 113 -53.09 25.65 2.76
C HIS D 113 -51.65 25.70 2.21
N TYR D 114 -50.84 24.71 2.59
CA TYR D 114 -49.45 24.66 2.13
C TYR D 114 -49.36 24.43 0.61
N ALA D 115 -48.42 25.04 -0.08
CA ALA D 115 -48.37 24.86 -1.52
C ALA D 115 -47.13 24.11 -1.99
N THR D 116 -47.30 22.85 -2.35
CA THR D 116 -46.15 22.07 -2.77
C THR D 116 -45.58 22.52 -4.11
N GLN D 117 -44.39 22.05 -4.44
CA GLN D 117 -43.88 22.23 -5.77
C GLN D 117 -44.87 21.72 -6.81
N GLU D 118 -45.40 20.53 -6.57
CA GLU D 118 -46.40 19.99 -7.45
C GLU D 118 -47.61 20.89 -7.60
N HIS D 119 -48.01 21.50 -6.50
CA HIS D 119 -49.22 22.27 -6.53
C HIS D 119 -48.97 23.60 -7.23
N VAL D 120 -47.76 24.11 -7.14
CA VAL D 120 -47.43 25.31 -7.88
C VAL D 120 -47.46 25.01 -9.34
N TYR D 121 -46.87 23.90 -9.77
CA TYR D 121 -46.98 23.54 -11.17
C TYR D 121 -48.43 23.43 -11.55
N ASP D 122 -49.18 22.67 -10.77
CA ASP D 122 -50.52 22.35 -11.18
C ASP D 122 -51.34 23.58 -11.44
N SER D 123 -51.04 24.65 -10.72
CA SER D 123 -51.73 25.91 -10.92
C SER D 123 -51.16 26.61 -12.14
N LEU D 124 -50.05 27.31 -11.95
CA LEU D 124 -49.36 27.97 -13.03
C LEU D 124 -48.86 27.06 -14.18
N GLY D 125 -47.86 26.25 -13.90
CA GLY D 125 -47.07 25.61 -14.96
C GLY D 125 -47.86 24.87 -16.03
N GLU D 126 -48.85 24.12 -15.60
CA GLU D 126 -49.56 23.24 -16.48
C GLU D 126 -50.32 24.09 -17.45
N GLU D 127 -51.12 24.99 -16.89
CA GLU D 127 -51.95 25.88 -17.66
C GLU D 127 -51.16 26.61 -18.74
N PHE D 128 -50.00 27.11 -18.38
CA PHE D 128 -49.11 27.69 -19.38
C PHE D 128 -48.64 26.70 -20.46
N LEU D 129 -48.38 25.47 -20.07
CA LEU D 129 -47.95 24.49 -21.03
C LEU D 129 -49.08 24.20 -22.01
N ASP D 130 -50.32 24.21 -21.51
CA ASP D 130 -51.47 24.10 -22.39
C ASP D 130 -51.36 25.14 -23.47
N HIS D 131 -51.11 26.40 -23.05
CA HIS D 131 -51.02 27.52 -23.97
C HIS D 131 -49.98 27.37 -24.99
N ASN D 132 -48.85 26.84 -24.56
CA ASN D 132 -47.80 26.47 -25.50
C ASN D 132 -48.35 25.57 -26.56
N PHE D 133 -49.02 24.50 -26.15
CA PHE D 133 -49.64 23.61 -27.12
C PHE D 133 -50.68 24.35 -27.95
N GLU D 134 -51.49 25.19 -27.31
CA GLU D 134 -52.47 26.06 -27.99
C GLU D 134 -51.76 26.87 -29.11
N GLY D 135 -50.43 26.98 -29.02
CA GLY D 135 -49.62 27.75 -29.99
C GLY D 135 -49.03 29.08 -29.52
N TYR D 136 -49.09 29.40 -28.22
CA TYR D 136 -48.62 30.73 -27.76
C TYR D 136 -47.25 30.67 -27.20
N HIS D 137 -46.46 31.70 -27.44
CA HIS D 137 -45.17 31.81 -26.75
C HIS D 137 -45.46 32.11 -25.32
N THR D 138 -44.87 31.31 -24.45
CA THR D 138 -45.13 31.44 -23.05
C THR D 138 -43.91 32.03 -22.41
N CYS D 139 -44.05 32.58 -21.22
CA CYS D 139 -42.87 32.95 -20.49
C CYS D 139 -43.10 33.24 -19.01
N ILE D 140 -42.43 32.44 -18.18
CA ILE D 140 -42.56 32.56 -16.76
C ILE D 140 -41.23 32.93 -16.18
N PHE D 141 -41.19 34.04 -15.45
CA PHE D 141 -39.98 34.40 -14.79
C PHE D 141 -40.13 34.52 -13.29
N ALA D 142 -39.13 34.02 -12.58
CA ALA D 142 -39.05 34.11 -11.14
C ALA D 142 -38.31 35.36 -10.82
N TYR D 143 -38.86 36.14 -9.89
CA TYR D 143 -38.28 37.41 -9.44
C TYR D 143 -38.33 37.46 -7.90
N GLY D 144 -37.32 38.05 -7.27
CA GLY D 144 -37.31 38.23 -5.81
C GLY D 144 -35.90 38.39 -5.31
N GLN D 145 -35.74 38.69 -4.02
CA GLN D 145 -34.40 38.81 -3.48
C GLN D 145 -33.64 37.49 -3.55
N THR D 146 -32.32 37.58 -3.43
CA THR D 146 -31.48 36.39 -3.38
C THR D 146 -31.92 35.60 -2.18
N GLY D 147 -31.98 34.28 -2.33
CA GLY D 147 -32.41 33.45 -1.24
C GLY D 147 -33.92 33.42 -1.04
N SER D 148 -34.67 34.13 -1.87
CA SER D 148 -36.11 34.15 -1.68
C SER D 148 -36.78 32.91 -2.22
N GLY D 149 -36.07 32.16 -3.05
CA GLY D 149 -36.61 30.90 -3.54
C GLY D 149 -36.84 30.86 -5.02
N LYS D 150 -36.22 31.78 -5.76
CA LYS D 150 -36.33 31.81 -7.23
C LYS D 150 -35.93 30.46 -7.84
N SER D 151 -34.70 30.04 -7.56
CA SER D 151 -34.13 28.82 -8.11
C SER D 151 -34.89 27.60 -7.62
N TYR D 152 -35.33 27.63 -6.37
CA TYR D 152 -36.06 26.49 -5.86
C TYR D 152 -37.33 26.36 -6.67
N THR D 153 -38.00 27.48 -6.89
CA THR D 153 -39.27 27.46 -7.57
C THR D 153 -39.17 26.94 -9.01
N MET D 154 -38.28 27.55 -9.80
CA MET D 154 -38.09 27.24 -11.22
C MET D 154 -37.52 25.84 -11.49
N MET D 155 -36.58 25.43 -10.65
CA MET D 155 -35.74 24.30 -10.91
C MET D 155 -35.87 23.20 -9.82
N GLY D 156 -35.57 23.52 -8.56
CA GLY D 156 -35.82 22.57 -7.47
C GLY D 156 -34.70 21.62 -7.09
N THR D 157 -34.92 20.84 -6.04
CA THR D 157 -34.10 19.73 -5.56
C THR D 157 -34.27 18.55 -6.51
N PRO D 158 -33.31 17.59 -6.50
CA PRO D 158 -33.47 16.24 -7.01
C PRO D 158 -34.86 15.66 -6.81
N ASP D 159 -35.32 15.67 -5.56
CA ASP D 159 -36.65 15.16 -5.25
C ASP D 159 -37.64 16.22 -4.71
N GLN D 160 -37.27 17.50 -4.83
CA GLN D 160 -38.29 18.51 -4.84
C GLN D 160 -38.23 19.25 -6.15
N PRO D 161 -38.46 18.57 -7.30
CA PRO D 161 -38.27 19.28 -8.55
C PRO D 161 -39.30 20.39 -8.83
N GLY D 162 -38.84 21.49 -9.39
CA GLY D 162 -39.69 22.65 -9.60
C GLY D 162 -40.24 22.80 -11.01
N LEU D 163 -40.80 23.98 -11.25
CA LEU D 163 -41.36 24.37 -12.54
C LEU D 163 -40.71 23.77 -13.81
N ILE D 164 -39.39 23.88 -13.95
CA ILE D 164 -38.79 23.51 -15.21
C ILE D 164 -38.88 22.03 -15.45
N PRO D 165 -38.21 21.19 -14.63
CA PRO D 165 -38.33 19.77 -14.91
C PRO D 165 -39.78 19.33 -15.01
N ARG D 166 -40.62 19.79 -14.09
CA ARG D 166 -42.07 19.56 -14.18
C ARG D 166 -42.66 19.78 -15.57
N THR D 167 -42.35 20.92 -16.16
CA THR D 167 -42.80 21.28 -17.47
C THR D 167 -42.28 20.27 -18.46
N CYS D 168 -40.97 20.09 -18.46
CA CYS D 168 -40.35 19.10 -19.33
C CYS D 168 -41.09 17.76 -19.28
N GLU D 169 -41.18 17.19 -18.09
CA GLU D 169 -41.81 15.93 -17.97
C GLU D 169 -43.20 16.02 -18.59
N ASP D 170 -43.95 17.06 -18.20
CA ASP D 170 -45.36 17.19 -18.60
C ASP D 170 -45.38 17.15 -20.10
N LEU D 171 -44.56 18.04 -20.66
CA LEU D 171 -44.41 18.19 -22.10
C LEU D 171 -44.28 16.83 -22.75
N PHE D 172 -43.17 16.14 -22.46
CA PHE D 172 -42.92 14.87 -23.15
C PHE D 172 -43.98 13.82 -23.00
N GLN D 173 -44.63 13.75 -21.83
CA GLN D 173 -45.81 12.85 -21.64
C GLN D 173 -46.92 13.13 -22.65
N ARG D 174 -47.21 14.42 -22.83
CA ARG D 174 -48.22 14.88 -23.78
C ARG D 174 -47.81 14.37 -25.13
N ILE D 175 -46.57 14.70 -25.56
CA ILE D 175 -46.10 14.25 -26.86
C ILE D 175 -46.26 12.74 -27.03
N ALA D 176 -45.80 12.00 -26.03
CA ALA D 176 -45.83 10.57 -26.07
C ALA D 176 -47.25 10.13 -26.28
N SER D 177 -48.16 10.63 -25.45
CA SER D 177 -49.55 10.13 -25.47
C SER D 177 -50.21 10.38 -26.80
N ALA D 178 -49.91 11.55 -27.33
CA ALA D 178 -50.53 12.05 -28.52
C ALA D 178 -50.13 11.27 -29.79
N GLN D 179 -48.95 10.65 -29.76
CA GLN D 179 -48.40 9.95 -30.93
C GLN D 179 -49.32 8.91 -31.51
N ASP D 180 -50.35 8.55 -30.75
CA ASP D 180 -51.39 7.63 -31.24
C ASP D 180 -52.79 8.22 -31.22
N GLU D 181 -53.16 8.88 -30.11
CA GLU D 181 -54.49 9.55 -30.05
C GLU D 181 -54.72 10.68 -31.12
N THR D 182 -53.72 10.85 -32.01
CA THR D 182 -53.73 11.75 -33.21
C THR D 182 -52.39 11.68 -33.97
N PRO D 183 -52.27 10.67 -34.84
CA PRO D 183 -51.10 10.53 -35.69
C PRO D 183 -50.95 11.68 -36.68
N ASN D 184 -52.05 12.36 -37.04
CA ASN D 184 -52.05 13.51 -37.97
C ASN D 184 -50.94 14.53 -37.63
N ILE D 185 -50.55 14.52 -36.37
CA ILE D 185 -49.72 15.54 -35.82
C ILE D 185 -48.39 14.94 -35.39
N SER D 186 -47.30 15.65 -35.70
CA SER D 186 -45.94 15.27 -35.26
C SER D 186 -45.17 16.46 -34.69
N TYR D 187 -44.37 16.18 -33.66
CA TYR D 187 -43.73 17.16 -32.76
C TYR D 187 -42.24 17.21 -32.86
N ASN D 188 -41.64 18.09 -32.07
CA ASN D 188 -40.27 18.43 -32.33
C ASN D 188 -39.67 19.43 -31.35
N VAL D 189 -38.80 18.95 -30.47
CA VAL D 189 -38.32 19.82 -29.40
C VAL D 189 -36.84 20.20 -29.48
N LYS D 190 -36.54 21.46 -29.31
CA LYS D 190 -35.17 21.86 -29.15
C LYS D 190 -35.14 22.65 -27.86
N VAL D 191 -34.00 22.63 -27.18
CA VAL D 191 -33.84 23.40 -25.97
C VAL D 191 -32.58 24.24 -26.15
N SER D 192 -32.60 25.41 -25.56
CA SER D 192 -31.45 26.27 -25.56
C SER D 192 -31.40 26.82 -24.15
N TYR D 193 -30.30 27.45 -23.77
CA TYR D 193 -30.13 27.83 -22.37
C TYR D 193 -29.00 28.82 -22.31
N PHE D 194 -29.24 30.00 -21.77
CA PHE D 194 -28.20 31.01 -21.66
C PHE D 194 -28.37 31.84 -20.40
N GLU D 195 -27.27 32.39 -19.91
CA GLU D 195 -27.32 33.34 -18.84
C GLU D 195 -26.77 34.67 -19.31
N VAL D 196 -27.33 35.72 -18.74
CA VAL D 196 -26.71 37.00 -18.84
C VAL D 196 -26.09 37.37 -17.50
N TYR D 197 -24.92 37.99 -17.59
CA TYR D 197 -24.12 38.32 -16.44
C TYR D 197 -23.23 39.50 -16.79
N ASN D 198 -23.34 40.61 -16.07
CA ASN D 198 -22.58 41.78 -16.40
C ASN D 198 -22.85 42.26 -17.80
N GLU D 199 -24.11 42.28 -18.19
CA GLU D 199 -24.48 42.53 -19.58
C GLU D 199 -23.65 41.72 -20.57
N HIS D 200 -23.33 40.50 -20.20
CA HIS D 200 -22.79 39.57 -21.17
C HIS D 200 -23.68 38.36 -21.28
N VAL D 201 -23.82 37.87 -22.51
CA VAL D 201 -24.56 36.64 -22.77
C VAL D 201 -23.60 35.49 -23.01
N ARG D 202 -23.79 34.38 -22.29
CA ARG D 202 -22.99 33.18 -22.60
C ARG D 202 -23.84 31.92 -22.78
N ASP D 203 -23.42 31.05 -23.69
CA ASP D 203 -24.21 29.91 -24.11
C ASP D 203 -23.98 28.76 -23.18
N LEU D 204 -24.90 28.56 -22.26
CA LEU D 204 -24.69 27.57 -21.23
C LEU D 204 -24.57 26.15 -21.73
N LEU D 205 -25.07 25.90 -22.93
CA LEU D 205 -24.93 24.58 -23.52
C LEU D 205 -23.72 24.43 -24.45
N ALA D 206 -23.07 25.53 -24.79
CA ALA D 206 -21.86 25.45 -25.59
C ALA D 206 -20.80 24.69 -24.84
N PRO D 207 -19.96 23.92 -25.55
CA PRO D 207 -18.92 23.20 -24.86
C PRO D 207 -18.04 24.22 -24.18
N VAL D 208 -17.41 23.89 -23.06
CA VAL D 208 -16.41 24.80 -22.48
C VAL D 208 -15.00 24.19 -22.48
N VAL D 209 -14.01 25.05 -22.70
CA VAL D 209 -12.64 24.59 -22.89
C VAL D 209 -11.61 25.22 -21.92
N PRO D 210 -10.76 24.39 -21.30
CA PRO D 210 -9.67 24.82 -20.43
C PRO D 210 -8.84 25.98 -20.99
N ASN D 211 -7.97 26.54 -20.13
CA ASN D 211 -7.35 27.86 -20.33
C ASN D 211 -8.42 28.87 -20.81
N LYS D 212 -9.59 28.82 -20.14
CA LYS D 212 -10.84 29.43 -20.64
C LYS D 212 -10.75 30.93 -20.95
N PRO D 213 -10.88 31.29 -22.25
CA PRO D 213 -11.26 32.66 -22.57
C PRO D 213 -12.79 32.73 -22.70
N PRO D 214 -13.52 33.11 -21.60
CA PRO D 214 -15.00 32.98 -21.58
C PRO D 214 -15.56 33.68 -22.80
N TYR D 215 -16.51 33.03 -23.48
CA TYR D 215 -16.91 33.47 -24.83
C TYR D 215 -18.36 33.97 -24.94
N TYR D 216 -18.51 35.23 -25.35
CA TYR D 216 -19.82 35.90 -25.35
C TYR D 216 -20.51 35.91 -26.71
N LEU D 217 -21.80 35.60 -26.70
CA LEU D 217 -22.65 35.54 -27.90
C LEU D 217 -23.21 36.91 -28.19
N LYS D 218 -23.53 37.17 -29.46
CA LYS D 218 -24.08 38.47 -29.90
C LYS D 218 -25.60 38.47 -29.88
N VAL D 219 -26.21 39.64 -29.93
CA VAL D 219 -27.68 39.69 -30.13
C VAL D 219 -28.11 40.38 -31.43
N ARG D 220 -29.14 39.82 -32.05
CA ARG D 220 -29.70 40.31 -33.31
C ARG D 220 -31.23 40.17 -33.26
N GLU D 221 -31.96 40.98 -34.01
CA GLU D 221 -33.42 40.86 -34.16
C GLU D 221 -33.82 40.06 -35.40
N SER D 222 -34.57 38.98 -35.19
CA SER D 222 -35.18 38.23 -36.26
C SER D 222 -36.39 39.04 -36.62
N PRO D 223 -36.80 38.98 -37.90
CA PRO D 223 -38.08 39.56 -38.32
C PRO D 223 -39.24 38.90 -37.58
N THR D 224 -39.12 37.59 -37.37
CA THR D 224 -40.22 36.74 -36.97
C THR D 224 -40.09 36.06 -35.60
N GLU D 225 -38.86 35.97 -35.08
CA GLU D 225 -38.69 35.54 -33.70
C GLU D 225 -38.42 36.77 -32.81
N GLY D 226 -37.99 37.89 -33.40
CA GLY D 226 -37.67 39.07 -32.58
C GLY D 226 -36.21 39.02 -32.16
N PRO D 227 -35.80 39.69 -31.03
CA PRO D 227 -34.41 39.51 -30.67
C PRO D 227 -34.22 38.02 -30.41
N TYR D 228 -32.99 37.58 -30.73
CA TYR D 228 -32.52 36.23 -30.52
C TYR D 228 -30.98 36.34 -30.40
N VAL D 229 -30.40 35.45 -29.59
CA VAL D 229 -28.96 35.45 -29.41
C VAL D 229 -28.33 34.82 -30.64
N LYS D 230 -27.48 35.59 -31.35
CA LYS D 230 -26.83 35.08 -32.56
C LYS D 230 -25.95 33.90 -32.20
N ASP D 231 -26.39 32.71 -32.61
CA ASP D 231 -25.58 31.47 -32.65
C ASP D 231 -25.67 30.62 -31.43
N LEU D 232 -26.67 30.88 -30.59
CA LEU D 232 -26.90 30.08 -29.38
C LEU D 232 -27.16 28.63 -29.73
N THR D 233 -26.49 27.69 -29.06
CA THR D 233 -26.72 26.32 -29.45
C THR D 233 -28.10 25.93 -29.00
N GLU D 234 -28.87 25.41 -29.96
CA GLU D 234 -30.17 24.83 -29.69
C GLU D 234 -30.01 23.35 -29.90
N VAL D 235 -30.55 22.53 -29.00
CA VAL D 235 -30.23 21.11 -29.02
C VAL D 235 -31.46 20.26 -29.11
N PRO D 236 -31.65 19.61 -30.27
CA PRO D 236 -32.81 18.73 -30.44
C PRO D 236 -32.85 17.69 -29.34
N VAL D 237 -34.00 17.53 -28.73
CA VAL D 237 -34.13 16.66 -27.59
C VAL D 237 -35.35 15.75 -27.77
N ARG D 238 -35.18 14.44 -27.71
CA ARG D 238 -36.28 13.60 -28.11
C ARG D 238 -37.04 12.94 -26.95
N GLY D 239 -36.75 13.31 -25.71
CA GLY D 239 -37.31 12.55 -24.59
C GLY D 239 -36.85 13.15 -23.29
N LEU D 240 -37.52 12.81 -22.19
CA LEU D 240 -37.32 13.57 -20.96
C LEU D 240 -35.89 13.54 -20.53
N GLU D 241 -35.34 12.38 -20.26
CA GLU D 241 -33.96 12.30 -19.81
C GLU D 241 -33.07 13.17 -20.69
N GLU D 242 -33.13 12.91 -21.99
CA GLU D 242 -32.39 13.67 -22.96
C GLU D 242 -32.40 15.18 -22.67
N ILE D 243 -33.56 15.74 -22.35
CA ILE D 243 -33.62 17.15 -22.02
C ILE D 243 -33.11 17.50 -20.61
N ILE D 244 -33.46 16.70 -19.60
CA ILE D 244 -33.02 17.06 -18.26
C ILE D 244 -31.53 16.86 -18.17
N ARG D 245 -31.02 16.04 -19.09
CA ARG D 245 -29.60 15.94 -19.28
C ARG D 245 -29.09 17.28 -19.71
N TRP D 246 -29.58 17.84 -20.80
CA TRP D 246 -29.04 19.11 -21.26
C TRP D 246 -29.30 20.23 -20.30
N MET D 247 -30.35 20.06 -19.49
CA MET D 247 -30.63 21.04 -18.46
C MET D 247 -29.50 21.11 -17.46
N ARG D 248 -29.24 19.96 -16.83
CA ARG D 248 -28.10 19.76 -15.95
C ARG D 248 -26.77 20.26 -16.49
N ILE D 249 -26.51 20.10 -17.79
CA ILE D 249 -25.25 20.55 -18.39
C ILE D 249 -25.21 22.03 -18.21
N GLY D 250 -26.15 22.72 -18.89
CA GLY D 250 -26.26 24.18 -18.89
C GLY D 250 -26.01 24.71 -17.50
N ASP D 251 -26.80 24.20 -16.58
CA ASP D 251 -26.65 24.47 -15.19
C ASP D 251 -25.22 24.55 -14.66
N GLY D 252 -24.42 23.55 -15.01
CA GLY D 252 -23.12 23.35 -14.36
C GLY D 252 -22.10 24.25 -14.96
N SER D 253 -22.50 24.87 -16.08
CA SER D 253 -21.75 25.89 -16.79
C SER D 253 -22.07 27.35 -16.32
N ARG D 254 -22.92 27.50 -15.30
CA ARG D 254 -23.35 28.81 -14.86
C ARG D 254 -22.31 29.53 -14.05
N THR D 255 -22.31 30.85 -14.17
CA THR D 255 -21.24 31.69 -13.58
C THR D 255 -21.04 31.50 -12.09
N VAL D 256 -19.82 31.17 -11.70
CA VAL D 256 -19.57 30.83 -10.29
C VAL D 256 -19.73 32.00 -9.31
N ALA D 257 -20.51 31.75 -8.25
CA ALA D 257 -20.55 32.69 -7.13
C ALA D 257 -19.16 32.74 -6.55
N SER D 258 -18.73 33.91 -6.11
CA SER D 258 -17.40 34.04 -5.53
C SER D 258 -17.44 34.42 -4.07
N THR D 259 -18.62 34.84 -3.59
CA THR D 259 -18.82 35.04 -2.15
C THR D 259 -18.67 33.70 -1.45
N LYS D 260 -19.42 32.71 -1.95
CA LYS D 260 -19.51 31.41 -1.32
C LYS D 260 -18.81 30.31 -2.08
N MET D 261 -18.17 29.43 -1.31
CA MET D 261 -17.32 28.31 -1.79
C MET D 261 -17.78 27.54 -3.03
N ASN D 262 -19.09 27.47 -3.29
CA ASN D 262 -19.62 26.60 -4.33
C ASN D 262 -21.01 27.00 -4.78
N ASP D 263 -21.14 28.13 -5.47
CA ASP D 263 -22.46 28.50 -5.93
C ASP D 263 -22.50 29.16 -7.30
N THR D 264 -23.72 29.29 -7.84
CA THR D 264 -23.96 30.16 -8.97
C THR D 264 -24.12 31.59 -8.52
N SER D 265 -23.41 32.47 -9.20
CA SER D 265 -23.51 33.89 -9.00
C SER D 265 -24.95 34.33 -8.92
N SER D 266 -25.26 35.07 -7.86
CA SER D 266 -26.61 35.55 -7.61
C SER D 266 -26.89 36.75 -8.44
N ARG D 267 -25.92 37.15 -9.27
CA ARG D 267 -26.09 38.31 -10.12
C ARG D 267 -26.17 37.87 -11.58
N SER D 268 -26.39 36.58 -11.80
CA SER D 268 -26.57 36.01 -13.14
C SER D 268 -28.06 35.74 -13.38
N HIS D 269 -28.63 36.23 -14.49
CA HIS D 269 -30.00 35.80 -14.87
C HIS D 269 -29.89 34.63 -15.86
N ALA D 270 -30.75 33.62 -15.71
CA ALA D 270 -30.71 32.51 -16.66
C ALA D 270 -32.03 32.28 -17.29
N VAL D 271 -31.97 32.10 -18.61
CA VAL D 271 -33.13 31.90 -19.46
C VAL D 271 -33.02 30.50 -20.06
N PHE D 272 -33.87 29.62 -19.56
CA PHE D 272 -34.02 28.32 -20.13
C PHE D 272 -35.16 28.40 -21.10
N THR D 273 -34.95 27.93 -22.32
CA THR D 273 -36.00 28.00 -23.30
C THR D 273 -36.21 26.68 -24.03
N ILE D 274 -37.46 26.26 -24.19
CA ILE D 274 -37.81 25.06 -24.96
C ILE D 274 -38.55 25.50 -26.19
N MET D 275 -37.98 25.37 -27.39
CA MET D 275 -38.81 25.59 -28.56
C MET D 275 -39.49 24.30 -28.92
N LEU D 276 -40.81 24.41 -29.08
CA LEU D 276 -41.68 23.30 -29.39
C LEU D 276 -42.32 23.47 -30.75
N LYS D 277 -42.01 22.61 -31.71
CA LYS D 277 -42.65 22.77 -33.02
C LYS D 277 -43.60 21.64 -33.35
N GLN D 278 -44.83 21.98 -33.75
CA GLN D 278 -45.80 20.94 -34.08
C GLN D 278 -46.40 21.05 -35.47
N ILE D 279 -46.45 19.93 -36.18
CA ILE D 279 -46.88 19.94 -37.58
C ILE D 279 -48.14 19.08 -37.81
N HIS D 280 -49.23 19.70 -38.27
CA HIS D 280 -50.50 18.99 -38.44
C HIS D 280 -50.80 18.60 -39.91
N HIS D 281 -51.43 17.41 -40.09
CA HIS D 281 -52.06 16.86 -41.34
C HIS D 281 -50.94 16.36 -42.22
N THR D 288 -48.86 20.08 -43.42
CA THR D 288 -49.27 21.20 -44.22
C THR D 288 -49.09 22.48 -43.35
N THR D 289 -49.63 22.43 -42.14
CA THR D 289 -49.59 23.60 -41.22
C THR D 289 -48.74 23.38 -39.93
N GLU D 290 -47.82 24.30 -39.71
CA GLU D 290 -46.84 24.14 -38.65
C GLU D 290 -46.78 25.30 -37.64
N ARG D 291 -46.89 24.90 -36.37
CA ARG D 291 -47.22 25.72 -35.23
C ARG D 291 -46.05 25.80 -34.24
N SER D 292 -45.39 26.95 -34.21
CA SER D 292 -44.21 27.12 -33.36
C SER D 292 -44.38 27.98 -32.11
N SER D 293 -44.39 27.32 -30.98
CA SER D 293 -44.36 28.08 -29.75
C SER D 293 -43.06 27.87 -29.00
N ARG D 294 -42.62 28.90 -28.27
CA ARG D 294 -41.39 28.81 -27.53
C ARG D 294 -41.62 29.07 -26.04
N ILE D 295 -41.13 28.16 -25.21
CA ILE D 295 -41.35 28.24 -23.78
C ILE D 295 -40.16 28.94 -23.15
N ARG D 296 -40.39 30.09 -22.55
CA ARG D 296 -39.30 30.85 -21.93
C ARG D 296 -39.45 30.78 -20.43
N LEU D 297 -38.41 30.30 -19.74
CA LEU D 297 -38.47 30.04 -18.30
C LEU D 297 -37.29 30.64 -17.61
N VAL D 298 -37.56 31.65 -16.76
CA VAL D 298 -36.49 32.54 -16.27
C VAL D 298 -36.25 32.52 -14.77
N ASP D 299 -34.97 32.37 -14.42
CA ASP D 299 -34.45 32.49 -13.06
C ASP D 299 -33.54 33.74 -13.04
N LEU D 300 -34.19 34.83 -12.65
CA LEU D 300 -33.59 36.15 -12.62
C LEU D 300 -32.59 36.25 -11.51
N ALA D 301 -31.65 37.21 -11.64
CA ALA D 301 -30.72 37.60 -10.55
C ALA D 301 -31.53 38.19 -9.40
N GLY D 302 -31.11 37.93 -8.17
CA GLY D 302 -31.74 38.53 -7.01
C GLY D 302 -31.91 40.05 -7.08
N SER D 303 -32.93 40.55 -6.37
CA SER D 303 -33.39 41.92 -6.53
C SER D 303 -32.93 42.86 -5.47
N GLU D 304 -32.07 42.42 -4.55
CA GLU D 304 -31.72 43.22 -3.37
C GLU D 304 -31.32 44.68 -3.69
N SER D 320 -21.75 47.88 -20.54
CA SER D 320 -21.97 46.79 -19.58
C SER D 320 -21.68 47.26 -18.15
N ASN D 321 -22.66 47.03 -17.26
CA ASN D 321 -22.44 47.20 -15.82
C ASN D 321 -23.07 46.06 -15.09
N ILE D 322 -22.39 45.56 -14.07
CA ILE D 322 -22.88 44.39 -13.32
C ILE D 322 -24.38 44.47 -12.90
N ASN D 323 -24.97 45.66 -12.85
CA ASN D 323 -26.38 45.69 -12.47
C ASN D 323 -27.45 46.00 -13.54
N LYS D 324 -27.17 47.00 -14.38
CA LYS D 324 -28.02 47.47 -15.50
C LYS D 324 -29.26 46.65 -15.77
N SER D 325 -29.08 45.35 -16.01
CA SER D 325 -30.17 44.49 -16.41
C SER D 325 -31.30 44.38 -15.41
N LEU D 326 -30.99 43.89 -14.22
CA LEU D 326 -31.99 43.70 -13.17
C LEU D 326 -32.70 45.01 -12.75
N THR D 327 -31.92 46.09 -12.65
CA THR D 327 -32.48 47.38 -12.35
C THR D 327 -33.34 47.97 -13.49
N THR D 328 -32.88 47.90 -14.75
CA THR D 328 -33.71 48.48 -15.84
C THR D 328 -34.94 47.65 -16.12
N LEU D 329 -34.90 46.38 -15.71
CA LEU D 329 -36.07 45.54 -15.77
C LEU D 329 -37.15 46.19 -14.94
N GLY D 330 -36.88 46.47 -13.68
CA GLY D 330 -37.84 47.25 -12.88
C GLY D 330 -38.41 48.47 -13.60
N ARG D 331 -37.53 49.20 -14.29
CA ARG D 331 -37.93 50.39 -15.01
C ARG D 331 -38.92 50.04 -16.10
N VAL D 332 -38.74 48.87 -16.70
CA VAL D 332 -39.64 48.44 -17.76
C VAL D 332 -41.01 48.13 -17.18
N ILE D 333 -41.09 47.20 -16.24
CA ILE D 333 -42.37 46.90 -15.62
C ILE D 333 -43.09 48.20 -15.18
N ALA D 334 -42.34 49.15 -14.62
CA ALA D 334 -42.85 50.48 -14.26
C ALA D 334 -43.47 51.25 -15.43
N ALA D 335 -42.79 51.22 -16.58
CA ALA D 335 -43.24 51.84 -17.83
C ALA D 335 -44.55 51.22 -18.30
N LEU D 336 -44.59 49.89 -18.26
CA LEU D 336 -45.71 49.13 -18.77
C LEU D 336 -46.95 49.12 -17.90
N ALA D 337 -46.84 49.56 -16.66
CA ALA D 337 -48.05 49.62 -15.88
C ALA D 337 -48.49 51.08 -15.81
N ASP D 338 -47.91 51.81 -14.86
CA ASP D 338 -48.29 53.18 -14.53
C ASP D 338 -47.68 54.15 -15.52
N VAL D 364 -42.10 55.90 -23.46
CA VAL D 364 -41.21 54.95 -24.14
C VAL D 364 -40.68 53.89 -23.20
N VAL D 365 -41.00 52.64 -23.50
CA VAL D 365 -40.53 51.53 -22.67
C VAL D 365 -39.05 51.27 -22.97
N PRO D 366 -38.18 51.35 -21.92
CA PRO D 366 -36.74 51.42 -22.19
C PRO D 366 -36.13 50.04 -22.45
N TYR D 367 -36.74 49.24 -23.34
CA TYR D 367 -36.37 47.81 -23.48
C TYR D 367 -34.91 47.61 -23.73
N ARG D 368 -34.33 48.51 -24.53
CA ARG D 368 -32.94 48.39 -25.02
C ARG D 368 -31.85 49.01 -24.13
N ASP D 369 -32.25 49.59 -23.01
CA ASP D 369 -31.30 50.11 -22.05
C ASP D 369 -30.53 49.02 -21.29
N SER D 370 -30.85 47.77 -21.62
CA SER D 370 -30.19 46.63 -21.02
C SER D 370 -30.33 45.43 -21.92
N VAL D 371 -29.44 44.43 -21.74
CA VAL D 371 -29.45 43.22 -22.54
C VAL D 371 -30.61 42.36 -22.20
N LEU D 372 -30.82 42.16 -20.91
CA LEU D 372 -31.86 41.27 -20.48
C LEU D 372 -33.24 41.72 -20.95
N THR D 373 -33.50 43.00 -20.73
CA THR D 373 -34.80 43.55 -21.01
C THR D 373 -35.01 43.58 -22.50
N TRP D 374 -33.92 43.76 -23.25
CA TRP D 374 -34.01 43.72 -24.70
C TRP D 374 -34.31 42.31 -25.24
N LEU D 375 -33.80 41.30 -24.58
CA LEU D 375 -33.98 39.96 -25.08
C LEU D 375 -35.33 39.53 -24.69
N LEU D 376 -35.80 40.02 -23.56
CA LEU D 376 -37.12 39.63 -23.10
C LEU D 376 -38.22 40.54 -23.60
N LYS D 377 -37.81 41.56 -24.37
CA LYS D 377 -38.66 42.64 -24.89
C LYS D 377 -40.01 42.09 -25.19
N ASP D 378 -39.97 41.00 -25.93
CA ASP D 378 -41.14 40.39 -26.41
C ASP D 378 -41.95 39.69 -25.32
N SER D 379 -41.30 39.21 -24.27
CA SER D 379 -42.00 38.45 -23.25
C SER D 379 -42.66 39.42 -22.28
N LEU D 380 -42.15 40.64 -22.30
CA LEU D 380 -42.64 41.70 -21.42
C LEU D 380 -43.56 42.69 -22.15
N GLY D 381 -44.56 42.21 -22.88
CA GLY D 381 -45.47 43.13 -23.56
C GLY D 381 -45.58 42.88 -25.04
N GLY D 382 -44.95 41.82 -25.49
CA GLY D 382 -45.05 41.44 -26.86
C GLY D 382 -45.88 40.19 -26.93
N ASN D 383 -45.49 39.37 -27.88
CA ASN D 383 -46.23 38.22 -28.26
C ASN D 383 -45.98 37.07 -27.29
N SER D 384 -46.55 37.17 -26.10
CA SER D 384 -46.26 36.22 -25.03
C SER D 384 -47.41 36.18 -24.05
N LYS D 385 -47.78 35.02 -23.55
CA LYS D 385 -48.64 34.98 -22.39
C LYS D 385 -47.65 34.76 -21.29
N THR D 386 -47.62 35.67 -20.33
CA THR D 386 -46.45 35.85 -19.46
C THR D 386 -46.75 35.91 -17.98
N ALA D 387 -46.00 35.15 -17.20
CA ALA D 387 -46.21 35.10 -15.76
C ALA D 387 -44.98 35.56 -15.00
N MET D 388 -45.21 36.33 -13.94
CA MET D 388 -44.17 36.63 -12.97
C MET D 388 -44.46 35.87 -11.70
N ILE D 389 -43.43 35.25 -11.15
CA ILE D 389 -43.55 34.66 -9.81
C ILE D 389 -42.67 35.47 -8.91
N ALA D 390 -43.32 36.30 -8.10
CA ALA D 390 -42.64 36.96 -7.02
C ALA D 390 -42.35 35.97 -5.88
N CYS D 391 -41.06 35.74 -5.63
CA CYS D 391 -40.63 34.99 -4.46
C CYS D 391 -40.28 35.92 -3.31
N ILE D 392 -40.75 35.57 -2.12
CA ILE D 392 -40.49 36.43 -0.98
C ILE D 392 -39.98 35.70 0.25
N SER D 393 -39.05 36.32 0.96
CA SER D 393 -38.57 35.78 2.21
C SER D 393 -39.56 36.14 3.32
N PRO D 394 -39.85 35.18 4.23
CA PRO D 394 -40.85 35.40 5.28
C PRO D 394 -40.36 36.32 6.36
N THR D 395 -39.08 36.70 6.30
CA THR D 395 -38.45 37.51 7.36
C THR D 395 -38.01 38.90 6.93
N ASP D 396 -37.77 39.10 5.64
CA ASP D 396 -37.17 40.35 5.17
C ASP D 396 -38.20 41.40 4.76
N TYR D 397 -38.33 42.44 5.58
CA TYR D 397 -39.43 43.36 5.42
C TYR D 397 -39.38 44.22 4.17
N ASP D 398 -38.36 45.07 4.05
CA ASP D 398 -38.32 46.00 2.92
C ASP D 398 -38.12 45.22 1.63
N GLU D 399 -37.22 44.23 1.67
CA GLU D 399 -36.96 43.46 0.48
C GLU D 399 -38.21 42.78 -0.07
N THR D 400 -39.06 42.30 0.84
CA THR D 400 -40.30 41.72 0.42
C THR D 400 -41.27 42.81 -0.04
N LEU D 401 -41.33 43.91 0.69
CA LEU D 401 -42.20 44.99 0.26
C LEU D 401 -41.88 45.48 -1.14
N SER D 402 -40.60 45.47 -1.51
CA SER D 402 -40.22 45.88 -2.84
C SER D 402 -40.70 44.85 -3.82
N THR D 403 -40.36 43.57 -3.58
CA THR D 403 -40.82 42.51 -4.45
C THR D 403 -42.31 42.66 -4.65
N LEU D 404 -43.07 42.70 -3.57
CA LEU D 404 -44.52 42.88 -3.69
C LEU D 404 -44.96 44.06 -4.55
N ARG D 405 -44.38 45.23 -4.31
CA ARG D 405 -44.69 46.41 -5.10
C ARG D 405 -44.58 46.13 -6.59
N TYR D 406 -43.51 45.47 -7.01
CA TYR D 406 -43.34 45.20 -8.42
C TYR D 406 -44.42 44.30 -8.91
N ALA D 407 -44.58 43.16 -8.24
CA ALA D 407 -45.61 42.19 -8.57
C ALA D 407 -46.98 42.88 -8.69
N ASP D 408 -47.29 43.74 -7.72
CA ASP D 408 -48.54 44.46 -7.77
C ASP D 408 -48.63 45.29 -9.05
N GLN D 409 -47.52 45.99 -9.32
CA GLN D 409 -47.37 46.78 -10.51
C GLN D 409 -47.48 45.97 -11.80
N ALA D 410 -46.99 44.74 -11.77
CA ALA D 410 -46.91 43.93 -12.96
C ALA D 410 -48.26 43.31 -13.40
N LYS D 411 -49.20 43.27 -12.47
CA LYS D 411 -50.57 42.87 -12.78
C LYS D 411 -51.10 43.73 -13.93
N ARG D 412 -50.69 45.00 -13.93
CA ARG D 412 -51.18 45.98 -14.87
C ARG D 412 -50.63 45.80 -16.27
N ILE D 413 -49.48 45.18 -16.42
CA ILE D 413 -48.91 44.99 -17.75
C ILE D 413 -49.83 44.17 -18.64
N ARG D 414 -50.13 44.73 -19.82
CA ARG D 414 -50.93 44.02 -20.84
C ARG D 414 -50.08 43.22 -21.86
N THR D 415 -50.69 42.27 -22.60
CA THR D 415 -49.93 41.30 -23.44
C THR D 415 -50.43 40.95 -24.83
N ARG D 416 -49.67 41.41 -25.82
CA ARG D 416 -49.99 41.20 -27.22
C ARG D 416 -49.78 39.79 -27.79
N ALA D 417 -50.36 38.78 -27.17
CA ALA D 417 -50.06 37.41 -27.56
C ALA D 417 -50.93 36.91 -28.70
N VAL D 418 -50.43 35.97 -29.50
CA VAL D 418 -50.98 35.63 -30.80
C VAL D 418 -50.72 34.11 -31.03
N VAL D 419 -51.60 33.39 -31.73
CA VAL D 419 -51.23 32.00 -32.06
C VAL D 419 -50.16 31.98 -33.15
N ASN D 420 -49.05 31.32 -32.90
CA ASN D 420 -47.97 31.23 -33.88
C ASN D 420 -48.05 30.05 -34.83
N GLN D 421 -48.68 30.24 -35.98
CA GLN D 421 -48.73 29.21 -36.98
C GLN D 421 -48.27 29.81 -38.28
N VAL D 422 -47.67 28.97 -39.11
CA VAL D 422 -47.26 29.36 -40.46
C VAL D 422 -47.59 28.20 -41.36
N ASP D 423 -47.86 28.49 -42.62
CA ASP D 423 -48.07 27.44 -43.58
C ASP D 423 -46.76 26.95 -44.18
MG MG E . 21.57 -30.61 8.42
PB ADP F . 19.79 -31.51 11.18
O1B ADP F . 18.81 -30.85 10.21
O2B ADP F . 19.51 -32.92 11.70
O3B ADP F . 21.24 -31.24 10.82
PA ADP F . 20.41 -29.27 12.71
O1A ADP F . 21.82 -29.58 13.17
O2A ADP F . 20.22 -28.51 11.43
O3A ADP F . 19.61 -30.64 12.52
O5' ADP F . 19.66 -28.66 13.99
C5' ADP F . 18.33 -28.25 13.97
C4' ADP F . 18.21 -27.03 14.89
O4' ADP F . 18.33 -27.34 16.29
C3' ADP F . 19.25 -25.95 14.64
O3' ADP F . 18.67 -24.64 14.88
C2' ADP F . 20.28 -26.20 15.70
O2' ADP F . 21.01 -25.04 16.00
C1' ADP F . 19.41 -26.59 16.86
N9 ADP F . 20.18 -27.53 17.64
C8 ADP F . 20.78 -28.58 17.10
N7 ADP F . 21.43 -29.34 18.01
C5 ADP F . 21.21 -28.74 19.16
C6 ADP F . 21.64 -29.06 20.50
N6 ADP F . 22.39 -30.15 20.59
N1 ADP F . 21.27 -28.25 21.51
C2 ADP F . 20.52 -27.16 21.24
N3 ADP F . 20.08 -26.81 20.02
C4 ADP F . 20.40 -27.55 18.94
MG MG G . -25.05 10.12 -4.57
PB ADP H . -26.05 9.25 -1.51
O1B ADP H . -27.21 9.10 -2.48
O2B ADP H . -25.58 8.10 -0.63
O3B ADP H . -24.92 10.02 -2.14
PA ADP H . -26.77 11.75 -0.58
O1A ADP H . -25.43 12.38 -0.27
O2A ADP H . -27.32 11.88 -1.98
O3A ADP H . -26.66 10.16 -0.34
O5' ADP H . -27.79 12.25 0.54
C5' ADP H . -29.17 11.86 0.52
C4' ADP H . -30.04 12.96 1.14
O4' ADP H . -29.83 13.15 2.55
C3' ADP H . -29.69 14.29 0.52
O3' ADP H . -30.83 15.13 0.52
C2' ADP H . -28.73 14.92 1.49
O2' ADP H . -28.82 16.33 1.40
C1' ADP H . -29.25 14.44 2.83
N9 ADP H . -28.09 14.28 3.71
C8 ADP H . -27.02 13.54 3.36
N7 ADP H . -26.10 13.51 4.35
C5 ADP H . -26.59 14.27 5.33
C6 ADP H . -26.07 14.64 6.64
N6 ADP H . -24.87 14.17 7.04
N1 ADP H . -26.86 15.44 7.40
C2 ADP H . -28.04 15.89 6.95
N3 ADP H . -28.56 15.57 5.74
C4 ADP H . -27.89 14.77 4.91
MG MG I . 29.08 -10.75 12.34
PB ADP J . 27.82 -9.72 15.17
O1B ADP J . 29.13 -10.38 15.49
O2B ADP J . 27.54 -8.33 15.65
O3B ADP J . 27.38 -9.97 13.77
PA ADP J . 26.18 -11.91 15.62
O1A ADP J . 25.07 -11.54 14.71
O2A ADP J . 27.32 -12.72 15.10
O3A ADP J . 26.82 -10.54 16.12
O5' ADP J . 25.54 -12.51 16.94
C5' ADP J . 26.38 -12.94 17.97
C4' ADP J . 25.74 -14.16 18.59
O4' ADP J . 24.54 -13.81 19.30
C3' ADP J . 25.37 -15.21 17.55
O3' ADP J . 25.53 -16.56 18.03
C2' ADP J . 23.90 -14.97 17.34
O2' ADP J . 23.27 -16.13 16.83
C1' ADP J . 23.46 -14.56 18.76
N9 ADP J . 22.38 -13.61 18.63
C8 ADP J . 22.53 -12.53 17.88
N7 ADP J . 21.41 -11.78 17.87
C5 ADP J . 20.55 -12.43 18.65
C6 ADP J . 19.19 -12.13 19.04
N6 ADP J . 18.67 -10.98 18.54
N1 ADP J . 18.56 -13.01 19.89
C2 ADP J . 19.20 -14.14 20.33
N3 ADP J . 20.46 -14.46 19.97
C4 ADP J . 21.17 -13.65 19.16
MG MG K . -30.73 31.44 -7.01
PB ADP L . -32.77 32.19 -4.68
O1B ADP L . -31.35 32.40 -4.27
O2B ADP L . -33.76 33.33 -4.57
O3B ADP L . -32.84 31.43 -5.96
PA ADP L . -33.08 29.66 -3.60
O1A ADP L . -34.07 29.05 -4.54
O2A ADP L . -31.62 29.53 -3.87
O3A ADP L . -33.33 31.23 -3.53
O5' ADP L . -33.50 29.21 -2.15
C5' ADP L . -32.70 29.54 -1.02
C4' ADP L . -32.67 28.36 -0.03
O4' ADP L . -33.94 28.12 0.60
C3' ADP L . -32.31 27.04 -0.69
O3' ADP L . -31.62 26.22 0.24
C2' ADP L . -33.65 26.43 -0.96
O2' ADP L . -33.56 25.02 -1.11
C1' ADP L . -34.46 26.82 0.26
N9 ADP L . -35.83 26.99 -0.21
C8 ADP L . -36.14 27.74 -1.28
N7 ADP L . -37.47 27.73 -1.48
C5 ADP L . -38.02 26.96 -0.54
C6 ADP L . -39.40 26.54 -0.20
N6 ADP L . -40.39 27.00 -1.00
N1 ADP L . -39.62 25.73 0.87
C2 ADP L . -38.58 25.31 1.62
N3 ADP L . -37.28 25.65 1.37
C4 ADP L . -36.93 26.47 0.31
#